data_3USU
#
_entry.id   3USU
#
_cell.length_a   78.450
_cell.length_b   78.910
_cell.length_c   101.850
_cell.angle_alpha   74.30
_cell.angle_beta   76.65
_cell.angle_gamma   86.88
#
_symmetry.space_group_name_H-M   'P 1'
#
loop_
_entity.id
_entity.type
_entity.pdbx_description
1 polymer 'Lectin Alpha chain'
2 polymer 'Lectin Beta Chain'
3 branched beta-D-mannopyranose-(1-4)-2-acetamido-2-deoxy-beta-D-glucopyranose-(1-4)-[alpha-L-fucopyranose-(1-3)]2-acetamido-2-deoxy-beta-D-glucopyranose
4 branched alpha-D-mannopyranose-(1-3)-beta-D-mannopyranose-(1-4)-2-acetamido-2-deoxy-beta-D-glucopyranose-(1-4)-[alpha-L-fucopyranose-(1-3)]2-acetamido-2-deoxy-beta-D-glucopyranose
5 branched 2-acetamido-2-deoxy-beta-D-glucopyranose-(1-4)-2-acetamido-2-deoxy-beta-D-glucopyranose
6 branched alpha-L-fucopyranose-(1-3)-2-acetamido-2-deoxy-beta-D-glucopyranose
7 non-polymer 'CALCIUM ION'
8 non-polymer 'MANGANESE (II) ION'
9 non-polymer 'GAMMA-AMINO-BUTANOIC ACID'
10 non-polymer GLYCEROL
11 non-polymer beta-D-xylopyranose
12 non-polymer 2-acetamido-2-deoxy-beta-D-glucopyranose
13 water water
#
loop_
_entity_poly.entity_id
_entity_poly.type
_entity_poly.pdbx_seq_one_letter_code
_entity_poly.pdbx_strand_id
1 'polypeptide(L)'
;TTNTDSFTFSKFKPNQPNLKKQGDATVTSSGTLQLTKVDKNGVPDPKSLGRALYASPINIWDSKTGVVASFATSFRFTIY
APNIATIADGLAFFLAPVSSPPKAGAGFLGLFDSAVFNSSYQTVAVEFDTYENTVFLDPPDTHIGIDVNSIKSIKTVKWD
LANGEAAKVLITYDSSAKLLVAALVYPSSKTSFILSDVVDLKSVLPEWVSIGFSAATGASSGYIETHDVFSWSFASKLSF
(UNK)(UNK)(UNK)(UNK)(UNK)(UNK)LDLASFLVAN
;
A,C,E,G
2 'polypeptide(L)'
;TTNTDSFTFSKFKPNQPNLKKQGDATVTSSGTLQLTKVDKNGVPDPKSLGRALYASPINIWDSKTGVVASFATSFRFTIY
APNIATIADGLAFFLAPVSSPPKAGAGFLGLFDSAVFNSSYQTVAVEFDTYENTVFLDPPDTHIGIDVNSIKSIKTVKWD
LANGEAAKVLITYDSSAKLLVAALVYPSSKTSFILSDVVDLKSVLPEWVSIGFSAATGASSGYIETHDVFSWSFASKLSF
AA
;
B,D,F,H
#
loop_
_chem_comp.id
_chem_comp.type
_chem_comp.name
_chem_comp.formula
ABU non-polymer 'GAMMA-AMINO-BUTANOIC ACID' 'C4 H9 N O2'
BMA D-saccharide, beta linking beta-D-mannopyranose 'C6 H12 O6'
CA non-polymer 'CALCIUM ION' 'Ca 2'
FUC L-saccharide, alpha linking alpha-L-fucopyranose 'C6 H12 O5'
GOL non-polymer GLYCEROL 'C3 H8 O3'
MAN D-saccharide, alpha linking alpha-D-mannopyranose 'C6 H12 O6'
MN non-polymer 'MANGANESE (II) ION' 'Mn 2'
NAG D-saccharide, beta linking 2-acetamido-2-deoxy-beta-D-glucopyranose 'C8 H15 N O6'
XYP D-saccharide, beta linking beta-D-xylopyranose 'C5 H10 O5'
#
# COMPACT_ATOMS: atom_id res chain seq x y z
N THR A 1 -15.17 18.98 7.27
CA THR A 1 -15.63 20.12 6.40
C THR A 1 -16.30 19.52 5.19
N THR A 2 -17.60 19.34 5.28
CA THR A 2 -18.25 18.50 4.29
C THR A 2 -19.21 19.25 3.37
N ASN A 3 -18.87 19.23 2.09
CA ASN A 3 -19.77 19.67 1.05
C ASN A 3 -20.67 18.55 0.60
N THR A 4 -21.82 18.96 0.12
CA THR A 4 -22.88 18.08 -0.20
C THR A 4 -23.53 18.75 -1.34
N ASP A 5 -23.91 17.98 -2.36
CA ASP A 5 -24.72 18.52 -3.42
C ASP A 5 -25.62 17.36 -3.79
N SER A 6 -26.89 17.64 -4.04
CA SER A 6 -27.90 16.59 -3.97
C SER A 6 -29.25 17.04 -4.56
N PHE A 7 -30.05 16.11 -5.05
CA PHE A 7 -31.31 16.49 -5.67
C PHE A 7 -32.17 15.30 -6.06
N THR A 8 -33.44 15.61 -6.29
CA THR A 8 -34.37 14.65 -6.74
C THR A 8 -35.20 15.26 -7.85
N PHE A 9 -35.13 14.60 -9.00
CA PHE A 9 -36.09 14.80 -10.09
C PHE A 9 -37.09 13.63 -10.00
N SER A 10 -38.25 13.79 -9.42
CA SER A 10 -39.14 12.66 -9.38
C SER A 10 -40.06 12.69 -10.61
N LYS A 11 -40.05 13.83 -11.27
CA LYS A 11 -40.87 14.06 -12.42
C LYS A 11 -40.03 14.98 -13.24
N PHE A 12 -40.16 14.93 -14.56
CA PHE A 12 -39.38 15.82 -15.38
C PHE A 12 -40.29 16.86 -15.98
N LYS A 13 -39.69 17.99 -16.36
CA LYS A 13 -40.43 19.06 -17.03
C LYS A 13 -39.77 19.50 -18.31
N PRO A 14 -40.54 19.83 -19.29
CA PRO A 14 -39.99 20.34 -20.53
C PRO A 14 -39.15 21.58 -20.34
N ASN A 15 -38.04 21.54 -21.01
CA ASN A 15 -37.05 22.57 -20.91
C ASN A 15 -36.28 22.73 -19.56
N GLN A 16 -36.69 22.08 -18.49
CA GLN A 16 -36.01 22.04 -17.20
C GLN A 16 -34.64 22.69 -17.12
N PRO A 17 -34.56 23.91 -16.66
CA PRO A 17 -33.24 24.60 -16.78
C PRO A 17 -32.12 24.11 -15.85
N ASN A 18 -32.41 23.16 -14.96
CA ASN A 18 -31.35 22.53 -14.18
C ASN A 18 -30.74 21.26 -14.81
N LEU A 19 -31.20 20.85 -15.99
CA LEU A 19 -30.44 19.86 -16.74
C LEU A 19 -29.93 20.29 -18.12
N LYS A 20 -28.90 19.64 -18.61
CA LYS A 20 -28.39 20.03 -19.91
C LYS A 20 -28.67 18.88 -20.86
N LYS A 21 -29.72 19.07 -21.66
CA LYS A 21 -30.12 18.24 -22.76
C LYS A 21 -29.10 18.38 -23.90
N GLN A 22 -28.57 17.25 -24.38
CA GLN A 22 -27.64 17.20 -25.50
C GLN A 22 -28.09 16.14 -26.51
N GLY A 23 -27.72 16.31 -27.79
CA GLY A 23 -28.15 15.42 -28.83
C GLY A 23 -29.67 15.48 -28.90
N ASP A 24 -30.32 14.32 -28.96
CA ASP A 24 -31.75 14.25 -29.23
C ASP A 24 -32.56 14.24 -27.93
N ALA A 25 -31.86 14.27 -26.79
CA ALA A 25 -32.48 14.13 -25.49
C ALA A 25 -33.55 15.21 -25.25
N THR A 26 -34.77 14.78 -24.95
CA THR A 26 -35.88 15.67 -24.50
C THR A 26 -36.81 15.08 -23.45
N VAL A 27 -37.59 15.97 -22.86
CA VAL A 27 -38.58 15.60 -21.89
C VAL A 27 -39.93 15.88 -22.50
N THR A 28 -40.71 14.82 -22.71
CA THR A 28 -42.07 14.93 -23.18
C THR A 28 -42.98 15.72 -22.20
N SER A 29 -44.18 16.06 -22.67
CA SER A 29 -45.21 16.72 -21.89
C SER A 29 -45.71 15.96 -20.67
N SER A 30 -45.68 14.63 -20.70
CA SER A 30 -46.11 13.87 -19.55
C SER A 30 -44.92 13.49 -18.65
N GLY A 31 -43.74 14.05 -18.92
CA GLY A 31 -42.65 14.04 -17.94
C GLY A 31 -41.49 13.08 -18.14
N THR A 32 -41.50 12.38 -19.26
CA THR A 32 -40.53 11.32 -19.48
C THR A 32 -39.28 11.89 -20.12
N LEU A 33 -38.13 11.60 -19.56
CA LEU A 33 -36.91 12.01 -20.17
C LEU A 33 -36.64 10.99 -21.29
N GLN A 34 -36.76 11.42 -22.54
CA GLN A 34 -36.41 10.56 -23.67
C GLN A 34 -35.00 10.88 -24.04
N LEU A 35 -34.08 10.01 -23.68
CA LEU A 35 -32.70 10.32 -23.90
C LEU A 35 -32.44 10.29 -25.39
N THR A 36 -33.10 9.34 -26.01
CA THR A 36 -32.89 8.95 -27.39
C THR A 36 -34.28 9.02 -28.10
N LYS A 37 -34.28 9.22 -29.40
CA LYS A 37 -35.41 9.81 -30.08
C LYS A 37 -36.60 8.88 -30.23
N VAL A 38 -37.79 9.40 -29.96
CA VAL A 38 -39.00 8.55 -30.06
C VAL A 38 -40.07 9.25 -30.83
N ASP A 39 -40.54 8.68 -31.93
CA ASP A 39 -41.71 9.25 -32.63
C ASP A 39 -42.94 9.37 -31.71
N LYS A 40 -43.87 10.30 -31.98
CA LYS A 40 -45.10 10.43 -31.19
C LYS A 40 -45.93 9.14 -31.23
N ASN A 41 -45.87 8.49 -32.36
CA ASN A 41 -46.15 7.10 -32.54
C ASN A 41 -45.89 6.24 -31.32
N GLY A 42 -44.90 6.65 -30.54
CA GLY A 42 -44.17 5.80 -29.61
C GLY A 42 -43.10 4.88 -30.23
N VAL A 43 -42.78 5.02 -31.52
CA VAL A 43 -41.72 4.18 -32.17
C VAL A 43 -40.30 4.77 -31.95
N PRO A 44 -39.38 4.03 -31.29
CA PRO A 44 -38.00 4.56 -31.15
C PRO A 44 -37.23 4.61 -32.47
N ASP A 45 -36.42 5.63 -32.68
CA ASP A 45 -35.63 5.78 -33.93
C ASP A 45 -34.18 5.30 -33.89
N PRO A 46 -33.58 4.94 -35.04
CA PRO A 46 -32.16 4.54 -35.06
C PRO A 46 -31.24 5.76 -35.15
N LYS A 47 -29.92 5.53 -34.98
CA LYS A 47 -28.84 6.56 -35.02
C LYS A 47 -29.22 7.81 -34.20
N SER A 48 -29.93 7.59 -33.11
CA SER A 48 -30.17 8.64 -32.16
C SER A 48 -29.13 8.51 -31.04
N LEU A 49 -29.11 9.51 -30.22
CA LEU A 49 -28.06 9.76 -29.34
C LEU A 49 -28.36 11.01 -28.62
N GLY A 50 -28.39 10.93 -27.32
CA GLY A 50 -28.80 12.03 -26.46
C GLY A 50 -28.18 11.85 -25.10
N ARG A 51 -27.95 12.96 -24.42
CA ARG A 51 -27.49 12.94 -23.03
C ARG A 51 -28.31 13.94 -22.21
N ALA A 52 -28.42 13.64 -20.92
CA ALA A 52 -28.95 14.58 -19.95
C ALA A 52 -27.96 14.66 -18.78
N LEU A 53 -27.53 15.87 -18.45
CA LEU A 53 -26.64 16.13 -17.31
C LEU A 53 -27.28 17.12 -16.36
N TYR A 54 -26.95 16.99 -15.09
CA TYR A 54 -27.36 17.97 -14.09
C TYR A 54 -26.51 19.23 -14.41
N ALA A 55 -27.14 20.41 -14.47
CA ALA A 55 -26.48 21.61 -15.02
C ALA A 55 -25.41 22.23 -14.10
N SER A 56 -25.15 21.59 -12.98
CA SER A 56 -24.25 22.07 -11.97
C SER A 56 -23.11 21.06 -11.91
N PRO A 57 -21.89 21.47 -12.24
CA PRO A 57 -20.80 20.50 -12.03
C PRO A 57 -20.81 20.00 -10.57
N ILE A 58 -20.31 18.77 -10.35
CA ILE A 58 -20.08 18.16 -9.03
C ILE A 58 -18.57 18.07 -8.72
N ASN A 59 -18.23 18.35 -7.45
CA ASN A 59 -16.85 18.33 -6.94
C ASN A 59 -16.61 16.91 -6.45
N ILE A 60 -15.93 16.13 -7.27
CA ILE A 60 -15.79 14.73 -7.00
C ILE A 60 -14.54 14.32 -6.18
N TRP A 61 -13.45 15.04 -6.37
CA TRP A 61 -12.36 15.00 -5.41
C TRP A 61 -11.68 16.32 -5.31
N ASP A 62 -10.96 16.52 -4.21
CA ASP A 62 -10.29 17.77 -3.93
C ASP A 62 -8.79 17.53 -3.93
N SER A 63 -8.06 18.19 -4.84
CA SER A 63 -6.62 17.88 -4.99
C SER A 63 -5.80 18.26 -3.77
N LYS A 64 -6.07 19.44 -3.22
CA LYS A 64 -5.40 19.90 -2.02
C LYS A 64 -5.37 18.83 -0.89
N THR A 65 -6.53 18.30 -0.48
CA THR A 65 -6.61 17.32 0.62
C THR A 65 -6.43 15.86 0.21
N GLY A 66 -6.55 15.55 -1.08
CA GLY A 66 -6.69 14.15 -1.53
C GLY A 66 -8.07 13.52 -1.31
N VAL A 67 -8.98 14.29 -0.71
CA VAL A 67 -10.26 13.74 -0.30
C VAL A 67 -11.21 13.47 -1.48
N VAL A 68 -11.98 12.38 -1.40
CA VAL A 68 -12.81 11.97 -2.55
C VAL A 68 -14.28 11.83 -2.18
N ALA A 69 -15.16 12.33 -3.06
CA ALA A 69 -16.61 12.24 -2.84
C ALA A 69 -17.09 10.78 -2.71
N SER A 70 -18.03 10.56 -1.78
CA SER A 70 -18.95 9.44 -1.93
C SER A 70 -20.24 9.95 -2.61
N PHE A 71 -21.00 9.04 -3.22
CA PHE A 71 -22.17 9.41 -3.94
C PHE A 71 -23.12 8.26 -4.14
N ALA A 72 -24.35 8.61 -4.39
CA ALA A 72 -25.36 7.67 -4.66
C ALA A 72 -26.32 8.32 -5.67
N THR A 73 -26.90 7.47 -6.52
CA THR A 73 -27.91 7.90 -7.46
C THR A 73 -28.84 6.74 -7.64
N SER A 74 -30.09 7.04 -7.95
CA SER A 74 -31.03 6.03 -8.33
C SER A 74 -31.93 6.61 -9.39
N PHE A 75 -32.50 5.73 -10.20
CA PHE A 75 -33.47 6.19 -11.17
C PHE A 75 -34.34 5.01 -11.54
N ARG A 76 -35.36 5.30 -12.34
CA ARG A 76 -36.34 4.40 -12.90
C ARG A 76 -36.29 4.68 -14.45
N PHE A 77 -36.05 3.61 -15.22
CA PHE A 77 -36.01 3.68 -16.68
C PHE A 77 -36.64 2.49 -17.43
N THR A 78 -37.11 2.76 -18.65
CA THR A 78 -37.68 1.71 -19.50
C THR A 78 -36.93 1.71 -20.82
N ILE A 79 -36.56 0.52 -21.24
CA ILE A 79 -36.26 0.32 -22.63
C ILE A 79 -37.33 -0.61 -23.18
N TYR A 80 -37.92 -0.14 -24.25
CA TYR A 80 -38.96 -0.84 -24.93
C TYR A 80 -38.36 -1.02 -26.32
N ALA A 81 -38.41 -2.24 -26.86
CA ALA A 81 -37.93 -2.55 -28.21
C ALA A 81 -39.09 -3.10 -29.01
N PRO A 82 -39.38 -2.52 -30.20
CA PRO A 82 -40.42 -3.12 -31.08
C PRO A 82 -40.08 -4.55 -31.44
N ASN A 83 -38.79 -4.84 -31.49
CA ASN A 83 -38.33 -6.13 -31.95
C ASN A 83 -37.12 -6.54 -31.13
N ILE A 84 -37.40 -7.34 -30.12
CA ILE A 84 -36.42 -7.74 -29.09
C ILE A 84 -35.27 -8.51 -29.72
N ALA A 85 -35.43 -9.01 -30.93
CA ALA A 85 -34.33 -9.71 -31.59
C ALA A 85 -33.28 -8.69 -32.16
N THR A 86 -33.69 -7.44 -32.34
CA THR A 86 -32.81 -6.44 -32.98
C THR A 86 -32.72 -5.19 -32.17
N ILE A 87 -31.96 -5.23 -31.09
CA ILE A 87 -31.97 -4.19 -30.09
C ILE A 87 -30.58 -3.57 -29.97
N ALA A 88 -30.51 -2.25 -30.02
CA ALA A 88 -29.26 -1.52 -29.94
C ALA A 88 -29.50 -0.20 -29.24
N ASP A 89 -28.54 0.50 -28.70
CA ASP A 89 -27.31 0.00 -28.22
C ASP A 89 -27.24 0.01 -26.69
N GLY A 90 -27.93 0.93 -26.04
CA GLY A 90 -27.95 1.01 -24.56
C GLY A 90 -28.14 2.39 -23.96
N LEU A 91 -27.92 2.47 -22.64
CA LEU A 91 -27.86 3.73 -21.90
C LEU A 91 -26.77 3.60 -20.80
N ALA A 92 -26.50 4.69 -20.10
CA ALA A 92 -25.36 4.70 -19.19
C ALA A 92 -25.55 5.85 -18.28
N PHE A 93 -25.07 5.69 -17.05
CA PHE A 93 -25.02 6.78 -16.10
C PHE A 93 -23.55 7.10 -15.98
N PHE A 94 -23.17 8.37 -16.09
CA PHE A 94 -21.73 8.68 -16.15
C PHE A 94 -21.26 9.92 -15.38
N LEU A 95 -19.93 10.00 -15.22
CA LEU A 95 -19.18 11.15 -14.75
C LEU A 95 -18.08 11.49 -15.79
N ALA A 96 -17.88 12.75 -16.07
CA ALA A 96 -16.96 13.20 -17.06
C ALA A 96 -16.64 14.62 -16.83
N PRO A 97 -15.61 15.13 -17.49
CA PRO A 97 -15.31 16.54 -17.50
C PRO A 97 -16.51 17.39 -17.85
N VAL A 98 -16.70 18.45 -17.09
CA VAL A 98 -17.64 19.51 -17.29
C VAL A 98 -17.65 20.10 -18.69
N SER A 99 -18.83 20.39 -19.20
CA SER A 99 -19.95 19.54 -19.32
C SER A 99 -19.61 18.91 -20.65
N SER A 100 -19.28 17.63 -20.61
CA SER A 100 -18.53 16.98 -21.67
C SER A 100 -19.39 16.99 -22.89
N PRO A 101 -18.80 16.88 -24.05
CA PRO A 101 -19.60 16.93 -25.25
C PRO A 101 -19.92 15.52 -25.61
N PRO A 102 -21.03 15.24 -26.26
CA PRO A 102 -21.29 13.82 -26.53
C PRO A 102 -20.28 13.26 -27.51
N LYS A 103 -19.92 11.98 -27.37
CA LYS A 103 -18.94 11.40 -28.30
C LYS A 103 -19.72 10.29 -29.02
N ALA A 104 -19.04 9.45 -29.80
CA ALA A 104 -19.65 8.70 -30.90
C ALA A 104 -20.94 7.98 -30.52
N GLY A 105 -21.82 7.81 -31.49
CA GLY A 105 -23.09 7.17 -31.24
C GLY A 105 -22.97 5.66 -31.24
N ALA A 106 -24.08 4.99 -31.58
CA ALA A 106 -24.08 3.52 -31.64
C ALA A 106 -23.62 2.82 -30.32
N GLY A 107 -22.97 1.66 -30.42
CA GLY A 107 -22.27 1.03 -29.27
C GLY A 107 -21.24 1.82 -28.44
N PHE A 108 -20.81 2.99 -28.92
CA PHE A 108 -19.97 3.90 -28.13
C PHE A 108 -20.77 4.57 -27.06
N LEU A 109 -22.10 4.57 -27.24
CA LEU A 109 -23.05 4.95 -26.21
C LEU A 109 -23.01 6.45 -25.87
N GLY A 110 -22.51 7.24 -26.83
CA GLY A 110 -22.35 8.68 -26.64
C GLY A 110 -21.23 9.04 -25.68
N LEU A 111 -20.41 8.05 -25.35
CA LEU A 111 -19.41 8.18 -24.27
C LEU A 111 -17.97 8.03 -24.77
N PHE A 112 -17.80 7.29 -25.87
CA PHE A 112 -16.46 6.95 -26.38
C PHE A 112 -16.34 7.17 -27.90
N ASP A 113 -15.11 7.13 -28.41
CA ASP A 113 -14.83 7.36 -29.83
C ASP A 113 -14.28 6.15 -30.59
N SER A 114 -13.76 5.16 -29.85
CA SER A 114 -13.30 3.91 -30.47
C SER A 114 -13.23 2.78 -29.43
N ALA A 115 -12.62 1.65 -29.80
CA ALA A 115 -12.59 0.49 -28.91
C ALA A 115 -11.39 0.54 -27.93
N VAL A 116 -10.49 1.48 -28.17
CA VAL A 116 -9.29 1.58 -27.37
C VAL A 116 -9.56 2.37 -26.08
N PHE A 117 -8.75 2.05 -25.07
CA PHE A 117 -8.65 2.78 -23.82
C PHE A 117 -7.94 4.10 -24.05
N ASN A 118 -8.39 5.11 -23.32
CA ASN A 118 -7.75 6.42 -23.42
C ASN A 118 -8.06 7.19 -22.16
N SER A 119 -7.02 7.49 -21.37
CA SER A 119 -7.10 8.38 -20.18
C SER A 119 -7.72 9.75 -20.43
N SER A 120 -7.55 10.32 -21.63
CA SER A 120 -8.17 11.61 -21.88
C SER A 120 -9.69 11.58 -21.86
N TYR A 121 -10.29 10.39 -21.91
CA TYR A 121 -11.74 10.35 -21.81
C TYR A 121 -12.10 10.91 -20.46
N GLN A 122 -11.25 10.61 -19.49
CA GLN A 122 -11.53 10.90 -18.10
C GLN A 122 -13.00 10.56 -17.70
N THR A 123 -13.51 9.41 -18.13
CA THR A 123 -14.95 9.12 -18.01
C THR A 123 -15.14 7.84 -17.24
N VAL A 124 -16.10 7.81 -16.34
CA VAL A 124 -16.40 6.53 -15.74
C VAL A 124 -17.90 6.33 -15.79
N ALA A 125 -18.32 5.14 -16.20
CA ALA A 125 -19.72 4.87 -16.42
C ALA A 125 -20.15 3.51 -15.93
N VAL A 126 -21.44 3.37 -15.62
CA VAL A 126 -22.01 2.05 -15.62
C VAL A 126 -22.92 1.91 -16.84
N GLU A 127 -22.55 1.00 -17.75
CA GLU A 127 -23.34 0.84 -18.94
C GLU A 127 -24.35 -0.24 -18.70
N PHE A 128 -25.46 -0.10 -19.42
CA PHE A 128 -26.54 -1.04 -19.48
C PHE A 128 -26.68 -1.30 -20.96
N ASP A 129 -25.96 -2.34 -21.42
CA ASP A 129 -25.64 -2.55 -22.82
C ASP A 129 -26.35 -3.68 -23.52
N THR A 130 -26.91 -3.32 -24.65
CA THR A 130 -28.03 -4.04 -25.22
C THR A 130 -27.75 -4.71 -26.59
N TYR A 131 -26.49 -4.59 -27.05
CA TYR A 131 -26.08 -5.09 -28.36
C TYR A 131 -24.62 -5.47 -28.25
N GLU A 132 -24.28 -6.68 -28.72
CA GLU A 132 -22.93 -7.19 -28.61
C GLU A 132 -21.96 -6.68 -29.72
N ASN A 133 -21.19 -5.65 -29.37
CA ASN A 133 -19.99 -5.27 -30.11
C ASN A 133 -18.78 -6.15 -29.72
N THR A 134 -18.34 -6.94 -30.69
CA THR A 134 -17.33 -7.93 -30.41
C THR A 134 -15.99 -7.30 -30.48
N VAL A 135 -15.91 -6.23 -31.28
CA VAL A 135 -14.78 -5.32 -31.26
C VAL A 135 -14.70 -4.52 -29.94
N PHE A 136 -15.75 -4.53 -29.12
CA PHE A 136 -15.63 -3.98 -27.76
C PHE A 136 -15.57 -5.07 -26.70
N LEU A 137 -15.36 -6.33 -27.09
CA LEU A 137 -15.22 -7.44 -26.13
C LEU A 137 -16.53 -7.68 -25.34
N ASP A 138 -17.64 -7.28 -25.94
CA ASP A 138 -18.94 -7.47 -25.42
C ASP A 138 -19.27 -8.93 -25.32
N PRO A 139 -19.94 -9.30 -24.22
CA PRO A 139 -20.44 -10.63 -24.06
C PRO A 139 -21.73 -10.78 -24.89
N PRO A 140 -22.04 -12.03 -25.29
CA PRO A 140 -23.20 -12.21 -26.19
C PRO A 140 -24.51 -11.71 -25.62
N ASP A 141 -24.65 -11.80 -24.30
CA ASP A 141 -25.88 -11.43 -23.63
C ASP A 141 -25.88 -9.96 -23.27
N THR A 142 -27.09 -9.38 -23.18
CA THR A 142 -27.39 -8.09 -22.54
C THR A 142 -26.73 -8.09 -21.19
N HIS A 143 -26.14 -6.97 -20.79
CA HIS A 143 -25.25 -6.97 -19.61
C HIS A 143 -25.13 -5.59 -19.04
N ILE A 144 -24.76 -5.53 -17.77
CA ILE A 144 -24.47 -4.26 -17.11
C ILE A 144 -22.95 -4.25 -17.06
N GLY A 145 -22.34 -3.13 -17.43
CA GLY A 145 -20.89 -2.98 -17.44
C GLY A 145 -20.46 -1.88 -16.48
N ILE A 146 -19.26 -1.98 -15.90
CA ILE A 146 -18.55 -0.82 -15.35
C ILE A 146 -17.54 -0.47 -16.42
N ASP A 147 -17.40 0.81 -16.76
CA ASP A 147 -16.43 1.28 -17.79
C ASP A 147 -15.58 2.42 -17.27
N VAL A 148 -14.26 2.34 -17.43
CA VAL A 148 -13.39 3.44 -17.07
C VAL A 148 -12.38 3.78 -18.22
N ASN A 149 -12.53 4.97 -18.79
CA ASN A 149 -11.68 5.35 -19.92
C ASN A 149 -11.65 4.38 -21.13
N SER A 150 -12.75 3.64 -21.33
CA SER A 150 -12.91 2.63 -22.38
C SER A 150 -14.37 2.08 -22.54
N ILE A 151 -14.70 1.63 -23.76
CA ILE A 151 -15.99 0.96 -23.97
C ILE A 151 -15.95 -0.55 -23.59
N LYS A 152 -14.71 -1.07 -23.53
CA LYS A 152 -14.45 -2.41 -23.12
C LYS A 152 -14.51 -2.31 -21.63
N SER A 153 -15.71 -2.61 -21.12
CA SER A 153 -15.96 -2.75 -19.70
C SER A 153 -14.87 -3.55 -19.02
N ILE A 154 -14.51 -3.15 -17.81
CA ILE A 154 -13.48 -3.84 -17.04
C ILE A 154 -14.12 -5.00 -16.24
N LYS A 155 -15.45 -4.97 -16.16
CA LYS A 155 -16.24 -5.96 -15.47
C LYS A 155 -17.66 -5.84 -15.97
N THR A 156 -18.22 -6.98 -16.33
CA THR A 156 -19.61 -7.02 -16.71
C THR A 156 -20.37 -8.09 -15.90
N VAL A 157 -21.69 -8.06 -15.98
CA VAL A 157 -22.53 -9.16 -15.49
C VAL A 157 -23.85 -9.19 -16.24
N LYS A 158 -24.54 -10.31 -16.11
CA LYS A 158 -25.77 -10.53 -16.88
C LYS A 158 -26.86 -9.58 -16.39
N TRP A 159 -27.58 -9.04 -17.37
CA TRP A 159 -28.83 -8.31 -17.16
C TRP A 159 -29.84 -8.85 -18.17
N ASP A 160 -30.96 -9.41 -17.69
CA ASP A 160 -32.02 -9.83 -18.61
C ASP A 160 -33.02 -8.69 -18.81
N LEU A 161 -32.87 -7.92 -19.90
CA LEU A 161 -33.86 -6.87 -20.21
C LEU A 161 -35.27 -7.43 -20.05
N ALA A 162 -36.12 -6.76 -19.26
CA ALA A 162 -37.53 -7.06 -19.33
C ALA A 162 -38.12 -5.98 -20.28
N ASN A 163 -38.40 -6.37 -21.53
CA ASN A 163 -38.88 -5.47 -22.60
C ASN A 163 -40.05 -4.65 -22.09
N GLY A 164 -39.94 -3.32 -22.06
CA GLY A 164 -41.12 -2.47 -21.76
C GLY A 164 -41.45 -2.29 -20.28
N GLU A 165 -40.55 -2.80 -19.45
CA GLU A 165 -40.73 -2.82 -18.03
C GLU A 165 -39.77 -1.85 -17.42
N ALA A 166 -40.25 -1.12 -16.41
CA ALA A 166 -39.41 -0.17 -15.64
C ALA A 166 -38.46 -0.88 -14.71
N ALA A 167 -37.18 -0.62 -14.90
CA ALA A 167 -36.10 -1.07 -14.01
C ALA A 167 -35.72 0.05 -13.04
N LYS A 168 -35.43 -0.31 -11.80
CA LYS A 168 -35.01 0.65 -10.77
C LYS A 168 -33.51 0.44 -10.53
N VAL A 169 -32.69 1.45 -10.80
CA VAL A 169 -31.25 1.34 -10.55
C VAL A 169 -30.84 2.11 -9.30
N LEU A 170 -29.96 1.47 -8.53
CA LEU A 170 -29.17 2.12 -7.52
C LEU A 170 -27.70 1.97 -7.93
N ILE A 171 -27.01 3.09 -8.23
CA ILE A 171 -25.55 3.08 -8.45
C ILE A 171 -24.87 3.79 -7.27
N THR A 172 -23.70 3.31 -6.86
CA THR A 172 -23.20 3.68 -5.57
C THR A 172 -21.67 3.68 -5.53
N TYR A 173 -21.10 4.71 -4.92
CA TYR A 173 -19.65 4.84 -4.81
C TYR A 173 -19.25 5.20 -3.41
N ASP A 174 -18.70 4.20 -2.74
CA ASP A 174 -18.16 4.37 -1.40
C ASP A 174 -16.71 4.75 -1.58
N SER A 175 -16.37 5.96 -1.19
CA SER A 175 -15.03 6.52 -1.32
C SER A 175 -13.92 5.82 -0.51
N SER A 176 -14.24 5.34 0.66
CA SER A 176 -13.18 4.74 1.47
C SER A 176 -12.79 3.36 0.95
N ALA A 177 -13.72 2.67 0.27
CA ALA A 177 -13.43 1.38 -0.34
C ALA A 177 -13.11 1.54 -1.81
N LYS A 178 -13.20 2.77 -2.30
CA LYS A 178 -13.16 3.03 -3.72
C LYS A 178 -14.05 1.98 -4.35
N LEU A 179 -15.28 1.84 -3.89
CA LEU A 179 -16.12 0.77 -4.43
C LEU A 179 -17.29 1.28 -5.29
N LEU A 180 -17.38 0.84 -6.53
CA LEU A 180 -18.57 1.14 -7.39
C LEU A 180 -19.45 -0.09 -7.44
N VAL A 181 -20.73 0.12 -7.19
CA VAL A 181 -21.70 -0.95 -7.25
C VAL A 181 -22.89 -0.41 -8.03
N ALA A 182 -23.42 -1.21 -8.95
CA ALA A 182 -24.70 -0.96 -9.67
C ALA A 182 -25.62 -2.11 -9.40
N ALA A 183 -26.79 -1.83 -8.82
CA ALA A 183 -27.88 -2.82 -8.69
C ALA A 183 -29.06 -2.48 -9.62
N LEU A 184 -29.65 -3.49 -10.26
CA LEU A 184 -30.86 -3.28 -11.05
C LEU A 184 -31.99 -4.23 -10.58
N VAL A 185 -33.18 -3.67 -10.34
CA VAL A 185 -34.35 -4.48 -10.06
C VAL A 185 -35.53 -4.19 -11.00
N TYR A 186 -36.16 -5.23 -11.54
CA TYR A 186 -37.53 -5.10 -12.08
C TYR A 186 -38.51 -5.54 -11.01
N PRO A 187 -39.18 -4.60 -10.36
CA PRO A 187 -40.26 -4.95 -9.44
C PRO A 187 -41.37 -5.78 -10.06
N SER A 188 -41.62 -5.59 -11.35
CA SER A 188 -42.66 -6.38 -12.02
C SER A 188 -42.21 -7.83 -12.14
N SER A 189 -40.96 -8.07 -12.51
CA SER A 189 -40.49 -9.44 -12.73
C SER A 189 -39.96 -10.14 -11.46
N LYS A 190 -39.62 -9.34 -10.44
CA LYS A 190 -38.95 -9.79 -9.19
C LYS A 190 -37.54 -10.25 -9.42
N THR A 191 -36.94 -9.76 -10.50
CA THR A 191 -35.60 -10.15 -10.89
C THR A 191 -34.65 -9.03 -10.55
N SER A 192 -33.41 -9.38 -10.25
CA SER A 192 -32.38 -8.43 -9.80
C SER A 192 -30.96 -8.83 -10.25
N PHE A 193 -30.07 -7.85 -10.36
CA PHE A 193 -28.70 -8.06 -10.88
C PHE A 193 -27.78 -7.07 -10.18
N ILE A 194 -26.54 -7.45 -9.84
CA ILE A 194 -25.53 -6.52 -9.26
C ILE A 194 -24.17 -6.73 -9.91
N LEU A 195 -23.43 -5.66 -10.11
CA LEU A 195 -22.08 -5.73 -10.57
C LEU A 195 -21.28 -4.98 -9.51
N SER A 196 -20.10 -5.45 -9.10
CA SER A 196 -19.30 -4.69 -8.14
C SER A 196 -17.80 -4.71 -8.45
N ASP A 197 -17.18 -3.54 -8.32
CA ASP A 197 -15.77 -3.36 -8.66
C ASP A 197 -15.21 -2.04 -8.14
N VAL A 198 -13.89 -1.96 -8.10
CA VAL A 198 -13.23 -0.75 -7.65
C VAL A 198 -12.76 0.07 -8.83
N VAL A 199 -12.84 1.37 -8.63
CA VAL A 199 -12.29 2.32 -9.56
C VAL A 199 -11.83 3.45 -8.66
N ASP A 200 -10.63 3.95 -8.94
CA ASP A 200 -10.07 4.95 -8.08
C ASP A 200 -10.33 6.25 -8.75
N LEU A 201 -11.42 6.87 -8.34
CA LEU A 201 -12.00 7.99 -9.06
C LEU A 201 -10.99 9.14 -9.27
N LYS A 202 -10.15 9.35 -8.25
CA LYS A 202 -9.15 10.41 -8.21
C LYS A 202 -8.07 10.28 -9.31
N SER A 203 -7.88 9.04 -9.75
CA SER A 203 -6.95 8.67 -10.82
C SER A 203 -7.47 9.02 -12.19
N VAL A 204 -8.77 9.24 -12.34
CA VAL A 204 -9.39 9.18 -13.68
C VAL A 204 -10.39 10.28 -14.01
N LEU A 205 -10.81 11.00 -12.99
CA LEU A 205 -11.65 12.15 -13.21
C LEU A 205 -10.92 13.48 -12.87
N PRO A 206 -11.36 14.61 -13.46
CA PRO A 206 -10.94 15.88 -12.86
C PRO A 206 -11.66 16.12 -11.49
N GLU A 207 -11.27 17.18 -10.78
CA GLU A 207 -11.88 17.58 -9.52
C GLU A 207 -13.37 17.87 -9.65
N TRP A 208 -13.75 18.37 -10.82
CA TRP A 208 -15.11 18.72 -11.12
C TRP A 208 -15.60 17.98 -12.30
N VAL A 209 -16.79 17.44 -12.12
CA VAL A 209 -17.26 16.51 -13.08
C VAL A 209 -18.72 16.85 -13.38
N SER A 210 -19.19 16.61 -14.61
CA SER A 210 -20.62 16.78 -14.91
C SER A 210 -21.30 15.37 -14.88
N ILE A 211 -22.43 15.21 -14.19
CA ILE A 211 -23.04 13.85 -14.05
C ILE A 211 -24.31 13.67 -14.83
N GLY A 212 -24.44 12.55 -15.50
CA GLY A 212 -25.63 12.32 -16.31
C GLY A 212 -25.89 10.95 -16.90
N PHE A 213 -26.83 10.94 -17.82
CA PHE A 213 -27.20 9.77 -18.53
C PHE A 213 -26.74 9.98 -19.95
N SER A 214 -26.47 8.86 -20.63
CA SER A 214 -26.15 8.87 -22.04
C SER A 214 -26.83 7.65 -22.59
N ALA A 215 -27.42 7.77 -23.79
CA ALA A 215 -27.97 6.63 -24.48
C ALA A 215 -27.84 6.80 -26.00
N ALA A 216 -27.80 5.65 -26.70
CA ALA A 216 -27.80 5.61 -28.17
C ALA A 216 -28.69 4.47 -28.62
N THR A 217 -29.30 4.63 -29.81
CA THR A 217 -29.96 3.53 -30.50
C THR A 217 -29.07 3.09 -31.64
N GLY A 218 -29.43 2.03 -32.35
CA GLY A 218 -28.57 1.39 -33.34
C GLY A 218 -28.21 2.12 -34.60
N ALA A 219 -27.03 1.78 -35.11
CA ALA A 219 -26.51 2.24 -36.41
C ALA A 219 -27.10 1.59 -37.72
N SER A 220 -28.07 0.68 -37.59
CA SER A 220 -28.80 0.15 -38.76
C SER A 220 -30.29 0.12 -38.47
N SER A 221 -31.10 0.38 -39.50
CA SER A 221 -32.53 0.62 -39.28
C SER A 221 -33.13 -0.62 -38.66
N GLY A 222 -33.98 -0.45 -37.67
CA GLY A 222 -34.52 -1.58 -36.97
C GLY A 222 -33.84 -2.03 -35.70
N TYR A 223 -32.62 -1.65 -35.43
CA TYR A 223 -31.99 -1.88 -34.15
C TYR A 223 -32.23 -0.69 -33.27
N ILE A 224 -33.27 -0.85 -32.49
CA ILE A 224 -34.04 0.20 -32.04
C ILE A 224 -34.59 -0.11 -30.69
N GLU A 225 -34.57 0.85 -29.81
CA GLU A 225 -35.23 0.68 -28.54
C GLU A 225 -35.32 2.07 -27.92
N THR A 226 -36.25 2.23 -26.98
CA THR A 226 -36.33 3.46 -26.19
C THR A 226 -35.29 3.41 -25.06
N HIS A 227 -35.02 4.60 -24.50
CA HIS A 227 -34.17 4.79 -23.34
C HIS A 227 -34.76 5.91 -22.55
N ASP A 228 -35.89 5.62 -21.94
CA ASP A 228 -36.73 6.57 -21.22
C ASP A 228 -36.43 6.59 -19.73
N VAL A 229 -36.21 7.78 -19.17
CA VAL A 229 -35.97 7.91 -17.75
C VAL A 229 -37.10 8.66 -17.09
N PHE A 230 -37.62 8.02 -16.06
CA PHE A 230 -38.82 8.47 -15.38
C PHE A 230 -38.53 9.33 -14.17
N SER A 231 -37.45 9.05 -13.46
CA SER A 231 -37.15 9.71 -12.21
C SER A 231 -35.69 9.49 -11.93
N TRP A 232 -35.15 10.36 -11.11
CA TRP A 232 -33.74 10.44 -10.91
C TRP A 232 -33.38 11.20 -9.63
N SER A 233 -32.41 10.63 -8.93
CA SER A 233 -32.04 11.08 -7.61
C SER A 233 -30.55 10.96 -7.43
N PHE A 234 -29.95 11.98 -6.83
CA PHE A 234 -28.54 12.01 -6.73
C PHE A 234 -28.08 12.61 -5.43
N ALA A 235 -27.00 12.09 -4.87
CA ALA A 235 -26.49 12.67 -3.64
C ALA A 235 -25.00 12.38 -3.49
N SER A 236 -24.25 13.40 -3.13
CA SER A 236 -22.85 13.21 -2.93
C SER A 236 -22.45 14.04 -1.74
N LYS A 237 -21.50 13.52 -0.98
CA LYS A 237 -20.77 14.36 -0.06
C LYS A 237 -19.26 14.22 -0.19
N LEU A 238 -18.57 15.33 -0.06
CA LEU A 238 -17.12 15.36 -0.08
C LEU A 238 -16.69 15.93 1.26
N SER A 239 -15.94 15.17 2.06
CA SER A 239 -15.40 15.71 3.33
C SER A 239 -13.86 15.86 3.34
N PHE A 240 -13.34 17.04 3.69
CA PHE A 240 -11.91 17.39 3.55
C PHE A 240 -10.92 16.89 4.60
N LEU A 247 -21.79 9.57 3.19
CA LEU A 247 -23.19 9.38 2.81
C LEU A 247 -23.96 8.64 3.89
N ASP A 248 -25.28 8.83 3.90
CA ASP A 248 -26.16 7.99 4.71
C ASP A 248 -27.19 7.34 3.75
N LEU A 249 -26.79 6.23 3.14
CA LEU A 249 -27.51 5.66 2.02
C LEU A 249 -28.92 5.13 2.34
N ALA A 250 -29.03 4.34 3.44
CA ALA A 250 -30.30 3.91 4.00
C ALA A 250 -31.25 5.09 3.92
N SER A 251 -30.88 6.16 4.61
CA SER A 251 -31.67 7.41 4.70
C SER A 251 -31.89 8.12 3.36
N PHE A 252 -30.93 7.96 2.43
CA PHE A 252 -31.02 8.50 1.08
C PHE A 252 -32.01 7.95 0.00
N LEU A 253 -32.18 6.64 0.01
CA LEU A 253 -33.12 5.88 -0.79
C LEU A 253 -34.55 5.96 -0.26
N VAL A 254 -34.73 5.70 1.03
CA VAL A 254 -36.02 5.59 1.66
C VAL A 254 -36.79 6.79 1.36
N ALA A 255 -36.16 7.67 0.64
CA ALA A 255 -36.86 8.82 0.24
C ALA A 255 -35.91 9.83 -0.26
N ASN A 256 -35.34 9.54 -1.39
CA ASN A 256 -34.77 10.55 -2.26
C ASN A 256 -35.38 10.38 -3.61
N THR B 1 -49.20 12.54 4.91
CA THR B 1 -49.01 12.82 6.35
C THR B 1 -47.87 11.99 7.00
N THR B 2 -46.61 12.26 6.66
CA THR B 2 -45.58 11.28 6.87
C THR B 2 -44.72 11.27 8.14
N ASN B 3 -44.87 10.23 8.90
CA ASN B 3 -44.04 9.89 10.01
C ASN B 3 -42.71 9.26 9.57
N THR B 4 -41.66 9.42 10.32
CA THR B 4 -40.38 8.82 9.97
C THR B 4 -39.58 8.52 11.23
N ASP B 5 -38.78 7.46 11.23
CA ASP B 5 -37.92 7.13 12.37
C ASP B 5 -36.62 6.67 11.77
N SER B 6 -35.48 7.08 12.33
CA SER B 6 -34.20 6.81 11.66
C SER B 6 -33.01 6.89 12.57
N PHE B 7 -31.96 6.16 12.24
CA PHE B 7 -30.78 6.16 13.05
C PHE B 7 -29.67 5.49 12.33
N THR B 8 -28.49 5.69 12.88
CA THR B 8 -27.28 5.12 12.39
C THR B 8 -26.48 4.80 13.64
N PHE B 9 -26.08 3.55 13.76
CA PHE B 9 -25.03 3.24 14.70
C PHE B 9 -23.77 3.10 13.90
N SER B 10 -22.91 4.09 13.93
CA SER B 10 -21.62 3.95 13.22
C SER B 10 -20.65 3.06 14.03
N LYS B 11 -21.02 2.75 15.27
CA LYS B 11 -20.31 1.76 16.06
C LYS B 11 -21.16 1.46 17.29
N PHE B 12 -20.95 0.32 17.89
CA PHE B 12 -21.74 0.04 19.06
C PHE B 12 -20.92 0.38 20.30
N LYS B 13 -21.63 0.60 21.41
CA LYS B 13 -21.04 0.82 22.74
C LYS B 13 -21.73 -0.10 23.76
N PRO B 14 -20.95 -0.63 24.69
CA PRO B 14 -21.43 -1.59 25.69
C PRO B 14 -22.64 -1.09 26.48
N ASN B 15 -23.58 -1.98 26.77
CA ASN B 15 -24.89 -1.65 27.40
C ASN B 15 -25.52 -0.31 26.94
N GLN B 16 -25.30 0.12 25.69
CA GLN B 16 -26.06 1.24 25.12
C GLN B 16 -27.58 1.03 25.17
N PRO B 17 -28.29 1.92 25.88
CA PRO B 17 -29.71 1.68 26.22
C PRO B 17 -30.72 1.80 25.07
N ASN B 18 -30.30 2.17 23.86
CA ASN B 18 -31.22 2.13 22.72
C ASN B 18 -31.23 0.78 21.93
N LEU B 19 -30.37 -0.17 22.29
CA LEU B 19 -30.58 -1.60 21.88
C LEU B 19 -31.10 -2.48 23.02
N LYS B 20 -31.90 -3.50 22.70
CA LYS B 20 -32.22 -4.54 23.67
C LYS B 20 -31.55 -5.80 23.15
N LYS B 21 -30.68 -6.36 23.96
CA LYS B 21 -30.00 -7.60 23.61
C LYS B 21 -30.57 -8.81 24.31
N GLN B 22 -30.63 -9.89 23.56
CA GLN B 22 -31.28 -11.10 24.01
C GLN B 22 -30.28 -12.20 23.78
N GLY B 23 -30.35 -13.24 24.60
CA GLY B 23 -29.48 -14.37 24.44
C GLY B 23 -28.04 -14.01 24.73
N ASP B 24 -27.13 -14.58 23.96
CA ASP B 24 -25.71 -14.35 24.14
C ASP B 24 -25.18 -13.02 23.57
N ALA B 25 -25.95 -12.27 22.79
CA ALA B 25 -25.40 -11.07 22.16
C ALA B 25 -24.84 -10.05 23.15
N THR B 26 -23.63 -9.55 22.85
CA THR B 26 -23.00 -8.43 23.60
C THR B 26 -22.16 -7.48 22.71
N VAL B 27 -21.75 -6.36 23.27
CA VAL B 27 -20.95 -5.38 22.56
C VAL B 27 -19.59 -5.34 23.23
N THR B 28 -18.57 -5.51 22.41
CA THR B 28 -17.23 -5.66 22.92
C THR B 28 -16.60 -4.31 23.23
N SER B 29 -15.41 -4.33 23.83
CA SER B 29 -14.61 -3.13 23.97
C SER B 29 -14.45 -2.38 22.65
N SER B 30 -14.09 -3.08 21.58
CA SER B 30 -13.75 -2.39 20.35
C SER B 30 -15.00 -2.03 19.52
N GLY B 31 -16.16 -2.16 20.15
CA GLY B 31 -17.39 -1.68 19.59
C GLY B 31 -18.08 -2.65 18.65
N THR B 32 -17.84 -3.93 18.80
CA THR B 32 -18.48 -4.98 17.99
C THR B 32 -19.70 -5.58 18.65
N LEU B 33 -20.77 -5.70 17.89
CA LEU B 33 -21.94 -6.41 18.32
C LEU B 33 -21.77 -7.88 17.93
N GLN B 34 -21.17 -8.66 18.84
CA GLN B 34 -21.13 -10.15 18.74
C GLN B 34 -22.49 -10.68 19.08
N LEU B 35 -23.27 -11.00 18.05
CA LEU B 35 -24.52 -11.74 18.21
C LEU B 35 -24.34 -13.11 18.91
N THR B 36 -23.27 -13.86 18.60
CA THR B 36 -23.07 -15.16 19.22
C THR B 36 -21.75 -15.38 19.99
N LYS B 37 -21.76 -16.31 20.91
CA LYS B 37 -20.63 -16.55 21.79
C LYS B 37 -19.28 -16.69 21.12
N VAL B 38 -18.36 -15.80 21.39
CA VAL B 38 -17.02 -15.98 20.96
C VAL B 38 -16.18 -15.89 22.17
N ASP B 39 -15.35 -16.87 22.41
CA ASP B 39 -14.40 -16.81 23.52
C ASP B 39 -13.19 -15.90 23.49
N LYS B 40 -12.65 -15.78 24.68
CA LYS B 40 -11.33 -15.29 24.98
C LYS B 40 -10.35 -15.19 23.83
N ASN B 41 -10.38 -16.16 22.94
CA ASN B 41 -9.39 -16.30 21.90
C ASN B 41 -9.89 -16.09 20.51
N GLY B 42 -11.17 -15.81 20.38
CA GLY B 42 -11.72 -15.57 19.08
C GLY B 42 -12.41 -16.78 18.54
N VAL B 43 -12.43 -17.81 19.32
CA VAL B 43 -13.03 -19.06 18.92
C VAL B 43 -14.49 -19.02 19.21
N PRO B 44 -15.34 -18.99 18.19
CA PRO B 44 -16.77 -18.98 18.47
C PRO B 44 -17.22 -20.31 19.06
N ASP B 45 -18.28 -20.26 19.84
CA ASP B 45 -18.80 -21.45 20.49
C ASP B 45 -20.10 -21.97 19.87
N PRO B 46 -20.39 -23.28 20.02
CA PRO B 46 -21.65 -23.84 19.50
C PRO B 46 -22.85 -23.58 20.43
N LYS B 47 -24.04 -23.99 20.01
CA LYS B 47 -25.25 -23.80 20.81
C LYS B 47 -25.52 -22.36 21.29
N SER B 48 -25.03 -21.41 20.51
CA SER B 48 -25.16 -20.01 20.85
C SER B 48 -26.21 -19.32 19.96
N LEU B 49 -26.78 -18.27 20.55
CA LEU B 49 -27.99 -17.62 20.11
C LEU B 49 -28.02 -16.23 20.68
N GLY B 50 -28.21 -15.30 19.78
CA GLY B 50 -28.16 -13.90 20.06
C GLY B 50 -29.00 -13.05 19.16
N ARG B 51 -29.66 -12.10 19.77
CA ARG B 51 -30.50 -11.17 19.10
C ARG B 51 -30.25 -9.76 19.63
N ALA B 52 -30.29 -8.80 18.75
CA ALA B 52 -30.10 -7.43 19.10
C ALA B 52 -31.08 -6.55 18.39
N LEU B 53 -31.96 -5.96 19.15
CA LEU B 53 -33.03 -5.18 18.62
C LEU B 53 -32.96 -3.72 18.97
N TYR B 54 -33.40 -2.90 18.05
CA TYR B 54 -33.63 -1.49 18.32
C TYR B 54 -34.69 -1.35 19.39
N ALA B 55 -34.48 -0.48 20.35
CA ALA B 55 -35.32 -0.55 21.57
C ALA B 55 -36.65 0.14 21.35
N SER B 56 -36.84 0.69 20.16
CA SER B 56 -38.07 1.33 19.80
C SER B 56 -38.85 0.46 18.79
N PRO B 57 -40.18 0.29 18.97
CA PRO B 57 -40.92 -0.38 17.93
C PRO B 57 -41.03 0.52 16.67
N ILE B 58 -41.27 -0.09 15.51
CA ILE B 58 -41.39 0.67 14.28
C ILE B 58 -42.82 0.49 13.83
N ASN B 59 -43.50 1.62 13.60
CA ASN B 59 -44.84 1.63 13.00
C ASN B 59 -44.73 1.24 11.54
N ILE B 60 -44.87 -0.06 11.24
CA ILE B 60 -44.79 -0.64 9.88
C ILE B 60 -46.03 -0.36 8.96
N TRP B 61 -47.24 -0.41 9.50
CA TRP B 61 -48.42 -0.13 8.70
C TRP B 61 -49.47 0.48 9.57
N ASP B 62 -50.29 1.32 8.97
CA ASP B 62 -51.36 1.96 9.69
C ASP B 62 -52.71 1.38 9.27
N SER B 63 -53.44 0.80 10.22
CA SER B 63 -54.65 0.02 9.94
C SER B 63 -55.88 0.83 9.57
N LYS B 64 -56.09 1.93 10.29
CA LYS B 64 -57.06 2.97 10.00
C LYS B 64 -56.98 3.41 8.53
N THR B 65 -55.77 3.58 8.00
CA THR B 65 -55.64 4.09 6.64
C THR B 65 -55.13 3.03 5.69
N GLY B 66 -54.63 1.94 6.26
CA GLY B 66 -54.12 0.85 5.46
C GLY B 66 -52.81 1.13 4.74
N VAL B 67 -52.22 2.28 4.96
CA VAL B 67 -50.94 2.52 4.34
C VAL B 67 -49.81 1.79 5.09
N VAL B 68 -48.66 1.66 4.42
CA VAL B 68 -47.60 0.77 4.87
C VAL B 68 -46.30 1.53 4.70
N ALA B 69 -45.38 1.28 5.62
CA ALA B 69 -44.06 1.87 5.62
C ALA B 69 -43.23 1.37 4.44
N SER B 70 -42.43 2.28 3.86
CA SER B 70 -41.17 1.95 3.19
C SER B 70 -40.06 2.10 4.22
N PHE B 71 -38.97 1.39 4.03
CA PHE B 71 -37.84 1.42 4.95
C PHE B 71 -36.60 0.93 4.25
N ALA B 72 -35.43 1.32 4.73
CA ALA B 72 -34.18 0.89 4.15
C ALA B 72 -33.21 0.65 5.32
N THR B 73 -32.43 -0.42 5.26
CA THR B 73 -31.48 -0.68 6.32
C THR B 73 -30.17 -1.11 5.70
N SER B 74 -29.09 -0.61 6.26
CA SER B 74 -27.78 -1.00 5.82
C SER B 74 -26.95 -1.43 7.06
N PHE B 75 -26.17 -2.48 6.93
CA PHE B 75 -25.29 -2.86 8.04
C PHE B 75 -24.06 -3.53 7.46
N ARG B 76 -23.09 -3.81 8.30
CA ARG B 76 -21.76 -4.29 7.95
C ARG B 76 -21.53 -5.44 8.92
N PHE B 77 -21.27 -6.64 8.41
CA PHE B 77 -21.03 -7.78 9.29
C PHE B 77 -19.90 -8.70 8.79
N THR B 78 -19.20 -9.29 9.76
CA THR B 78 -18.21 -10.32 9.52
C THR B 78 -18.74 -11.59 10.18
N ILE B 79 -18.68 -12.70 9.45
CA ILE B 79 -18.60 -14.01 10.10
C ILE B 79 -17.25 -14.60 9.71
N TYR B 80 -16.64 -15.29 10.66
CA TYR B 80 -15.34 -15.91 10.52
C TYR B 80 -15.53 -17.28 11.10
N ALA B 81 -15.10 -18.26 10.33
CA ALA B 81 -15.18 -19.65 10.72
C ALA B 81 -13.78 -20.20 10.77
N PRO B 82 -13.36 -20.74 11.93
CA PRO B 82 -12.03 -21.38 12.05
C PRO B 82 -11.82 -22.66 11.19
N ASN B 83 -12.90 -23.37 10.88
CA ASN B 83 -12.91 -24.42 9.88
C ASN B 83 -14.00 -24.16 8.83
N ILE B 84 -13.58 -23.85 7.61
CA ILE B 84 -14.48 -23.39 6.58
C ILE B 84 -15.44 -24.52 6.16
N ALA B 85 -15.01 -25.76 6.36
CA ALA B 85 -15.77 -26.92 5.91
C ALA B 85 -16.86 -27.32 6.93
N THR B 86 -16.89 -26.61 8.06
CA THR B 86 -17.76 -26.99 9.17
C THR B 86 -18.43 -25.73 9.79
N ILE B 87 -19.32 -25.06 9.05
CA ILE B 87 -19.83 -23.77 9.45
C ILE B 87 -21.32 -23.80 9.65
N ALA B 88 -21.80 -23.01 10.59
CA ALA B 88 -23.22 -22.98 10.90
C ALA B 88 -23.43 -21.80 11.87
N ASP B 89 -24.62 -21.20 11.90
CA ASP B 89 -25.79 -21.67 11.18
C ASP B 89 -26.30 -20.53 10.32
N GLY B 90 -26.15 -19.32 10.84
CA GLY B 90 -26.27 -18.10 10.06
C GLY B 90 -26.65 -16.90 10.90
N LEU B 91 -26.96 -15.78 10.22
CA LEU B 91 -27.55 -14.62 10.84
C LEU B 91 -28.75 -14.14 10.04
N ALA B 92 -29.47 -13.14 10.56
CA ALA B 92 -30.73 -12.65 9.96
C ALA B 92 -31.06 -11.24 10.39
N PHE B 93 -31.57 -10.42 9.46
CA PHE B 93 -32.20 -9.15 9.86
C PHE B 93 -33.64 -9.48 9.91
N PHE B 94 -34.38 -8.97 10.89
CA PHE B 94 -35.80 -9.30 10.91
C PHE B 94 -36.72 -8.27 11.51
N LEU B 95 -38.00 -8.40 11.14
CA LEU B 95 -39.12 -7.69 11.72
C LEU B 95 -39.97 -8.75 12.43
N ALA B 96 -40.52 -8.45 13.61
CA ALA B 96 -41.38 -9.40 14.36
C ALA B 96 -42.22 -8.68 15.43
N PRO B 97 -43.24 -9.35 16.03
CA PRO B 97 -44.01 -8.61 17.05
C PRO B 97 -43.16 -8.24 18.26
N VAL B 98 -43.47 -7.11 18.90
CA VAL B 98 -42.88 -6.67 20.17
C VAL B 98 -42.99 -7.72 21.31
N SER B 99 -42.06 -7.69 22.28
CA SER B 99 -41.95 -8.70 23.38
C SER B 99 -42.19 -10.11 22.76
N SER B 100 -41.67 -10.31 21.55
CA SER B 100 -41.71 -11.62 20.93
C SER B 100 -40.37 -12.26 21.20
N PRO B 101 -40.37 -13.34 22.00
CA PRO B 101 -39.14 -13.89 22.58
C PRO B 101 -38.16 -14.47 21.53
N PRO B 102 -36.86 -14.69 21.90
CA PRO B 102 -36.06 -15.55 21.00
C PRO B 102 -36.68 -16.97 20.86
N LYS B 103 -36.32 -17.65 19.77
CA LYS B 103 -36.94 -18.93 19.45
C LYS B 103 -35.77 -19.82 19.03
N ALA B 104 -36.06 -21.05 18.61
CA ALA B 104 -35.13 -22.18 18.59
C ALA B 104 -33.78 -21.83 18.00
N GLY B 105 -32.74 -22.43 18.56
CA GLY B 105 -31.39 -22.18 18.05
C GLY B 105 -31.05 -22.80 16.72
N ALA B 106 -29.74 -22.88 16.50
CA ALA B 106 -29.18 -23.57 15.35
C ALA B 106 -29.76 -23.05 14.02
N GLY B 107 -30.11 -23.96 13.10
CA GLY B 107 -30.82 -23.61 11.85
C GLY B 107 -32.14 -22.83 11.83
N PHE B 108 -32.86 -22.73 12.94
CA PHE B 108 -34.07 -21.89 13.05
C PHE B 108 -33.69 -20.41 13.26
N LEU B 109 -32.42 -20.18 13.62
CA LEU B 109 -31.82 -18.85 13.58
C LEU B 109 -32.32 -17.87 14.65
N GLY B 110 -32.93 -18.40 15.70
CA GLY B 110 -33.41 -17.57 16.79
C GLY B 110 -34.76 -16.98 16.46
N LEU B 111 -35.29 -17.45 15.35
CA LEU B 111 -36.45 -16.83 14.75
C LEU B 111 -37.65 -17.75 14.59
N PHE B 112 -37.45 -19.08 14.58
CA PHE B 112 -38.57 -20.01 14.41
C PHE B 112 -38.52 -21.19 15.38
N ASP B 113 -39.51 -22.09 15.29
CA ASP B 113 -39.52 -23.26 16.15
C ASP B 113 -39.49 -24.61 15.44
N SER B 114 -39.82 -24.64 14.14
CA SER B 114 -39.78 -25.89 13.39
C SER B 114 -39.53 -25.51 11.94
N ALA B 115 -39.70 -26.49 11.05
CA ALA B 115 -39.67 -26.27 9.62
C ALA B 115 -40.92 -25.52 9.23
N VAL B 116 -42.03 -25.84 9.89
CA VAL B 116 -43.29 -25.42 9.35
C VAL B 116 -43.53 -23.89 9.31
N PHE B 117 -44.18 -23.52 8.21
CA PHE B 117 -44.76 -22.22 8.10
C PHE B 117 -45.82 -22.05 9.22
N ASN B 118 -45.92 -20.82 9.71
CA ASN B 118 -46.93 -20.44 10.66
C ASN B 118 -47.18 -18.95 10.64
N SER B 119 -48.43 -18.57 10.36
CA SER B 119 -48.83 -17.16 10.30
C SER B 119 -48.51 -16.36 11.53
N SER B 120 -48.82 -16.95 12.69
CA SER B 120 -48.63 -16.32 14.00
C SER B 120 -47.18 -16.07 14.42
N TYR B 121 -46.20 -16.61 13.70
CA TYR B 121 -44.80 -16.08 13.83
C TYR B 121 -44.84 -14.59 13.58
N GLN B 122 -45.75 -14.18 12.72
CA GLN B 122 -45.78 -12.81 12.28
C GLN B 122 -44.35 -12.21 12.00
N THR B 123 -43.43 -13.03 11.50
CA THR B 123 -42.05 -12.63 11.32
C THR B 123 -41.70 -12.56 9.85
N VAL B 124 -40.97 -11.49 9.47
CA VAL B 124 -40.37 -11.34 8.13
C VAL B 124 -38.87 -11.21 8.36
N ALA B 125 -38.05 -11.87 7.55
CA ALA B 125 -36.58 -11.84 7.72
C ALA B 125 -35.83 -11.87 6.39
N VAL B 126 -34.64 -11.27 6.40
CA VAL B 126 -33.61 -11.60 5.40
C VAL B 126 -32.53 -12.39 6.13
N GLU B 127 -32.23 -13.59 5.61
CA GLU B 127 -31.30 -14.51 6.24
C GLU B 127 -30.05 -14.74 5.38
N PHE B 128 -29.00 -15.09 6.12
CA PHE B 128 -27.67 -15.23 5.62
C PHE B 128 -27.27 -16.59 6.20
N ASP B 129 -27.55 -17.63 5.42
CA ASP B 129 -27.59 -19.00 5.91
C ASP B 129 -26.36 -19.80 5.53
N THR B 130 -25.67 -20.31 6.53
CA THR B 130 -24.42 -21.00 6.26
C THR B 130 -24.46 -22.53 6.34
N TYR B 131 -25.64 -23.09 6.53
CA TYR B 131 -25.74 -24.53 6.72
C TYR B 131 -27.02 -25.08 6.15
N GLU B 132 -26.88 -26.15 5.37
CA GLU B 132 -28.02 -26.78 4.71
C GLU B 132 -28.86 -27.62 5.67
N ASN B 133 -29.96 -27.03 6.12
CA ASN B 133 -30.98 -27.78 6.78
C ASN B 133 -31.81 -28.36 5.66
N THR B 134 -31.51 -29.62 5.34
CA THR B 134 -32.23 -30.40 4.36
C THR B 134 -33.73 -30.40 4.66
N VAL B 135 -34.04 -30.45 5.97
CA VAL B 135 -35.39 -30.53 6.56
C VAL B 135 -36.19 -29.23 6.34
N PHE B 136 -35.50 -28.14 5.94
CA PHE B 136 -36.07 -26.83 5.70
C PHE B 136 -36.07 -26.48 4.22
N LEU B 137 -35.87 -27.49 3.39
CA LEU B 137 -35.67 -27.31 1.94
C LEU B 137 -34.61 -26.25 1.63
N ASP B 138 -33.49 -26.28 2.37
CA ASP B 138 -32.31 -25.40 2.17
C ASP B 138 -31.54 -25.72 0.87
N PRO B 139 -31.18 -24.70 0.07
CA PRO B 139 -30.39 -25.04 -1.14
C PRO B 139 -28.99 -25.61 -0.80
N PRO B 140 -28.37 -26.31 -1.76
CA PRO B 140 -27.08 -26.91 -1.34
C PRO B 140 -25.89 -25.95 -1.47
N ASP B 141 -25.98 -24.79 -0.82
CA ASP B 141 -24.98 -23.74 -0.86
C ASP B 141 -25.36 -22.78 0.23
N THR B 142 -24.39 -22.04 0.73
CA THR B 142 -24.65 -20.90 1.62
C THR B 142 -25.42 -19.91 0.75
N HIS B 143 -26.48 -19.32 1.33
CA HIS B 143 -27.45 -18.55 0.54
C HIS B 143 -27.91 -17.35 1.26
N ILE B 144 -28.54 -16.39 0.58
CA ILE B 144 -29.31 -15.35 1.26
C ILE B 144 -30.74 -15.73 1.01
N GLY B 145 -31.63 -15.51 1.99
CA GLY B 145 -33.01 -15.91 1.81
C GLY B 145 -34.00 -14.90 2.34
N ILE B 146 -35.15 -14.74 1.66
CA ILE B 146 -36.29 -14.05 2.22
C ILE B 146 -37.15 -15.09 2.93
N ASP B 147 -37.50 -14.86 4.20
CA ASP B 147 -38.32 -15.78 4.98
C ASP B 147 -39.50 -15.01 5.53
N VAL B 148 -40.68 -15.59 5.38
CA VAL B 148 -41.93 -14.99 5.82
C VAL B 148 -42.71 -16.09 6.55
N ASN B 149 -42.82 -15.95 7.86
CA ASN B 149 -43.50 -16.96 8.72
C ASN B 149 -43.04 -18.43 8.52
N SER B 150 -41.81 -18.61 8.00
CA SER B 150 -41.13 -19.91 7.90
C SER B 150 -39.58 -19.76 7.78
N ILE B 151 -38.84 -20.73 8.32
CA ILE B 151 -37.40 -20.81 8.05
C ILE B 151 -37.17 -21.36 6.62
N LYS B 152 -38.27 -21.86 6.05
CA LYS B 152 -38.36 -22.24 4.64
C LYS B 152 -38.44 -20.97 3.75
N SER B 153 -37.29 -20.47 3.32
CA SER B 153 -37.24 -19.26 2.53
C SER B 153 -38.23 -19.26 1.37
N ILE B 154 -38.88 -18.15 1.11
CA ILE B 154 -39.78 -18.13 -0.05
C ILE B 154 -38.98 -17.97 -1.32
N LYS B 155 -37.74 -17.51 -1.20
CA LYS B 155 -36.89 -17.41 -2.36
C LYS B 155 -35.51 -17.44 -1.74
N THR B 156 -34.53 -17.88 -2.52
CA THR B 156 -33.12 -17.70 -2.17
C THR B 156 -32.23 -17.30 -3.36
N VAL B 157 -31.04 -16.81 -3.05
CA VAL B 157 -29.97 -16.71 -4.03
C VAL B 157 -28.67 -17.18 -3.38
N LYS B 158 -27.67 -17.47 -4.21
CA LYS B 158 -26.43 -18.08 -3.70
C LYS B 158 -25.65 -16.98 -3.00
N TRP B 159 -25.06 -17.27 -1.88
CA TRP B 159 -24.27 -16.21 -1.32
C TRP B 159 -22.92 -16.81 -1.12
N ASP B 160 -21.87 -16.22 -1.66
CA ASP B 160 -20.54 -16.82 -1.43
C ASP B 160 -19.83 -16.33 -0.21
N LEU B 161 -19.82 -17.12 0.86
CA LEU B 161 -19.15 -16.67 2.10
C LEU B 161 -17.68 -16.34 1.84
N ALA B 162 -17.23 -15.16 2.22
CA ALA B 162 -15.81 -14.87 2.18
C ALA B 162 -15.27 -14.86 3.60
N ASN B 163 -14.71 -15.96 4.03
CA ASN B 163 -14.30 -16.11 5.41
C ASN B 163 -13.54 -14.92 5.98
N GLY B 164 -14.03 -14.37 7.10
CA GLY B 164 -13.41 -13.22 7.75
C GLY B 164 -13.30 -11.87 7.03
N GLU B 165 -14.10 -11.63 5.99
CA GLU B 165 -14.13 -10.28 5.42
C GLU B 165 -15.41 -9.58 5.79
N ALA B 166 -15.39 -8.26 5.93
CA ALA B 166 -16.62 -7.53 6.21
C ALA B 166 -17.54 -7.59 5.01
N ALA B 167 -18.81 -7.83 5.32
CA ALA B 167 -19.87 -7.78 4.31
C ALA B 167 -20.65 -6.49 4.51
N LYS B 168 -20.93 -5.79 3.43
CA LYS B 168 -21.84 -4.63 3.43
C LYS B 168 -23.22 -5.08 2.97
N VAL B 169 -24.25 -4.76 3.73
CA VAL B 169 -25.57 -5.17 3.28
C VAL B 169 -26.51 -3.99 3.09
N LEU B 170 -27.32 -4.03 2.03
CA LEU B 170 -28.41 -3.07 1.89
C LEU B 170 -29.76 -3.83 1.70
N ILE B 171 -30.67 -3.70 2.68
CA ILE B 171 -32.02 -4.25 2.58
C ILE B 171 -33.00 -3.10 2.53
N THR B 172 -34.04 -3.29 1.73
CA THR B 172 -34.81 -2.17 1.30
C THR B 172 -36.22 -2.68 1.10
N TYR B 173 -37.19 -1.97 1.64
CA TYR B 173 -38.57 -2.33 1.30
C TYR B 173 -39.39 -1.20 0.75
N ASP B 174 -39.92 -1.42 -0.42
CA ASP B 174 -40.66 -0.36 -1.11
C ASP B 174 -42.15 -0.69 -0.96
N SER B 175 -42.87 -0.04 -0.05
CA SER B 175 -44.31 -0.45 0.14
C SER B 175 -45.29 -0.15 -1.01
N SER B 176 -44.84 0.51 -2.07
CA SER B 176 -45.78 0.73 -3.17
C SER B 176 -45.65 -0.43 -4.15
N ALA B 177 -44.47 -1.01 -4.22
CA ALA B 177 -44.21 -2.16 -5.07
C ALA B 177 -44.26 -3.41 -4.22
N LYS B 178 -44.53 -3.27 -2.93
CA LYS B 178 -44.48 -4.42 -2.02
C LYS B 178 -43.21 -5.26 -2.24
N LEU B 179 -42.08 -4.56 -2.47
CA LEU B 179 -40.83 -5.17 -2.95
C LEU B 179 -39.70 -5.18 -1.90
N LEU B 180 -39.28 -6.37 -1.47
CA LEU B 180 -38.15 -6.52 -0.51
C LEU B 180 -36.92 -6.94 -1.30
N VAL B 181 -35.83 -6.18 -1.16
CA VAL B 181 -34.60 -6.46 -1.92
C VAL B 181 -33.44 -6.50 -0.94
N ALA B 182 -32.61 -7.52 -1.04
CA ALA B 182 -31.43 -7.65 -0.21
C ALA B 182 -30.22 -7.74 -1.09
N ALA B 183 -29.26 -6.85 -0.88
CA ALA B 183 -28.00 -6.89 -1.62
C ALA B 183 -26.88 -7.07 -0.62
N LEU B 184 -25.86 -7.84 -1.00
CA LEU B 184 -24.70 -8.08 -0.18
C LEU B 184 -23.50 -7.90 -1.05
N VAL B 185 -22.61 -6.98 -0.68
CA VAL B 185 -21.28 -6.87 -1.27
C VAL B 185 -20.17 -7.09 -0.23
N TYR B 186 -19.06 -7.66 -0.70
CA TYR B 186 -17.77 -7.70 0.04
C TYR B 186 -16.88 -6.78 -0.73
N PRO B 187 -16.51 -5.64 -0.14
CA PRO B 187 -15.56 -4.76 -0.81
C PRO B 187 -14.25 -5.43 -1.19
N SER B 188 -13.76 -6.33 -0.34
CA SER B 188 -12.46 -6.97 -0.46
C SER B 188 -12.43 -7.90 -1.65
N SER B 189 -13.48 -8.70 -1.78
CA SER B 189 -13.53 -9.69 -2.85
C SER B 189 -14.06 -9.07 -4.14
N LYS B 190 -14.66 -7.90 -4.04
CA LYS B 190 -15.36 -7.27 -5.15
C LYS B 190 -16.63 -8.04 -5.53
N THR B 191 -17.05 -9.03 -4.74
CA THR B 191 -18.22 -9.88 -5.10
C THR B 191 -19.56 -9.20 -4.74
N SER B 192 -20.67 -9.81 -5.17
CA SER B 192 -21.95 -9.10 -5.25
C SER B 192 -23.08 -10.05 -5.40
N PHE B 193 -24.08 -9.93 -4.52
CA PHE B 193 -25.27 -10.79 -4.58
C PHE B 193 -26.46 -9.94 -4.32
N ILE B 194 -27.56 -10.29 -5.00
CA ILE B 194 -28.84 -9.63 -4.81
C ILE B 194 -29.96 -10.64 -4.83
N LEU B 195 -30.94 -10.41 -3.95
CA LEU B 195 -32.21 -11.16 -3.90
C LEU B 195 -33.43 -10.22 -3.83
N SER B 196 -34.42 -10.46 -4.68
CA SER B 196 -35.60 -9.57 -4.80
C SER B 196 -36.89 -10.36 -4.83
N ASP B 197 -37.84 -10.00 -3.96
CA ASP B 197 -39.14 -10.65 -3.93
C ASP B 197 -40.28 -9.81 -3.35
N VAL B 198 -41.50 -10.23 -3.67
CA VAL B 198 -42.68 -9.56 -3.17
C VAL B 198 -43.14 -10.14 -1.81
N VAL B 199 -43.38 -9.19 -0.89
CA VAL B 199 -43.83 -9.49 0.47
C VAL B 199 -44.84 -8.42 0.86
N ASP B 200 -46.00 -8.86 1.34
CA ASP B 200 -47.05 -7.96 1.82
C ASP B 200 -46.93 -7.76 3.30
N LEU B 201 -46.23 -6.72 3.72
CA LEU B 201 -46.00 -6.51 5.16
C LEU B 201 -47.32 -6.42 5.95
N LYS B 202 -48.25 -5.71 5.34
CA LYS B 202 -49.57 -5.47 5.85
C LYS B 202 -50.26 -6.83 6.16
N SER B 203 -49.93 -7.87 5.40
CA SER B 203 -50.54 -9.22 5.56
C SER B 203 -50.04 -9.98 6.78
N VAL B 204 -48.76 -9.80 7.10
CA VAL B 204 -47.97 -10.75 7.91
C VAL B 204 -47.34 -10.19 9.19
N LEU B 205 -47.42 -8.87 9.38
CA LEU B 205 -46.81 -8.24 10.54
C LEU B 205 -47.92 -7.55 11.29
N PRO B 206 -47.71 -7.18 12.58
CA PRO B 206 -48.67 -6.27 13.17
C PRO B 206 -48.24 -4.83 12.88
N GLU B 207 -49.01 -3.86 13.41
CA GLU B 207 -48.78 -2.45 13.09
C GLU B 207 -47.40 -1.97 13.56
N TRP B 208 -47.00 -2.48 14.73
CA TRP B 208 -45.70 -2.21 15.34
C TRP B 208 -44.86 -3.47 15.46
N VAL B 209 -43.60 -3.37 15.07
CA VAL B 209 -42.70 -4.53 15.10
C VAL B 209 -41.36 -4.08 15.65
N SER B 210 -40.76 -4.92 16.52
CA SER B 210 -39.35 -4.77 16.81
C SER B 210 -38.57 -4.96 15.50
N ILE B 211 -37.44 -4.28 15.35
CA ILE B 211 -36.57 -4.60 14.22
C ILE B 211 -35.17 -4.92 14.74
N GLY B 212 -34.51 -5.94 14.18
CA GLY B 212 -33.13 -6.28 14.64
C GLY B 212 -32.41 -7.44 13.98
N PHE B 213 -31.43 -8.01 14.70
CA PHE B 213 -30.71 -9.18 14.21
C PHE B 213 -30.94 -10.39 15.09
N SER B 214 -30.79 -11.58 14.48
CA SER B 214 -30.78 -12.84 15.21
C SER B 214 -29.68 -13.66 14.58
N ALA B 215 -28.97 -14.44 15.38
CA ALA B 215 -27.97 -15.34 14.82
C ALA B 215 -27.79 -16.54 15.75
N ALA B 216 -27.21 -17.61 15.19
CA ALA B 216 -27.00 -18.84 15.93
C ALA B 216 -25.86 -19.66 15.37
N THR B 217 -25.16 -20.34 16.28
CA THR B 217 -24.13 -21.25 15.87
C THR B 217 -24.69 -22.67 15.87
N GLY B 218 -23.95 -23.57 15.17
CA GLY B 218 -24.29 -24.99 15.01
C GLY B 218 -24.55 -25.77 16.26
N ALA B 219 -25.09 -26.99 16.09
CA ALA B 219 -25.52 -27.79 17.22
C ALA B 219 -24.37 -28.67 17.70
N SER B 220 -23.83 -29.47 16.79
CA SER B 220 -22.72 -30.33 17.11
C SER B 220 -21.43 -29.52 17.27
N SER B 221 -20.52 -30.08 18.08
CA SER B 221 -19.14 -29.64 18.17
C SER B 221 -18.51 -29.35 16.78
N GLY B 222 -17.87 -28.20 16.63
CA GLY B 222 -17.20 -27.90 15.38
C GLY B 222 -17.97 -27.02 14.39
N TYR B 223 -19.28 -27.18 14.28
CA TYR B 223 -20.06 -26.33 13.33
C TYR B 223 -20.26 -24.92 13.89
N ILE B 224 -19.17 -24.17 13.90
CA ILE B 224 -19.10 -22.89 14.58
C ILE B 224 -18.61 -21.80 13.64
N GLU B 225 -19.10 -20.59 13.88
CA GLU B 225 -18.57 -19.40 13.25
C GLU B 225 -19.01 -18.23 14.10
N THR B 226 -18.40 -17.09 13.84
CA THR B 226 -18.87 -15.85 14.46
C THR B 226 -20.01 -15.14 13.65
N HIS B 227 -20.61 -14.11 14.27
CA HIS B 227 -21.67 -13.30 13.64
C HIS B 227 -21.57 -11.92 14.19
N ASP B 228 -20.60 -11.15 13.70
CA ASP B 228 -20.27 -9.84 14.24
C ASP B 228 -20.74 -8.66 13.37
N VAL B 229 -21.49 -7.72 13.96
CA VAL B 229 -21.97 -6.52 13.28
C VAL B 229 -21.21 -5.28 13.75
N PHE B 230 -20.75 -4.48 12.78
CA PHE B 230 -19.92 -3.27 13.06
C PHE B 230 -20.69 -1.97 13.02
N SER B 231 -21.73 -1.91 12.19
CA SER B 231 -22.47 -0.67 11.96
C SER B 231 -23.85 -0.98 11.43
N TRP B 232 -24.78 -0.10 11.72
CA TRP B 232 -26.14 -0.38 11.40
C TRP B 232 -26.86 0.88 11.18
N SER B 233 -27.57 1.01 10.06
CA SER B 233 -28.43 2.16 9.95
C SER B 233 -29.79 1.79 9.37
N PHE B 234 -30.82 2.40 9.95
CA PHE B 234 -32.18 2.12 9.52
C PHE B 234 -32.88 3.44 9.22
N ALA B 235 -33.84 3.42 8.28
CA ALA B 235 -34.72 4.57 8.01
C ALA B 235 -36.05 4.04 7.48
N SER B 236 -37.15 4.55 8.01
CA SER B 236 -38.44 4.18 7.53
C SER B 236 -39.29 5.43 7.36
N LYS B 237 -40.39 5.33 6.61
CA LYS B 237 -41.21 6.48 6.19
C LYS B 237 -42.63 5.94 6.04
N LEU B 238 -43.61 6.44 6.81
CA LEU B 238 -44.98 5.91 6.73
C LEU B 238 -45.99 7.02 6.47
N SER B 239 -46.21 7.34 5.21
CA SER B 239 -47.16 8.38 4.82
C SER B 239 -48.62 7.88 4.86
N PHE B 240 -49.47 8.54 5.64
CA PHE B 240 -50.87 8.09 5.85
C PHE B 240 -51.85 8.20 4.68
N ALA B 241 -51.69 9.23 3.87
CA ALA B 241 -52.40 9.31 2.60
C ALA B 241 -51.38 9.54 1.43
N ALA B 242 -50.16 9.01 1.60
CA ALA B 242 -49.04 9.06 0.59
C ALA B 242 -49.26 9.93 -0.66
N THR C 1 -16.59 9.87 13.09
CA THR C 1 -17.24 8.53 13.16
C THR C 1 -18.59 8.73 13.89
N THR C 2 -19.66 8.80 13.09
CA THR C 2 -20.83 9.56 13.46
C THR C 2 -22.18 8.81 13.67
N ASN C 3 -22.73 8.90 14.88
CA ASN C 3 -24.06 8.35 15.17
C ASN C 3 -25.16 9.31 14.83
N THR C 4 -26.39 8.83 14.81
CA THR C 4 -27.52 9.65 14.32
C THR C 4 -28.73 9.04 14.98
N ASP C 5 -29.77 9.83 15.13
CA ASP C 5 -31.04 9.37 15.59
C ASP C 5 -32.03 10.46 15.43
N SER C 6 -32.94 10.27 14.53
CA SER C 6 -34.05 11.22 14.30
C SER C 6 -35.38 10.56 14.12
N PHE C 7 -36.43 11.33 14.34
CA PHE C 7 -37.78 10.92 14.02
C PHE C 7 -38.68 12.10 13.74
N THR C 8 -39.85 11.82 13.18
CA THR C 8 -40.90 12.83 13.00
C THR C 8 -42.23 12.20 13.38
N PHE C 9 -42.96 12.83 14.31
CA PHE C 9 -44.37 12.48 14.52
C PHE C 9 -45.14 13.63 13.85
N SER C 10 -45.71 13.39 12.66
CA SER C 10 -46.67 14.37 12.11
C SER C 10 -48.08 14.25 12.72
N LYS C 11 -48.50 13.02 13.02
CA LYS C 11 -49.68 12.69 13.82
C LYS C 11 -49.17 12.26 15.18
N PHE C 12 -50.04 12.25 16.18
CA PHE C 12 -49.81 11.41 17.34
C PHE C 12 -50.90 10.35 17.22
N LYS C 13 -50.70 9.20 17.85
CA LYS C 13 -51.70 8.13 17.81
C LYS C 13 -51.87 7.60 19.22
N PRO C 14 -53.07 7.30 19.63
CA PRO C 14 -53.27 6.70 20.94
C PRO C 14 -52.40 5.49 21.22
N ASN C 15 -51.85 5.44 22.39
CA ASN C 15 -51.08 4.28 22.83
C ASN C 15 -49.65 4.10 22.30
N GLN C 16 -49.37 4.51 21.05
CA GLN C 16 -48.03 4.63 20.47
C GLN C 16 -46.91 4.29 21.35
N PRO C 17 -46.27 3.18 21.15
CA PRO C 17 -45.29 2.71 22.10
C PRO C 17 -43.88 3.23 21.92
N ASN C 18 -43.63 4.08 20.95
CA ASN C 18 -42.35 4.75 20.85
C ASN C 18 -42.39 6.09 21.56
N LEU C 19 -43.48 6.33 22.29
CA LEU C 19 -43.65 7.53 23.06
C LEU C 19 -44.09 7.10 24.45
N LYS C 20 -43.41 7.60 25.49
CA LYS C 20 -43.72 7.19 26.88
C LYS C 20 -44.46 8.32 27.67
N LYS C 21 -45.72 8.04 28.02
CA LYS C 21 -46.65 9.00 28.66
C LYS C 21 -46.57 8.99 30.17
N GLN C 22 -46.43 10.18 30.77
CA GLN C 22 -46.35 10.28 32.22
C GLN C 22 -47.31 11.34 32.74
N GLY C 23 -47.83 11.10 33.94
CA GLY C 23 -48.80 11.98 34.55
C GLY C 23 -50.05 11.94 33.71
N ASP C 24 -50.46 13.10 33.22
CA ASP C 24 -51.75 13.24 32.56
C ASP C 24 -51.68 13.26 31.03
N ALA C 25 -50.48 13.13 30.47
CA ALA C 25 -50.32 13.24 29.03
C ALA C 25 -51.13 12.11 28.44
N THR C 26 -52.05 12.49 27.56
CA THR C 26 -53.07 11.68 26.88
C THR C 26 -52.79 12.03 25.42
N VAL C 27 -53.03 11.09 24.50
CA VAL C 27 -53.04 11.45 23.08
C VAL C 27 -54.45 11.37 22.57
N THR C 28 -55.00 12.50 22.14
CA THR C 28 -56.38 12.56 21.68
C THR C 28 -56.57 11.63 20.47
N SER C 29 -57.74 11.02 20.33
CA SER C 29 -57.99 10.17 19.16
C SER C 29 -57.90 10.94 17.83
N SER C 30 -58.06 12.26 17.83
CA SER C 30 -57.80 13.07 16.62
C SER C 30 -56.31 13.47 16.42
N GLY C 31 -55.43 13.04 17.31
CA GLY C 31 -54.00 13.13 17.05
C GLY C 31 -53.21 14.12 17.86
N THR C 32 -53.90 14.87 18.69
CA THR C 32 -53.25 15.85 19.50
C THR C 32 -52.74 15.18 20.75
N LEU C 33 -51.48 15.43 21.06
CA LEU C 33 -50.91 15.11 22.36
C LEU C 33 -51.29 16.18 23.39
N GLN C 34 -52.23 15.81 24.26
CA GLN C 34 -52.70 16.67 25.34
C GLN C 34 -51.83 16.52 26.58
N LEU C 35 -50.83 17.39 26.71
CA LEU C 35 -49.92 17.29 27.85
C LEU C 35 -50.65 17.42 29.19
N THR C 36 -51.49 18.43 29.33
CA THR C 36 -52.30 18.53 30.53
C THR C 36 -53.79 18.34 30.27
N LYS C 37 -54.47 17.88 31.32
CA LYS C 37 -55.84 17.47 31.27
C LYS C 37 -56.76 18.52 30.61
N VAL C 38 -57.56 18.02 29.68
CA VAL C 38 -58.50 18.81 28.88
C VAL C 38 -59.78 18.01 28.88
N ASP C 39 -60.80 18.53 29.56
CA ASP C 39 -62.05 17.82 29.77
C ASP C 39 -62.92 17.68 28.50
N LYS C 40 -64.05 16.99 28.69
CA LYS C 40 -65.17 16.90 27.74
C LYS C 40 -65.26 18.17 26.89
N ASN C 41 -65.52 19.30 27.55
CA ASN C 41 -65.71 20.58 26.90
C ASN C 41 -64.55 20.94 26.00
N GLY C 42 -63.34 20.64 26.45
CA GLY C 42 -62.15 21.13 25.80
C GLY C 42 -61.56 22.19 26.73
N VAL C 43 -62.15 22.24 27.94
CA VAL C 43 -61.80 23.20 28.99
C VAL C 43 -60.67 22.62 29.82
N PRO C 44 -59.52 23.32 29.89
CA PRO C 44 -58.36 22.75 30.58
C PRO C 44 -58.60 22.74 32.07
N ASP C 45 -58.08 21.75 32.79
CA ASP C 45 -58.32 21.71 34.24
C ASP C 45 -57.10 22.22 35.00
N PRO C 46 -57.30 22.77 36.21
CA PRO C 46 -56.14 23.21 36.98
C PRO C 46 -55.46 21.98 37.56
N LYS C 47 -54.39 22.18 38.34
CA LYS C 47 -53.80 21.12 39.15
C LYS C 47 -53.27 19.97 38.30
N SER C 48 -52.88 20.25 37.08
CA SER C 48 -52.48 19.19 36.14
C SER C 48 -51.00 19.32 35.76
N LEU C 49 -50.34 18.18 35.59
CA LEU C 49 -49.06 18.12 34.92
C LEU C 49 -48.91 16.84 34.10
N GLY C 50 -48.40 16.92 32.88
CA GLY C 50 -48.19 15.74 32.02
C GLY C 50 -46.84 15.85 31.33
N ARG C 51 -46.28 14.71 30.93
CA ARG C 51 -45.04 14.64 30.14
C ARG C 51 -45.07 13.49 29.13
N ALA C 52 -44.39 13.70 28.01
CA ALA C 52 -44.27 12.74 26.94
C ALA C 52 -42.82 12.74 26.47
N LEU C 53 -42.11 11.61 26.62
CA LEU C 53 -40.72 11.47 26.16
C LEU C 53 -40.60 10.52 24.99
N TYR C 54 -39.57 10.69 24.15
CA TYR C 54 -39.29 9.67 23.16
C TYR C 54 -38.90 8.37 23.85
N ALA C 55 -39.45 7.25 23.41
CA ALA C 55 -39.25 5.97 24.13
C ALA C 55 -37.82 5.48 24.23
N SER C 56 -36.87 6.09 23.51
CA SER C 56 -35.46 5.68 23.66
C SER C 56 -34.54 6.86 23.94
N PRO C 57 -33.61 6.66 24.86
CA PRO C 57 -32.60 7.59 25.30
C PRO C 57 -31.81 8.06 24.12
N ILE C 58 -31.36 9.31 24.18
CA ILE C 58 -30.49 9.88 23.16
C ILE C 58 -29.09 10.06 23.74
N ASN C 59 -28.10 9.65 22.94
CA ASN C 59 -26.71 9.79 23.30
C ASN C 59 -26.36 11.24 22.96
N ILE C 60 -26.26 12.05 24.02
CA ILE C 60 -25.93 13.48 23.89
C ILE C 60 -24.43 13.76 23.83
N TRP C 61 -23.63 12.92 24.49
CA TRP C 61 -22.19 13.09 24.46
C TRP C 61 -21.46 11.85 24.85
N ASP C 62 -20.19 11.77 24.49
CA ASP C 62 -19.41 10.58 24.76
C ASP C 62 -18.21 10.89 25.68
N SER C 63 -18.06 10.18 26.79
CA SER C 63 -16.94 10.48 27.70
C SER C 63 -15.58 10.00 27.22
N LYS C 64 -15.52 8.80 26.62
CA LYS C 64 -14.27 8.30 26.05
C LYS C 64 -13.61 9.36 25.19
N THR C 65 -14.37 9.88 24.25
CA THR C 65 -13.89 10.76 23.23
C THR C 65 -14.20 12.20 23.59
N GLY C 66 -15.03 12.40 24.61
CA GLY C 66 -15.44 13.74 24.99
C GLY C 66 -16.24 14.50 23.93
N VAL C 67 -16.70 13.82 22.88
CA VAL C 67 -17.37 14.54 21.84
C VAL C 67 -18.84 14.75 22.25
N VAL C 68 -19.48 15.82 21.75
CA VAL C 68 -20.84 16.21 22.15
C VAL C 68 -21.76 16.40 20.95
N ALA C 69 -23.01 15.95 21.10
CA ALA C 69 -24.05 15.93 20.05
C ALA C 69 -24.57 17.30 19.68
N SER C 70 -24.84 17.49 18.39
CA SER C 70 -25.71 18.58 17.92
C SER C 70 -27.09 18.01 17.73
N PHE C 71 -28.13 18.83 17.73
CA PHE C 71 -29.52 18.40 17.50
C PHE C 71 -30.41 19.60 17.12
N ALA C 72 -31.30 19.40 16.16
CA ALA C 72 -32.46 20.27 15.97
C ALA C 72 -33.75 19.57 16.50
N THR C 73 -34.70 20.36 16.98
CA THR C 73 -36.07 19.88 17.09
C THR C 73 -37.09 20.94 16.78
N SER C 74 -38.12 20.54 16.06
CA SER C 74 -39.28 21.39 15.82
C SER C 74 -40.59 20.73 16.26
N PHE C 75 -41.60 21.56 16.47
CA PHE C 75 -42.94 21.14 16.90
C PHE C 75 -43.97 22.26 16.76
N ARG C 76 -45.24 21.87 16.60
CA ARG C 76 -46.38 22.78 16.62
C ARG C 76 -47.03 22.57 17.97
N PHE C 77 -47.43 23.64 18.66
CA PHE C 77 -48.27 23.51 19.87
C PHE C 77 -49.21 24.71 20.06
N THR C 78 -50.33 24.46 20.75
CA THR C 78 -51.37 25.47 20.99
C THR C 78 -51.63 25.53 22.49
N ILE C 79 -51.60 26.76 23.02
CA ILE C 79 -52.06 27.02 24.36
C ILE C 79 -53.36 27.81 24.16
N TYR C 80 -54.45 27.20 24.66
CA TYR C 80 -55.76 27.84 24.68
C TYR C 80 -56.13 28.10 26.14
N ALA C 81 -56.57 29.33 26.38
CA ALA C 81 -57.01 29.80 27.69
C ALA C 81 -58.39 30.40 27.60
N PRO C 82 -59.29 29.93 28.46
CA PRO C 82 -60.67 30.46 28.49
C PRO C 82 -60.77 31.96 28.91
N ASN C 83 -59.95 32.38 29.86
CA ASN C 83 -59.71 33.81 30.06
C ASN C 83 -58.21 34.12 29.92
N ILE C 84 -57.86 34.85 28.85
CA ILE C 84 -56.49 35.25 28.53
C ILE C 84 -55.74 35.75 29.77
N ALA C 85 -56.48 36.25 30.76
CA ALA C 85 -55.93 37.01 31.90
C ALA C 85 -55.83 36.24 33.23
N THR C 86 -56.12 34.94 33.20
CA THR C 86 -55.80 34.02 34.30
C THR C 86 -55.19 32.75 33.68
N ILE C 87 -53.88 32.79 33.48
CA ILE C 87 -53.19 31.74 32.75
C ILE C 87 -51.95 31.24 33.47
N ALA C 88 -51.81 29.93 33.48
CA ALA C 88 -50.71 29.25 34.14
C ALA C 88 -50.78 27.82 33.60
N ASP C 89 -49.74 27.03 33.78
CA ASP C 89 -48.45 27.54 34.11
C ASP C 89 -47.50 27.70 32.94
N GLY C 90 -47.45 26.72 32.04
CA GLY C 90 -46.52 26.75 30.90
C GLY C 90 -46.14 25.36 30.42
N LEU C 91 -45.40 25.29 29.33
CA LEU C 91 -44.87 24.01 28.84
C LEU C 91 -43.35 24.15 28.58
N ALA C 92 -42.64 23.02 28.45
CA ALA C 92 -41.22 22.98 28.07
C ALA C 92 -40.89 21.73 27.24
N PHE C 93 -39.86 21.87 26.40
CA PHE C 93 -39.14 20.76 25.82
C PHE C 93 -37.89 20.54 26.70
N PHE C 94 -37.67 19.32 27.17
CA PHE C 94 -36.51 19.08 28.05
C PHE C 94 -35.57 17.89 27.70
N LEU C 95 -34.40 17.83 28.34
CA LEU C 95 -33.47 16.71 28.25
C LEU C 95 -33.11 16.46 29.71
N ALA C 96 -33.47 15.29 30.24
CA ALA C 96 -33.25 14.93 31.62
C ALA C 96 -32.66 13.53 31.60
N PRO C 97 -32.05 13.06 32.71
CA PRO C 97 -31.54 11.69 32.63
C PRO C 97 -32.69 10.70 32.40
N VAL C 98 -32.44 9.59 31.71
CA VAL C 98 -33.37 8.44 31.75
C VAL C 98 -33.31 7.94 33.19
N SER C 99 -34.43 7.57 33.79
CA SER C 99 -35.74 7.50 33.21
C SER C 99 -36.48 8.38 34.24
N SER C 100 -36.24 9.68 34.13
CA SER C 100 -36.61 10.67 35.16
C SER C 100 -38.07 10.60 35.52
N PRO C 101 -38.34 10.49 36.84
CA PRO C 101 -39.72 10.66 37.32
C PRO C 101 -40.20 12.09 36.94
N PRO C 102 -41.51 12.26 36.68
CA PRO C 102 -42.03 13.63 36.57
C PRO C 102 -42.02 14.31 37.96
N LYS C 103 -41.70 15.60 37.99
CA LYS C 103 -41.42 16.28 39.25
C LYS C 103 -42.47 17.40 39.43
N ALA C 104 -42.31 18.26 40.43
CA ALA C 104 -43.38 19.14 40.88
C ALA C 104 -44.10 19.90 39.73
N GLY C 105 -45.36 20.27 39.97
CA GLY C 105 -46.14 20.93 38.95
C GLY C 105 -46.26 22.44 39.11
N ALA C 106 -47.34 22.98 38.58
CA ALA C 106 -47.56 24.39 38.63
C ALA C 106 -46.46 25.21 37.91
N GLY C 107 -45.90 26.20 38.56
CA GLY C 107 -44.75 26.87 38.02
C GLY C 107 -43.45 26.07 37.87
N PHE C 108 -43.35 24.92 38.55
CA PHE C 108 -42.17 24.05 38.36
C PHE C 108 -42.22 23.31 37.01
N LEU C 109 -43.38 23.35 36.33
CA LEU C 109 -43.55 22.83 34.96
C LEU C 109 -43.28 21.31 34.80
N GLY C 110 -43.19 20.60 35.92
CA GLY C 110 -43.04 19.13 35.96
C GLY C 110 -41.60 18.69 35.82
N LEU C 111 -40.68 19.63 35.99
CA LEU C 111 -39.28 19.40 35.64
C LEU C 111 -38.40 19.56 36.86
N PHE C 112 -38.91 20.29 37.84
CA PHE C 112 -38.13 20.71 39.01
C PHE C 112 -39.00 20.56 40.25
N ASP C 113 -38.37 20.45 41.42
CA ASP C 113 -39.11 20.24 42.67
C ASP C 113 -39.27 21.48 43.57
N SER C 114 -38.53 22.55 43.24
CA SER C 114 -38.46 23.79 44.00
C SER C 114 -37.70 24.88 43.24
N ALA C 115 -37.61 26.05 43.86
CA ALA C 115 -36.88 27.17 43.31
C ALA C 115 -35.38 26.84 43.18
N VAL C 116 -34.87 25.96 44.04
CA VAL C 116 -33.43 25.72 44.06
C VAL C 116 -32.80 25.06 42.79
N PHE C 117 -31.76 25.67 42.31
CA PHE C 117 -30.85 25.03 41.39
C PHE C 117 -30.20 23.78 42.01
N ASN C 118 -29.95 22.75 41.18
CA ASN C 118 -29.37 21.50 41.63
C ASN C 118 -28.67 20.98 40.39
N SER C 119 -27.45 20.50 40.57
CA SER C 119 -26.68 19.82 39.54
C SER C 119 -27.30 18.47 39.21
N SER C 120 -27.75 17.77 40.25
CA SER C 120 -28.21 16.42 40.07
C SER C 120 -29.59 16.34 39.37
N TYR C 121 -30.22 17.47 39.02
CA TYR C 121 -31.27 17.47 38.00
C TYR C 121 -30.79 16.96 36.63
N GLN C 122 -29.63 17.44 36.16
CA GLN C 122 -29.08 17.13 34.82
C GLN C 122 -30.20 17.21 33.81
N THR C 123 -30.93 18.31 33.96
CA THR C 123 -32.01 18.74 33.10
C THR C 123 -31.65 20.05 32.40
N VAL C 124 -31.83 20.08 31.09
CA VAL C 124 -31.79 21.32 30.34
C VAL C 124 -33.19 21.38 29.77
N ALA C 125 -33.77 22.57 29.74
CA ALA C 125 -35.12 22.76 29.20
C ALA C 125 -35.20 24.10 28.44
N VAL C 126 -36.02 24.10 27.40
CA VAL C 126 -36.53 25.33 26.82
C VAL C 126 -37.98 25.46 27.24
N GLU C 127 -38.20 26.54 27.97
CA GLU C 127 -39.40 26.84 28.73
C GLU C 127 -40.38 27.74 27.94
N PHE C 128 -41.68 27.48 28.07
CA PHE C 128 -42.65 28.43 27.54
C PHE C 128 -43.55 28.85 28.68
N ASP C 129 -43.30 30.01 29.24
CA ASP C 129 -43.74 30.29 30.60
C ASP C 129 -44.92 31.27 30.58
N THR C 130 -46.03 30.92 31.23
CA THR C 130 -47.26 31.68 31.08
C THR C 130 -47.73 32.43 32.34
N TYR C 131 -46.95 32.32 33.41
CA TYR C 131 -47.29 32.90 34.68
C TYR C 131 -46.00 33.42 35.36
N GLU C 132 -46.05 34.63 35.89
CA GLU C 132 -44.90 35.11 36.61
C GLU C 132 -44.73 34.52 38.02
N ASN C 133 -43.67 33.73 38.24
CA ASN C 133 -43.31 33.30 39.61
C ASN C 133 -42.14 34.12 40.10
N THR C 134 -42.44 35.11 40.96
CA THR C 134 -41.40 36.00 41.46
C THR C 134 -40.40 35.17 42.27
N VAL C 135 -40.85 34.03 42.81
CA VAL C 135 -39.93 33.23 43.59
C VAL C 135 -38.81 32.59 42.71
N PHE C 136 -39.00 32.60 41.40
CA PHE C 136 -38.03 31.98 40.47
C PHE C 136 -37.33 33.04 39.59
N LEU C 137 -37.47 34.31 40.00
CA LEU C 137 -37.00 35.41 39.17
C LEU C 137 -37.64 35.55 37.80
N ASP C 138 -38.89 35.15 37.65
CA ASP C 138 -39.57 35.34 36.35
C ASP C 138 -39.75 36.81 35.95
N PRO C 139 -39.31 37.20 34.75
CA PRO C 139 -39.72 38.51 34.24
C PRO C 139 -41.22 38.80 34.24
N PRO C 140 -41.56 40.09 34.28
CA PRO C 140 -42.95 40.48 34.42
C PRO C 140 -43.84 39.94 33.29
N ASP C 141 -43.25 39.69 32.12
CA ASP C 141 -44.06 39.20 31.00
C ASP C 141 -43.96 37.70 30.74
N THR C 142 -44.89 37.16 29.96
CA THR C 142 -44.82 35.79 29.50
C THR C 142 -43.56 35.67 28.61
N HIS C 143 -42.88 34.54 28.72
CA HIS C 143 -41.51 34.51 28.21
C HIS C 143 -41.12 33.14 27.77
N ILE C 144 -40.21 33.05 26.81
CA ILE C 144 -39.43 31.83 26.64
C ILE C 144 -38.14 31.97 27.49
N GLY C 145 -37.58 30.86 27.96
CA GLY C 145 -36.36 30.94 28.78
C GLY C 145 -35.59 29.65 28.71
N ILE C 146 -34.27 29.71 28.89
CA ILE C 146 -33.45 28.50 28.94
C ILE C 146 -33.22 28.16 30.42
N ASP C 147 -33.58 26.94 30.79
CA ASP C 147 -33.38 26.46 32.15
C ASP C 147 -32.30 25.43 32.19
N VAL C 148 -31.34 25.59 33.09
CA VAL C 148 -30.25 24.65 33.31
C VAL C 148 -30.13 24.23 34.79
N ASN C 149 -30.61 23.04 35.12
CA ASN C 149 -30.61 22.53 36.49
C ASN C 149 -31.50 23.35 37.42
N SER C 150 -32.23 24.31 36.86
CA SER C 150 -32.99 25.19 37.71
C SER C 150 -34.18 25.77 37.01
N ILE C 151 -35.21 26.01 37.80
CA ILE C 151 -36.44 26.63 37.32
C ILE C 151 -36.22 28.12 37.08
N LYS C 152 -35.13 28.70 37.60
CA LYS C 152 -34.77 30.09 37.27
C LYS C 152 -33.98 30.12 35.97
N SER C 153 -34.58 30.58 34.90
CA SER C 153 -33.89 30.67 33.62
C SER C 153 -32.52 31.35 33.70
N ILE C 154 -31.56 30.92 32.89
CA ILE C 154 -30.31 31.70 32.79
C ILE C 154 -30.53 32.88 31.88
N LYS C 155 -31.58 32.79 31.04
CA LYS C 155 -31.89 33.85 30.13
C LYS C 155 -33.30 33.68 29.68
N THR C 156 -33.95 34.78 29.29
CA THR C 156 -35.34 34.75 28.85
C THR C 156 -35.53 35.83 27.76
N VAL C 157 -36.69 35.77 27.10
CA VAL C 157 -37.14 36.88 26.25
C VAL C 157 -38.67 36.86 26.29
N LYS C 158 -39.27 38.05 26.16
CA LYS C 158 -40.72 38.25 26.14
C LYS C 158 -41.25 37.34 25.03
N TRP C 159 -42.20 36.49 25.39
CA TRP C 159 -42.99 35.73 24.45
C TRP C 159 -44.42 36.21 24.61
N ASP C 160 -44.97 36.80 23.58
CA ASP C 160 -46.40 37.16 23.66
C ASP C 160 -47.30 36.11 23.12
N LEU C 161 -47.98 35.42 24.03
CA LEU C 161 -48.93 34.37 23.73
C LEU C 161 -50.03 34.87 22.81
N ALA C 162 -50.33 34.17 21.69
CA ALA C 162 -51.55 34.39 20.89
C ALA C 162 -52.58 33.29 21.15
N ASN C 163 -53.65 33.60 21.89
CA ASN C 163 -54.52 32.61 22.55
C ASN C 163 -55.26 31.69 21.57
N GLY C 164 -55.05 30.39 21.71
CA GLY C 164 -55.64 29.43 20.78
C GLY C 164 -54.98 29.22 19.42
N GLU C 165 -53.87 29.92 19.15
CA GLU C 165 -53.15 29.82 17.85
C GLU C 165 -51.92 28.91 17.93
N ALA C 166 -51.77 28.07 16.91
CA ALA C 166 -50.61 27.18 16.80
C ALA C 166 -49.33 27.99 16.70
N ALA C 167 -48.43 27.72 17.61
CA ALA C 167 -47.05 28.18 17.51
C ALA C 167 -46.19 27.10 16.86
N LYS C 168 -45.31 27.52 15.96
CA LYS C 168 -44.29 26.66 15.36
C LYS C 168 -42.99 26.99 16.09
N VAL C 169 -42.30 25.97 16.61
CA VAL C 169 -41.02 26.20 17.34
C VAL C 169 -39.84 25.53 16.62
N LEU C 170 -38.73 26.25 16.56
CA LEU C 170 -37.43 25.64 16.22
C LEU C 170 -36.43 25.76 17.37
N ILE C 171 -35.93 24.61 17.85
CA ILE C 171 -34.83 24.56 18.85
C ILE C 171 -33.61 23.86 18.28
N THR C 172 -32.47 24.53 18.42
CA THR C 172 -31.23 24.05 17.90
C THR C 172 -30.14 24.02 18.99
N TYR C 173 -29.24 23.06 18.92
CA TYR C 173 -27.98 23.08 19.68
C TYR C 173 -26.77 22.89 18.77
N ASP C 174 -25.85 23.86 18.78
CA ASP C 174 -24.63 23.73 18.01
C ASP C 174 -23.51 23.41 19.00
N SER C 175 -23.17 22.12 19.11
CA SER C 175 -22.13 21.67 20.06
C SER C 175 -20.76 22.28 19.82
N SER C 176 -20.54 22.69 18.58
CA SER C 176 -19.29 23.26 18.15
C SER C 176 -19.15 24.63 18.78
N ALA C 177 -20.28 25.26 19.02
CA ALA C 177 -20.24 26.55 19.69
C ALA C 177 -21.09 26.52 20.96
N LYS C 178 -21.18 25.34 21.61
CA LYS C 178 -22.03 25.17 22.79
C LYS C 178 -23.27 26.07 22.82
N LEU C 179 -23.94 26.29 21.71
CA LEU C 179 -24.95 27.37 21.63
C LEU C 179 -26.34 26.82 21.34
N LEU C 180 -27.29 27.12 22.25
CA LEU C 180 -28.70 26.66 22.19
C LEU C 180 -29.56 27.82 21.77
N VAL C 181 -30.42 27.59 20.78
CA VAL C 181 -31.35 28.66 20.29
C VAL C 181 -32.81 28.19 20.26
N ALA C 182 -33.71 28.97 20.84
CA ALA C 182 -35.15 28.70 20.68
C ALA C 182 -35.77 29.84 19.89
N ALA C 183 -36.66 29.50 18.95
CA ALA C 183 -37.46 30.50 18.21
C ALA C 183 -38.90 30.05 18.09
N LEU C 184 -39.80 31.00 18.25
CA LEU C 184 -41.18 30.66 18.05
C LEU C 184 -41.87 31.66 17.08
N VAL C 185 -42.63 31.14 16.14
CA VAL C 185 -43.40 31.97 15.20
C VAL C 185 -44.90 31.57 15.24
N TYR C 186 -45.81 32.52 15.48
CA TYR C 186 -47.25 32.29 15.24
C TYR C 186 -47.55 32.65 13.78
N PRO C 187 -47.66 31.64 12.90
CA PRO C 187 -47.82 31.91 11.48
C PRO C 187 -49.03 32.78 11.20
N SER C 188 -50.10 32.66 12.01
CA SER C 188 -51.34 33.48 11.83
C SER C 188 -51.21 34.97 12.14
N SER C 189 -50.41 35.30 13.14
CA SER C 189 -50.26 36.68 13.58
C SER C 189 -48.98 37.26 13.03
N LYS C 190 -48.29 36.49 12.18
CA LYS C 190 -46.95 36.84 11.60
C LYS C 190 -45.95 37.40 12.66
N THR C 191 -45.94 36.78 13.83
CA THR C 191 -45.26 37.34 14.96
C THR C 191 -44.21 36.35 15.48
N SER C 192 -43.07 36.86 15.98
CA SER C 192 -41.93 35.96 16.29
C SER C 192 -41.05 36.36 17.47
N PHE C 193 -40.23 35.42 17.96
CA PHE C 193 -39.43 35.58 19.18
C PHE C 193 -38.27 34.60 19.10
N ILE C 194 -37.11 34.96 19.62
CA ILE C 194 -35.90 34.15 19.45
C ILE C 194 -35.07 34.41 20.66
N LEU C 195 -34.30 33.42 21.04
CA LEU C 195 -33.60 33.43 22.31
C LEU C 195 -32.33 32.60 22.18
N SER C 196 -31.22 33.18 22.54
CA SER C 196 -29.95 32.52 22.32
C SER C 196 -29.15 32.47 23.61
N ASP C 197 -28.57 31.32 23.89
CA ASP C 197 -27.57 31.28 24.94
C ASP C 197 -26.61 30.14 24.76
N VAL C 198 -25.48 30.23 25.49
CA VAL C 198 -24.49 29.18 25.61
C VAL C 198 -24.84 28.26 26.79
N VAL C 199 -24.87 26.95 26.53
CA VAL C 199 -24.97 25.96 27.59
C VAL C 199 -24.15 24.79 27.17
N ASP C 200 -23.31 24.30 28.06
CA ASP C 200 -22.40 23.18 27.77
C ASP C 200 -23.00 21.78 27.53
N LEU C 201 -23.68 21.23 28.49
CA LEU C 201 -24.24 19.88 28.30
C LEU C 201 -23.29 18.75 28.68
N LYS C 202 -22.10 18.73 28.14
CA LYS C 202 -21.08 17.81 28.60
C LYS C 202 -20.93 17.93 30.12
N SER C 203 -21.01 19.16 30.61
CA SER C 203 -20.79 19.39 32.04
C SER C 203 -22.10 19.29 32.83
N VAL C 204 -23.22 19.26 32.12
CA VAL C 204 -24.51 19.43 32.76
C VAL C 204 -25.45 18.21 32.66
N LEU C 205 -25.26 17.35 31.65
CA LEU C 205 -26.18 16.27 31.34
C LEU C 205 -25.45 14.95 31.29
N PRO C 206 -26.16 13.81 31.49
CA PRO C 206 -25.47 12.51 31.29
C PRO C 206 -25.24 12.18 29.81
N GLU C 207 -24.47 11.13 29.56
CA GLU C 207 -24.17 10.71 28.19
C GLU C 207 -25.47 10.39 27.44
N TRP C 208 -26.41 9.81 28.17
CA TRP C 208 -27.71 9.39 27.69
C TRP C 208 -28.80 10.07 28.46
N VAL C 209 -29.73 10.64 27.69
CA VAL C 209 -30.83 11.44 28.22
C VAL C 209 -32.13 11.13 27.51
N SER C 210 -33.22 11.15 28.25
CA SER C 210 -34.50 10.95 27.62
C SER C 210 -34.85 12.37 27.16
N ILE C 211 -35.71 12.53 26.15
CA ILE C 211 -36.12 13.87 25.64
C ILE C 211 -37.62 13.89 25.39
N GLY C 212 -38.24 15.01 25.69
CA GLY C 212 -39.61 15.22 25.31
C GLY C 212 -40.10 16.57 25.76
N PHE C 213 -41.33 16.58 26.19
CA PHE C 213 -42.10 17.74 26.53
C PHE C 213 -42.62 17.50 27.95
N SER C 214 -42.91 18.63 28.61
CA SER C 214 -43.50 18.65 29.94
C SER C 214 -44.40 19.84 30.10
N ALA C 215 -45.51 19.67 30.80
CA ALA C 215 -46.35 20.82 31.03
C ALA C 215 -47.13 20.79 32.33
N ALA C 216 -47.70 21.95 32.68
CA ALA C 216 -48.50 22.06 33.91
C ALA C 216 -49.55 23.18 33.79
N THR C 217 -50.68 23.02 34.48
CA THR C 217 -51.63 24.13 34.69
C THR C 217 -51.45 24.75 36.09
N GLY C 218 -52.16 25.83 36.35
CA GLY C 218 -52.05 26.51 37.65
C GLY C 218 -52.37 25.69 38.88
N ALA C 219 -52.02 26.25 40.04
CA ALA C 219 -52.33 25.66 41.36
C ALA C 219 -53.69 26.12 41.95
N SER C 220 -54.33 27.11 41.33
CA SER C 220 -55.66 27.57 41.79
C SER C 220 -56.67 27.65 40.64
N SER C 221 -57.94 27.34 40.92
CA SER C 221 -58.94 27.27 39.84
C SER C 221 -58.95 28.53 38.97
N GLY C 222 -59.26 28.35 37.69
CA GLY C 222 -59.36 29.49 36.80
C GLY C 222 -58.03 29.83 36.15
N TYR C 223 -56.93 29.40 36.76
CA TYR C 223 -55.56 29.61 36.25
C TYR C 223 -55.12 28.52 35.29
N ILE C 224 -55.89 28.38 34.22
CA ILE C 224 -55.88 27.17 33.41
C ILE C 224 -55.68 27.48 31.93
N GLU C 225 -54.94 26.62 31.25
CA GLU C 225 -54.79 26.68 29.81
C GLU C 225 -54.41 25.28 29.38
N THR C 226 -54.75 24.90 28.15
CA THR C 226 -54.19 23.70 27.52
C THR C 226 -52.66 23.78 27.21
N HIS C 227 -52.07 22.61 26.92
CA HIS C 227 -50.73 22.48 26.33
C HIS C 227 -50.77 21.34 25.37
N ASP C 228 -51.19 21.69 24.15
CA ASP C 228 -51.47 20.70 23.11
C ASP C 228 -50.39 20.69 22.05
N VAL C 229 -49.82 19.51 21.77
CA VAL C 229 -48.71 19.37 20.81
C VAL C 229 -49.19 18.63 19.56
N PHE C 230 -48.91 19.17 18.38
CA PHE C 230 -49.49 18.62 17.14
C PHE C 230 -48.60 17.75 16.28
N SER C 231 -47.30 17.98 16.35
CA SER C 231 -46.34 17.24 15.54
C SER C 231 -45.03 17.41 16.26
N TRP C 232 -44.06 16.63 15.90
CA TRP C 232 -42.78 16.74 16.52
C TRP C 232 -41.70 16.01 15.74
N SER C 233 -40.71 16.70 15.22
CA SER C 233 -39.51 16.04 14.70
C SER C 233 -38.29 16.34 15.54
N PHE C 234 -37.28 15.50 15.41
CA PHE C 234 -36.05 15.66 16.19
C PHE C 234 -34.91 15.03 15.40
N ALA C 235 -33.73 15.66 15.41
CA ALA C 235 -32.56 15.08 14.77
C ALA C 235 -31.33 15.31 15.65
N SER C 236 -30.46 14.31 15.75
CA SER C 236 -29.24 14.41 16.58
C SER C 236 -28.07 13.76 15.84
N LYS C 237 -26.98 14.49 15.64
CA LYS C 237 -25.76 13.83 15.22
C LYS C 237 -24.66 13.97 16.29
N LEU C 238 -23.93 12.88 16.53
CA LEU C 238 -22.82 12.87 17.45
C LEU C 238 -21.71 12.17 16.68
N SER C 239 -20.75 12.96 16.21
CA SER C 239 -19.50 12.47 15.65
C SER C 239 -18.48 12.29 16.77
N PHE C 240 -17.73 11.18 16.75
CA PHE C 240 -16.77 10.86 17.80
C PHE C 240 -15.35 11.42 17.65
N LEU C 247 -28.87 19.54 11.71
CA LEU C 247 -27.53 19.00 11.63
C LEU C 247 -26.89 19.40 10.32
N ASP C 248 -27.64 19.22 9.27
CA ASP C 248 -27.63 20.07 8.14
C ASP C 248 -29.03 20.64 8.28
N LEU C 249 -29.14 21.56 9.21
CA LEU C 249 -30.42 22.03 9.70
C LEU C 249 -31.36 22.42 8.58
N ALA C 250 -30.84 23.18 7.61
CA ALA C 250 -31.56 23.63 6.41
C ALA C 250 -32.31 22.48 5.78
N SER C 251 -31.65 21.34 5.59
CA SER C 251 -32.35 20.12 5.13
C SER C 251 -33.33 19.54 6.17
N PHE C 252 -32.93 19.56 7.44
CA PHE C 252 -33.76 19.05 8.53
C PHE C 252 -35.17 19.70 8.52
N LEU C 253 -35.24 20.99 8.84
CA LEU C 253 -36.49 21.78 8.78
C LEU C 253 -37.47 21.46 7.64
N VAL C 254 -36.97 21.49 6.38
CA VAL C 254 -37.82 21.32 5.16
C VAL C 254 -38.20 19.87 4.89
N ALA C 255 -37.50 18.95 5.55
CA ALA C 255 -37.96 17.59 5.71
C ALA C 255 -38.53 17.44 7.12
N ASN C 256 -38.93 18.56 7.73
CA ASN C 256 -39.40 18.66 9.13
C ASN C 256 -38.37 18.27 10.21
N THR D 1 -45.78 14.09 -5.07
CA THR D 1 -44.83 13.96 -6.23
C THR D 1 -43.76 15.05 -6.10
N THR D 2 -42.66 14.75 -5.38
CA THR D 2 -41.71 15.77 -4.96
C THR D 2 -40.34 15.79 -5.63
N ASN D 3 -40.02 16.91 -6.25
CA ASN D 3 -38.65 17.23 -6.59
C ASN D 3 -37.95 17.85 -5.38
N THR D 4 -36.65 17.71 -5.30
CA THR D 4 -35.89 18.42 -4.28
C THR D 4 -34.57 18.83 -4.90
N ASP D 5 -33.98 19.93 -4.41
CA ASP D 5 -32.64 20.39 -4.80
C ASP D 5 -31.99 20.92 -3.51
N SER D 6 -30.73 20.57 -3.27
CA SER D 6 -30.05 20.92 -2.00
C SER D 6 -28.56 20.90 -2.22
N PHE D 7 -27.81 21.69 -1.47
CA PHE D 7 -26.36 21.58 -1.51
C PHE D 7 -25.98 22.26 -0.23
N THR D 8 -24.74 22.02 0.18
CA THR D 8 -24.13 22.68 1.30
C THR D 8 -22.67 22.98 0.91
N PHE D 9 -22.35 24.28 0.85
CA PHE D 9 -20.97 24.71 0.77
C PHE D 9 -20.52 25.07 2.18
N SER D 10 -19.75 24.21 2.82
CA SER D 10 -19.15 24.54 4.10
C SER D 10 -17.83 25.33 3.96
N LYS D 11 -17.17 25.16 2.80
CA LYS D 11 -16.13 26.13 2.32
C LYS D 11 -16.58 26.77 1.03
N PHE D 12 -15.87 27.80 0.60
CA PHE D 12 -15.90 28.22 -0.78
C PHE D 12 -14.54 27.90 -1.38
N LYS D 13 -14.50 27.79 -2.70
CA LYS D 13 -13.28 27.48 -3.42
C LYS D 13 -13.13 28.43 -4.61
N PRO D 14 -11.92 28.96 -4.82
CA PRO D 14 -11.64 29.82 -5.96
C PRO D 14 -12.24 29.26 -7.24
N ASN D 15 -12.92 30.10 -7.99
CA ASN D 15 -13.41 29.71 -9.30
C ASN D 15 -14.46 28.58 -9.41
N GLN D 16 -14.94 28.06 -8.30
CA GLN D 16 -16.09 27.15 -8.20
C GLN D 16 -17.03 27.34 -9.40
N PRO D 17 -17.24 26.27 -10.19
CA PRO D 17 -18.17 26.31 -11.34
C PRO D 17 -19.67 26.15 -11.01
N ASN D 18 -19.98 25.75 -9.76
CA ASN D 18 -21.37 25.68 -9.26
C ASN D 18 -21.87 27.02 -8.72
N LEU D 19 -21.03 28.03 -8.83
CA LEU D 19 -21.35 29.37 -8.35
C LEU D 19 -21.21 30.37 -9.47
N LYS D 20 -22.26 31.15 -9.70
CA LYS D 20 -22.19 32.27 -10.64
C LYS D 20 -21.88 33.57 -9.85
N LYS D 21 -20.75 34.20 -10.14
CA LYS D 21 -20.35 35.44 -9.45
C LYS D 21 -20.48 36.68 -10.33
N GLN D 22 -20.96 37.78 -9.72
CA GLN D 22 -21.33 38.98 -10.48
C GLN D 22 -20.87 40.25 -9.80
N GLY D 23 -20.62 41.29 -10.61
CA GLY D 23 -20.04 42.54 -10.14
C GLY D 23 -18.68 42.26 -9.56
N ASP D 24 -18.52 42.55 -8.28
CA ASP D 24 -17.23 42.50 -7.63
C ASP D 24 -16.90 41.20 -6.88
N ALA D 25 -17.79 40.20 -6.94
CA ALA D 25 -17.60 38.94 -6.19
C ALA D 25 -16.34 38.10 -6.52
N THR D 26 -15.57 37.87 -5.47
CA THR D 26 -14.35 37.11 -5.45
C THR D 26 -14.69 35.96 -4.48
N VAL D 27 -14.09 34.80 -4.68
CA VAL D 27 -13.88 33.85 -3.59
C VAL D 27 -12.38 33.75 -3.33
N THR D 28 -11.94 34.02 -2.11
CA THR D 28 -10.52 34.06 -1.80
C THR D 28 -9.81 32.72 -1.76
N SER D 29 -8.49 32.76 -1.59
CA SER D 29 -7.65 31.59 -1.39
C SER D 29 -8.09 30.87 -0.13
N SER D 30 -8.46 31.62 0.89
CA SER D 30 -8.82 31.08 2.19
C SER D 30 -10.25 30.58 2.21
N GLY D 31 -10.94 30.66 1.08
CA GLY D 31 -12.27 30.11 1.02
C GLY D 31 -13.39 31.08 1.33
N THR D 32 -13.09 32.35 1.51
CA THR D 32 -14.16 33.29 1.75
C THR D 32 -14.80 33.82 0.48
N LEU D 33 -16.14 33.75 0.42
CA LEU D 33 -16.89 34.49 -0.57
C LEU D 33 -16.95 35.97 -0.18
N GLN D 34 -16.17 36.75 -0.91
CA GLN D 34 -16.04 38.17 -0.72
C GLN D 34 -16.96 38.92 -1.69
N LEU D 35 -18.22 39.08 -1.26
CA LEU D 35 -19.28 39.64 -2.09
C LEU D 35 -18.95 41.01 -2.65
N THR D 36 -18.11 41.74 -1.93
CA THR D 36 -17.84 43.13 -2.21
C THR D 36 -16.33 43.44 -2.08
N LYS D 37 -15.84 44.36 -2.91
CA LYS D 37 -14.41 44.72 -3.03
C LYS D 37 -13.65 45.01 -1.71
N VAL D 38 -12.48 44.40 -1.57
CA VAL D 38 -11.73 44.35 -0.30
C VAL D 38 -10.27 44.26 -0.71
N ASP D 39 -9.48 45.28 -0.42
CA ASP D 39 -8.07 45.26 -0.84
C ASP D 39 -7.21 44.33 0.05
N LYS D 40 -5.93 44.19 -0.32
CA LYS D 40 -4.97 43.29 0.36
C LYS D 40 -5.03 43.31 1.90
N ASN D 41 -5.30 44.49 2.48
CA ASN D 41 -5.25 44.70 3.93
C ASN D 41 -6.43 44.17 4.70
N GLY D 42 -7.56 44.06 4.02
CA GLY D 42 -8.80 43.75 4.69
C GLY D 42 -9.72 44.94 4.52
N VAL D 43 -9.24 45.95 3.81
CA VAL D 43 -9.94 47.22 3.76
C VAL D 43 -10.95 47.30 2.59
N PRO D 44 -12.25 47.18 2.91
CA PRO D 44 -13.35 47.31 1.97
C PRO D 44 -13.34 48.65 1.23
N ASP D 45 -13.77 48.67 -0.04
CA ASP D 45 -13.81 49.93 -0.80
C ASP D 45 -15.24 50.43 -1.03
N PRO D 46 -15.39 51.72 -1.39
CA PRO D 46 -16.69 52.32 -1.73
C PRO D 46 -17.19 51.86 -3.11
N LYS D 47 -18.28 52.46 -3.61
CA LYS D 47 -18.76 52.27 -5.00
C LYS D 47 -18.67 50.80 -5.49
N SER D 48 -18.90 49.87 -4.57
CA SER D 48 -18.87 48.43 -4.89
C SER D 48 -20.22 47.74 -4.84
N LEU D 49 -20.30 46.65 -5.59
CA LEU D 49 -21.50 45.90 -5.75
C LEU D 49 -21.07 44.52 -6.18
N GLY D 50 -21.58 43.50 -5.47
CA GLY D 50 -21.24 42.12 -5.72
C GLY D 50 -22.37 41.14 -5.50
N ARG D 51 -22.33 40.02 -6.22
CA ARG D 51 -23.45 39.09 -6.22
C ARG D 51 -22.98 37.64 -6.34
N ALA D 52 -23.69 36.72 -5.72
CA ALA D 52 -23.36 35.31 -5.90
C ALA D 52 -24.62 34.49 -6.14
N LEU D 53 -24.64 33.71 -7.21
CA LEU D 53 -25.73 32.79 -7.50
C LEU D 53 -25.27 31.33 -7.55
N TYR D 54 -26.18 30.44 -7.14
CA TYR D 54 -26.06 29.04 -7.41
C TYR D 54 -26.29 28.77 -8.90
N ALA D 55 -25.45 27.91 -9.48
CA ALA D 55 -25.35 27.75 -10.93
C ALA D 55 -26.62 27.16 -11.62
N SER D 56 -27.55 26.65 -10.82
CA SER D 56 -28.74 26.14 -11.45
C SER D 56 -29.95 26.80 -10.76
N PRO D 57 -30.94 27.22 -11.58
CA PRO D 57 -32.23 27.74 -11.12
C PRO D 57 -32.90 26.76 -10.22
N ILE D 58 -33.69 27.30 -9.30
CA ILE D 58 -34.56 26.55 -8.39
C ILE D 58 -35.98 26.70 -8.87
N ASN D 59 -36.68 25.56 -9.00
CA ASN D 59 -38.11 25.51 -9.31
C ASN D 59 -38.93 25.87 -8.06
N ILE D 60 -39.20 27.16 -7.82
CA ILE D 60 -39.92 27.54 -6.59
C ILE D 60 -41.45 27.46 -6.70
N TRP D 61 -42.00 27.50 -7.92
CA TRP D 61 -43.42 27.13 -8.10
C TRP D 61 -43.77 26.44 -9.40
N ASP D 62 -44.96 25.88 -9.50
CA ASP D 62 -45.35 25.12 -10.68
C ASP D 62 -46.73 25.48 -11.10
N SER D 63 -46.83 26.07 -12.30
CA SER D 63 -48.08 26.59 -12.78
C SER D 63 -49.08 25.51 -13.18
N LYS D 64 -48.63 24.32 -13.52
CA LYS D 64 -49.61 23.32 -13.91
C LYS D 64 -50.53 22.96 -12.76
N THR D 65 -49.98 22.95 -11.55
CA THR D 65 -50.68 22.39 -10.41
C THR D 65 -50.98 23.49 -9.41
N GLY D 66 -50.22 24.58 -9.50
CA GLY D 66 -50.33 25.65 -8.52
C GLY D 66 -49.60 25.26 -7.25
N VAL D 67 -48.69 24.30 -7.33
CA VAL D 67 -48.00 23.91 -6.12
C VAL D 67 -46.78 24.82 -5.91
N VAL D 68 -46.53 25.14 -4.64
CA VAL D 68 -45.51 26.10 -4.28
C VAL D 68 -44.47 25.38 -3.42
N ALA D 69 -43.18 25.64 -3.66
CA ALA D 69 -42.09 24.99 -2.90
C ALA D 69 -41.86 25.59 -1.51
N SER D 70 -41.41 24.75 -0.58
CA SER D 70 -40.86 25.21 0.69
C SER D 70 -39.38 25.20 0.57
N PHE D 71 -38.69 26.19 1.14
CA PHE D 71 -37.22 26.12 1.14
C PHE D 71 -36.60 26.52 2.47
N ALA D 72 -35.32 26.24 2.63
CA ALA D 72 -34.60 26.63 3.83
C ALA D 72 -33.16 26.84 3.43
N THR D 73 -32.60 27.96 3.85
CA THR D 73 -31.22 28.19 3.50
C THR D 73 -30.55 28.66 4.73
N SER D 74 -29.29 28.32 4.83
CA SER D 74 -28.52 28.74 5.98
C SER D 74 -27.18 29.27 5.48
N PHE D 75 -26.69 30.29 6.16
CA PHE D 75 -25.38 30.84 5.84
C PHE D 75 -24.79 31.55 7.08
N ARG D 76 -23.48 31.76 7.02
CA ARG D 76 -22.72 32.43 8.04
C ARG D 76 -22.00 33.61 7.32
N PHE D 77 -22.04 34.81 7.91
CA PHE D 77 -21.44 35.98 7.27
C PHE D 77 -20.91 37.03 8.26
N THR D 78 -19.91 37.80 7.82
CA THR D 78 -19.24 38.81 8.64
C THR D 78 -19.20 40.18 7.96
N ILE D 79 -19.74 41.21 8.62
CA ILE D 79 -19.59 42.61 8.20
C ILE D 79 -18.58 43.24 9.13
N TYR D 80 -17.40 43.56 8.58
CA TYR D 80 -16.38 44.34 9.24
C TYR D 80 -16.51 45.75 8.68
N ALA D 81 -16.52 46.74 9.57
CA ALA D 81 -16.50 48.14 9.15
C ALA D 81 -15.30 48.86 9.77
N PRO D 82 -14.38 49.41 8.92
CA PRO D 82 -13.29 50.24 9.42
C PRO D 82 -13.75 51.23 10.47
N ASN D 83 -14.95 51.80 10.29
CA ASN D 83 -15.58 52.72 11.25
C ASN D 83 -17.10 52.58 11.34
N ILE D 84 -17.54 52.00 12.46
CA ILE D 84 -18.92 51.58 12.66
C ILE D 84 -19.98 52.69 12.55
N ALA D 85 -19.55 53.94 12.72
CA ALA D 85 -20.44 55.11 12.64
C ALA D 85 -20.89 55.36 11.21
N THR D 86 -20.01 55.11 10.26
CA THR D 86 -20.31 55.30 8.84
C THR D 86 -20.42 53.93 8.19
N ILE D 87 -21.62 53.40 8.08
CA ILE D 87 -21.74 52.09 7.45
C ILE D 87 -22.81 52.08 6.34
N ALA D 88 -22.46 51.43 5.22
CA ALA D 88 -23.33 51.26 4.04
C ALA D 88 -22.75 50.11 3.17
N ASP D 89 -23.58 49.46 2.34
CA ASP D 89 -25.05 49.64 2.35
C ASP D 89 -25.79 48.42 2.87
N GLY D 90 -25.21 47.24 2.61
CA GLY D 90 -25.66 45.98 3.19
C GLY D 90 -25.56 44.78 2.25
N LEU D 91 -26.05 43.64 2.71
CA LEU D 91 -26.12 42.39 1.92
C LEU D 91 -27.56 41.84 1.94
N ALA D 92 -27.80 40.82 1.12
CA ALA D 92 -29.10 40.20 1.02
C ALA D 92 -29.05 38.82 0.37
N PHE D 93 -29.96 37.96 0.83
CA PHE D 93 -30.34 36.74 0.12
C PHE D 93 -31.57 37.03 -0.77
N PHE D 94 -31.52 36.56 -2.02
CA PHE D 94 -32.61 36.81 -2.92
C PHE D 94 -32.94 35.71 -3.91
N LEU D 95 -34.09 35.91 -4.56
CA LEU D 95 -34.64 34.99 -5.55
C LEU D 95 -35.13 35.91 -6.64
N ALA D 96 -34.47 35.91 -7.78
CA ALA D 96 -34.80 36.79 -8.88
C ALA D 96 -34.99 35.92 -10.12
N PRO D 97 -35.55 36.48 -11.22
CA PRO D 97 -35.57 35.64 -12.43
C PRO D 97 -34.14 35.29 -12.84
N VAL D 98 -33.99 34.27 -13.70
CA VAL D 98 -32.71 33.82 -14.23
C VAL D 98 -32.30 34.76 -15.36
N SER D 99 -30.99 34.90 -15.59
CA SER D 99 -30.42 35.84 -16.60
C SER D 99 -30.96 37.23 -16.35
N SER D 100 -31.21 37.53 -15.08
CA SER D 100 -31.70 38.83 -14.66
C SER D 100 -30.51 39.66 -14.18
N PRO D 101 -30.27 40.82 -14.83
CA PRO D 101 -29.06 41.63 -14.58
C PRO D 101 -28.97 42.26 -13.15
N PRO D 102 -27.75 42.32 -12.55
CA PRO D 102 -27.50 43.14 -11.33
C PRO D 102 -27.92 44.61 -11.52
N LYS D 103 -28.35 45.28 -10.46
CA LYS D 103 -29.05 46.55 -10.57
C LYS D 103 -28.36 47.53 -9.59
N ALA D 104 -28.95 48.70 -9.39
CA ALA D 104 -28.25 49.84 -8.81
C ALA D 104 -27.50 49.45 -7.51
N GLY D 105 -26.39 50.14 -7.24
CA GLY D 105 -25.59 49.93 -6.02
C GLY D 105 -26.13 50.71 -4.84
N ALA D 106 -25.34 50.75 -3.77
CA ALA D 106 -25.76 51.38 -2.53
C ALA D 106 -27.14 50.84 -2.10
N GLY D 107 -27.97 51.74 -1.56
CA GLY D 107 -29.25 51.39 -0.92
C GLY D 107 -30.02 50.34 -1.68
N PHE D 108 -29.86 50.35 -3.00
CA PHE D 108 -30.54 49.41 -3.87
C PHE D 108 -30.10 47.96 -3.63
N LEU D 109 -28.92 47.79 -3.05
CA LEU D 109 -28.36 46.48 -2.63
C LEU D 109 -28.10 45.59 -3.85
N GLY D 110 -27.98 46.26 -5.01
CA GLY D 110 -27.72 45.58 -6.28
C GLY D 110 -28.92 44.79 -6.81
N LEU D 111 -30.10 45.03 -6.21
CA LEU D 111 -31.34 44.34 -6.58
C LEU D 111 -32.45 45.24 -7.14
N PHE D 112 -32.34 46.54 -6.95
CA PHE D 112 -33.34 47.48 -7.47
C PHE D 112 -32.71 48.63 -8.20
N ASP D 113 -33.54 49.48 -8.81
CA ASP D 113 -33.00 50.58 -9.60
C ASP D 113 -33.46 51.88 -8.96
N SER D 114 -34.42 51.78 -8.05
CA SER D 114 -35.15 52.95 -7.64
C SER D 114 -35.99 52.66 -6.38
N ALA D 115 -36.56 53.70 -5.79
CA ALA D 115 -37.34 53.58 -4.57
C ALA D 115 -38.72 53.02 -4.91
N VAL D 116 -39.05 53.06 -6.19
CA VAL D 116 -40.37 52.66 -6.72
C VAL D 116 -40.63 51.12 -6.69
N PHE D 117 -41.78 50.72 -6.15
CA PHE D 117 -42.29 49.36 -6.30
C PHE D 117 -42.53 49.09 -7.79
N ASN D 118 -42.08 47.92 -8.22
CA ASN D 118 -42.37 47.41 -9.57
C ASN D 118 -42.51 45.88 -9.61
N SER D 119 -43.68 45.40 -9.97
CA SER D 119 -43.89 43.94 -9.95
C SER D 119 -42.92 43.23 -10.90
N SER D 120 -42.45 43.95 -11.93
CA SER D 120 -41.39 43.48 -12.86
C SER D 120 -40.13 42.93 -12.20
N TYR D 121 -39.62 43.61 -11.17
CA TYR D 121 -38.45 43.06 -10.41
C TYR D 121 -38.49 41.52 -10.26
N GLN D 122 -39.65 40.99 -9.85
CA GLN D 122 -39.86 39.56 -9.57
C GLN D 122 -38.79 39.08 -8.59
N THR D 123 -38.52 39.96 -7.63
CA THR D 123 -37.52 39.71 -6.64
C THR D 123 -38.16 39.60 -5.26
N VAL D 124 -37.83 38.52 -4.57
CA VAL D 124 -38.06 38.52 -3.16
C VAL D 124 -36.72 38.44 -2.47
N ALA D 125 -36.53 39.25 -1.43
CA ALA D 125 -35.26 39.29 -0.71
C ALA D 125 -35.40 39.59 0.77
N VAL D 126 -34.47 39.02 1.53
CA VAL D 126 -34.30 39.30 2.95
C VAL D 126 -33.03 40.09 2.98
N GLU D 127 -33.14 41.37 3.33
CA GLU D 127 -32.01 42.29 3.48
C GLU D 127 -31.41 42.39 4.89
N PHE D 128 -30.11 42.67 4.89
CA PHE D 128 -29.36 43.01 6.07
C PHE D 128 -28.82 44.38 5.73
N ASP D 129 -29.59 45.38 6.17
CA ASP D 129 -29.45 46.78 5.77
C ASP D 129 -28.77 47.59 6.88
N THR D 130 -27.74 48.34 6.49
CA THR D 130 -26.83 48.96 7.43
C THR D 130 -26.79 50.47 7.30
N TYR D 131 -27.59 51.02 6.41
CA TYR D 131 -27.61 52.43 6.21
C TYR D 131 -29.02 52.92 6.00
N GLU D 132 -29.39 54.02 6.63
CA GLU D 132 -30.76 54.44 6.49
C GLU D 132 -31.08 55.28 5.25
N ASN D 133 -31.91 54.74 4.37
CA ASN D 133 -32.38 55.45 3.20
C ASN D 133 -33.78 55.87 3.57
N THR D 134 -33.90 57.15 3.81
CA THR D 134 -35.12 57.80 4.25
C THR D 134 -36.06 57.91 3.03
N VAL D 135 -35.41 58.15 1.88
CA VAL D 135 -35.94 57.99 0.55
C VAL D 135 -36.67 56.62 0.35
N PHE D 136 -36.27 55.60 1.11
CA PHE D 136 -36.85 54.25 1.01
C PHE D 136 -37.79 53.87 2.16
N LEU D 137 -37.97 54.75 3.14
CA LEU D 137 -38.68 54.43 4.41
C LEU D 137 -37.92 53.46 5.31
N ASP D 138 -36.59 53.39 5.20
CA ASP D 138 -35.82 52.54 6.13
C ASP D 138 -36.05 52.94 7.57
N PRO D 139 -36.23 51.96 8.47
CA PRO D 139 -36.15 52.38 9.86
C PRO D 139 -34.77 52.99 10.12
N PRO D 140 -34.68 53.86 11.15
CA PRO D 140 -33.40 54.52 11.41
C PRO D 140 -32.35 53.52 11.92
N ASP D 141 -32.84 52.41 12.44
CA ASP D 141 -32.02 51.35 13.00
C ASP D 141 -31.47 50.50 11.86
N THR D 142 -30.27 49.96 12.04
CA THR D 142 -29.82 48.98 11.10
C THR D 142 -30.70 47.73 11.28
N HIS D 143 -31.06 47.10 10.16
CA HIS D 143 -32.23 46.24 10.15
C HIS D 143 -32.20 45.00 9.25
N ILE D 144 -33.02 44.01 9.60
CA ILE D 144 -33.37 42.91 8.72
C ILE D 144 -34.73 43.26 8.12
N GLY D 145 -34.80 43.27 6.79
CA GLY D 145 -36.08 43.57 6.10
C GLY D 145 -36.48 42.50 5.08
N ILE D 146 -37.76 42.44 4.73
CA ILE D 146 -38.23 41.52 3.72
C ILE D 146 -38.74 42.31 2.54
N ASP D 147 -38.06 42.20 1.41
CA ASP D 147 -38.45 42.99 0.26
C ASP D 147 -39.19 42.15 -0.77
N VAL D 148 -40.21 42.76 -1.39
CA VAL D 148 -41.05 42.14 -2.41
C VAL D 148 -41.30 43.17 -3.52
N ASN D 149 -40.48 43.11 -4.56
CA ASN D 149 -40.53 44.00 -5.73
C ASN D 149 -40.37 45.44 -5.39
N SER D 150 -39.57 45.69 -4.37
CA SER D 150 -39.34 47.00 -3.85
C SER D 150 -38.29 46.96 -2.74
N ILE D 151 -37.36 47.88 -2.76
CA ILE D 151 -36.39 48.06 -1.73
C ILE D 151 -37.03 48.70 -0.51
N LYS D 152 -38.21 49.26 -0.69
CA LYS D 152 -39.03 49.68 0.42
C LYS D 152 -39.62 48.45 1.07
N SER D 153 -38.92 47.96 2.08
CA SER D 153 -39.25 46.75 2.76
C SER D 153 -40.68 46.66 3.31
N ILE D 154 -41.38 45.54 3.10
CA ILE D 154 -42.76 45.34 3.65
C ILE D 154 -42.78 45.20 5.17
N LYS D 155 -41.71 44.65 5.76
CA LYS D 155 -41.59 44.61 7.21
C LYS D 155 -40.11 44.47 7.62
N THR D 156 -39.76 45.20 8.68
CA THR D 156 -38.38 45.23 9.13
C THR D 156 -38.30 44.95 10.65
N VAL D 157 -37.22 44.33 11.11
CA VAL D 157 -36.94 44.31 12.55
C VAL D 157 -35.49 44.76 12.84
N LYS D 158 -35.27 45.35 14.01
CA LYS D 158 -33.96 45.80 14.40
C LYS D 158 -32.98 44.65 14.29
N TRP D 159 -31.74 44.97 13.98
CA TRP D 159 -30.64 44.02 13.96
C TRP D 159 -29.44 44.80 14.35
N ASP D 160 -28.88 44.50 15.53
CA ASP D 160 -27.62 45.15 15.97
C ASP D 160 -26.42 44.38 15.46
N LEU D 161 -25.80 44.97 14.44
CA LEU D 161 -24.54 44.46 13.93
C LEU D 161 -23.55 44.26 15.05
N ALA D 162 -22.88 43.10 15.03
CA ALA D 162 -21.68 42.87 15.81
C ALA D 162 -20.55 42.93 14.81
N ASN D 163 -19.90 44.10 14.74
CA ASN D 163 -18.85 44.39 13.76
C ASN D 163 -17.70 43.38 13.77
N GLY D 164 -17.35 42.85 12.60
CA GLY D 164 -16.34 41.79 12.50
C GLY D 164 -16.72 40.39 13.03
N GLU D 165 -17.85 40.25 13.74
CA GLU D 165 -18.25 38.94 14.29
C GLU D 165 -19.10 38.18 13.28
N ALA D 166 -19.07 36.85 13.39
CA ALA D 166 -19.76 36.02 12.42
C ALA D 166 -21.22 35.77 12.79
N ALA D 167 -22.10 36.00 11.82
CA ALA D 167 -23.52 35.81 12.02
C ALA D 167 -23.94 34.52 11.38
N LYS D 168 -24.60 33.66 12.17
CA LYS D 168 -25.30 32.51 11.65
C LYS D 168 -26.76 32.87 11.36
N VAL D 169 -27.20 32.55 10.14
CA VAL D 169 -28.52 32.94 9.63
C VAL D 169 -29.37 31.74 9.21
N LEU D 170 -30.62 31.72 9.62
CA LEU D 170 -31.52 30.75 9.04
C LEU D 170 -32.69 31.46 8.32
N ILE D 171 -32.96 31.04 7.09
CA ILE D 171 -34.09 31.63 6.33
C ILE D 171 -34.98 30.54 5.89
N THR D 172 -36.24 30.72 6.21
CA THR D 172 -37.21 29.68 6.03
C THR D 172 -38.43 30.09 5.22
N TYR D 173 -38.98 29.18 4.42
CA TYR D 173 -40.25 29.43 3.72
C TYR D 173 -41.15 28.22 3.74
N ASP D 174 -42.20 28.29 4.57
CA ASP D 174 -43.25 27.30 4.60
C ASP D 174 -44.33 27.65 3.57
N SER D 175 -44.48 26.81 2.56
CA SER D 175 -45.35 27.15 1.42
C SER D 175 -46.83 27.09 1.76
N SER D 176 -47.20 26.16 2.63
CA SER D 176 -48.61 26.03 3.05
C SER D 176 -49.03 27.12 4.03
N ALA D 177 -48.07 27.71 4.73
CA ALA D 177 -48.41 28.86 5.56
C ALA D 177 -48.04 30.19 4.84
N LYS D 178 -47.47 30.08 3.63
CA LYS D 178 -46.87 31.23 2.93
C LYS D 178 -45.98 32.08 3.84
N LEU D 179 -45.20 31.44 4.70
CA LEU D 179 -44.52 32.17 5.77
C LEU D 179 -43.05 32.24 5.48
N LEU D 180 -42.50 33.44 5.45
CA LEU D 180 -41.08 33.58 5.20
C LEU D 180 -40.52 34.05 6.51
N VAL D 181 -39.39 33.49 6.93
CA VAL D 181 -38.92 33.71 8.30
C VAL D 181 -37.42 33.83 8.25
N ALA D 182 -36.91 34.88 8.87
CA ALA D 182 -35.46 35.10 8.94
C ALA D 182 -34.96 35.35 10.37
N ALA D 183 -33.91 34.62 10.70
CA ALA D 183 -33.33 34.63 12.03
C ALA D 183 -31.81 34.77 11.93
N LEU D 184 -31.31 35.75 12.67
CA LEU D 184 -29.89 35.96 12.76
C LEU D 184 -29.40 35.79 14.23
N VAL D 185 -28.28 35.09 14.40
CA VAL D 185 -27.71 34.84 15.73
C VAL D 185 -26.21 35.05 15.72
N TYR D 186 -25.75 35.81 16.70
CA TYR D 186 -24.35 35.97 16.94
C TYR D 186 -23.93 34.94 18.00
N PRO D 187 -23.20 33.89 17.57
CA PRO D 187 -22.78 32.81 18.51
C PRO D 187 -21.89 33.34 19.62
N SER D 188 -20.99 34.24 19.25
CA SER D 188 -20.08 34.90 20.16
C SER D 188 -20.62 36.30 20.52
N SER D 189 -21.16 36.43 21.72
CA SER D 189 -21.95 37.59 22.12
C SER D 189 -23.47 37.28 22.20
N LYS D 190 -23.87 36.14 21.71
CA LYS D 190 -25.17 35.51 21.95
C LYS D 190 -26.40 36.35 21.83
N THR D 191 -26.52 37.07 20.74
CA THR D 191 -27.68 37.82 20.43
C THR D 191 -28.51 37.17 19.31
N SER D 192 -29.68 37.69 19.06
CA SER D 192 -30.74 36.97 18.45
C SER D 192 -31.63 37.97 17.80
N PHE D 193 -32.13 37.66 16.63
CA PHE D 193 -33.02 38.58 15.91
C PHE D 193 -33.92 37.80 14.99
N ILE D 194 -35.21 38.13 15.01
CA ILE D 194 -36.15 37.44 14.13
C ILE D 194 -37.23 38.32 13.47
N LEU D 195 -37.62 37.95 12.26
CA LEU D 195 -38.53 38.73 11.45
C LEU D 195 -39.34 37.74 10.68
N SER D 196 -40.64 37.91 10.61
CA SER D 196 -41.44 36.93 9.91
C SER D 196 -42.64 37.60 9.22
N ASP D 197 -43.06 37.06 8.09
CA ASP D 197 -44.20 37.63 7.40
C ASP D 197 -44.72 36.65 6.38
N VAL D 198 -45.80 37.05 5.71
CA VAL D 198 -46.47 36.29 4.69
C VAL D 198 -46.09 36.83 3.30
N VAL D 199 -45.65 35.93 2.43
CA VAL D 199 -45.36 36.28 1.07
C VAL D 199 -45.89 35.13 0.27
N ASP D 200 -46.75 35.46 -0.68
CA ASP D 200 -47.28 34.52 -1.63
C ASP D 200 -46.33 34.54 -2.82
N LEU D 201 -45.36 33.62 -2.78
CA LEU D 201 -44.37 33.50 -3.83
C LEU D 201 -44.94 33.26 -5.25
N LYS D 202 -46.17 32.78 -5.39
CA LYS D 202 -46.59 32.54 -6.79
C LYS D 202 -46.96 33.80 -7.59
N SER D 203 -47.59 34.75 -6.91
CA SER D 203 -48.02 35.99 -7.59
C SER D 203 -46.87 36.99 -7.77
N VAL D 204 -45.66 36.54 -7.43
CA VAL D 204 -44.55 37.46 -7.32
C VAL D 204 -43.34 37.01 -8.20
N LEU D 205 -43.04 35.72 -8.13
CA LEU D 205 -41.82 35.12 -8.67
C LEU D 205 -42.12 34.33 -9.93
N PRO D 206 -41.12 34.10 -10.81
CA PRO D 206 -41.35 33.10 -11.88
C PRO D 206 -41.15 31.67 -11.36
N GLU D 207 -41.66 30.67 -12.09
CA GLU D 207 -41.51 29.24 -11.71
C GLU D 207 -40.06 28.88 -11.39
N TRP D 208 -39.16 29.53 -12.12
CA TRP D 208 -37.73 29.31 -12.01
C TRP D 208 -37.02 30.56 -11.64
N VAL D 209 -36.20 30.44 -10.58
CA VAL D 209 -35.47 31.56 -10.03
C VAL D 209 -34.00 31.19 -9.85
N SER D 210 -33.15 32.19 -9.83
CA SER D 210 -31.79 32.06 -9.37
C SER D 210 -31.85 32.44 -7.92
N ILE D 211 -31.11 31.73 -7.09
CA ILE D 211 -31.02 32.07 -5.68
C ILE D 211 -29.60 32.52 -5.45
N GLY D 212 -29.40 33.40 -4.48
CA GLY D 212 -28.06 33.84 -4.15
C GLY D 212 -27.96 35.10 -3.34
N PHE D 213 -26.77 35.68 -3.34
CA PHE D 213 -26.44 36.81 -2.52
C PHE D 213 -26.24 38.07 -3.33
N SER D 214 -26.65 39.17 -2.72
CA SER D 214 -26.31 40.48 -3.23
C SER D 214 -25.77 41.34 -2.10
N ALA D 215 -24.92 42.28 -2.47
CA ALA D 215 -24.27 43.15 -1.49
C ALA D 215 -23.75 44.38 -2.19
N ALA D 216 -23.79 45.50 -1.45
CA ALA D 216 -23.28 46.78 -1.91
C ALA D 216 -22.60 47.52 -0.75
N THR D 217 -21.61 48.34 -1.07
CA THR D 217 -21.06 49.30 -0.11
C THR D 217 -21.55 50.72 -0.41
N GLY D 218 -21.21 51.66 0.48
CA GLY D 218 -21.68 53.05 0.39
C GLY D 218 -21.34 53.73 -0.91
N ALA D 219 -22.14 54.73 -1.26
CA ALA D 219 -21.79 55.63 -2.37
C ALA D 219 -20.80 56.70 -1.91
N SER D 220 -20.39 56.63 -0.64
CA SER D 220 -19.49 57.66 -0.10
C SER D 220 -18.24 57.09 0.59
N SER D 221 -17.08 57.69 0.31
CA SER D 221 -15.84 57.37 1.01
C SER D 221 -16.09 57.24 2.52
N GLY D 222 -15.54 56.16 3.12
CA GLY D 222 -15.64 55.95 4.56
C GLY D 222 -16.88 55.19 4.96
N TYR D 223 -17.94 55.33 4.15
CA TYR D 223 -19.13 54.47 4.22
C TYR D 223 -18.89 53.13 3.50
N ILE D 224 -18.08 52.31 4.15
CA ILE D 224 -17.60 51.02 3.64
C ILE D 224 -17.77 49.89 4.69
N GLU D 225 -18.01 48.68 4.19
CA GLU D 225 -17.99 47.49 5.03
C GLU D 225 -17.83 46.30 4.12
N THR D 226 -17.20 45.25 4.63
CA THR D 226 -17.17 43.92 3.99
C THR D 226 -18.55 43.24 3.96
N HIS D 227 -18.67 42.25 3.10
CA HIS D 227 -19.80 41.33 3.10
C HIS D 227 -19.27 39.97 2.75
N ASP D 228 -18.64 39.34 3.73
CA ASP D 228 -18.04 38.05 3.56
C ASP D 228 -18.96 36.90 3.98
N VAL D 229 -19.03 35.89 3.11
CA VAL D 229 -19.75 34.64 3.39
C VAL D 229 -18.77 33.42 3.57
N PHE D 230 -19.00 32.64 4.62
CA PHE D 230 -18.13 31.49 4.95
C PHE D 230 -18.60 30.11 4.57
N SER D 231 -19.92 29.96 4.46
CA SER D 231 -20.58 28.66 4.24
C SER D 231 -21.99 28.98 3.82
N TRP D 232 -22.63 28.05 3.14
CA TRP D 232 -23.98 28.27 2.70
C TRP D 232 -24.58 26.97 2.36
N SER D 233 -25.66 26.64 3.05
CA SER D 233 -26.51 25.57 2.60
C SER D 233 -27.95 26.04 2.29
N PHE D 234 -28.60 25.16 1.54
CA PHE D 234 -29.86 25.42 0.95
C PHE D 234 -30.51 24.05 0.78
N ALA D 235 -31.85 24.01 0.82
CA ALA D 235 -32.67 22.81 0.53
C ALA D 235 -34.09 23.27 0.21
N SER D 236 -34.59 22.87 -0.96
CA SER D 236 -35.94 23.20 -1.41
C SER D 236 -36.64 21.90 -1.79
N LYS D 237 -37.95 21.90 -1.69
CA LYS D 237 -38.80 20.74 -1.82
C LYS D 237 -39.99 21.25 -2.65
N LEU D 238 -40.33 20.60 -3.77
CA LEU D 238 -41.52 21.01 -4.50
C LEU D 238 -42.37 19.81 -4.76
N SER D 239 -43.45 19.71 -3.98
CA SER D 239 -44.41 18.62 -4.03
C SER D 239 -45.54 19.00 -4.97
N PHE D 240 -46.00 18.07 -5.78
CA PHE D 240 -46.93 18.44 -6.84
C PHE D 240 -48.41 18.33 -6.56
N ALA D 241 -48.77 17.48 -5.61
CA ALA D 241 -50.01 17.62 -4.85
C ALA D 241 -49.85 16.78 -3.56
N ALA D 242 -50.87 16.77 -2.69
CA ALA D 242 -50.83 16.41 -1.24
C ALA D 242 -50.20 15.04 -0.96
N THR E 1 35.04 2.34 1.85
CA THR E 1 34.27 2.63 0.62
C THR E 1 34.90 1.87 -0.57
N THR E 2 34.27 0.82 -1.06
CA THR E 2 34.98 -0.13 -1.90
C THR E 2 34.48 -0.36 -3.27
N ASN E 3 35.24 0.13 -4.21
CA ASN E 3 35.02 -0.15 -5.59
C ASN E 3 35.64 -1.43 -6.03
N THR E 4 34.91 -2.17 -6.83
CA THR E 4 35.41 -3.38 -7.37
C THR E 4 35.12 -3.54 -8.86
N ASP E 5 36.09 -3.97 -9.60
CA ASP E 5 35.87 -4.35 -10.98
C ASP E 5 36.33 -5.81 -11.02
N SER E 6 35.57 -6.69 -11.67
CA SER E 6 35.96 -8.09 -11.85
C SER E 6 35.40 -8.73 -13.16
N PHE E 7 36.15 -9.70 -13.70
CA PHE E 7 35.65 -10.45 -14.85
C PHE E 7 36.29 -11.81 -15.00
N THR E 8 35.55 -12.70 -15.66
CA THR E 8 36.11 -13.95 -16.13
C THR E 8 35.78 -14.14 -17.61
N PHE E 9 36.77 -14.50 -18.41
CA PHE E 9 36.57 -14.97 -19.76
C PHE E 9 36.82 -16.48 -19.79
N SER E 10 35.76 -17.27 -19.87
CA SER E 10 35.90 -18.73 -19.97
C SER E 10 36.51 -19.17 -21.27
N LYS E 11 36.09 -18.53 -22.35
CA LYS E 11 36.78 -18.71 -23.61
C LYS E 11 36.85 -17.37 -24.32
N PHE E 12 37.57 -17.29 -25.41
CA PHE E 12 37.57 -16.06 -26.17
C PHE E 12 36.70 -16.19 -27.40
N LYS E 13 36.19 -15.07 -27.92
CA LYS E 13 35.35 -15.08 -29.14
C LYS E 13 35.96 -14.16 -30.18
N PRO E 14 35.77 -14.48 -31.47
CA PRO E 14 36.29 -13.51 -32.45
C PRO E 14 35.60 -12.14 -32.34
N ASN E 15 34.35 -12.11 -31.89
CA ASN E 15 33.67 -10.85 -31.66
C ASN E 15 33.71 -10.54 -30.17
N GLN E 16 34.68 -9.72 -29.74
CA GLN E 16 34.82 -9.35 -28.31
C GLN E 16 35.12 -7.88 -28.08
N PRO E 17 34.09 -7.02 -28.15
CA PRO E 17 34.27 -5.58 -27.93
C PRO E 17 34.87 -5.25 -26.58
N ASN E 18 34.72 -6.13 -25.59
CA ASN E 18 35.42 -5.94 -24.30
C ASN E 18 36.91 -6.32 -24.32
N LEU E 19 37.47 -6.53 -25.49
CA LEU E 19 38.90 -6.74 -25.58
C LEU E 19 39.44 -5.85 -26.65
N LYS E 20 40.43 -5.04 -26.35
CA LYS E 20 41.15 -4.36 -27.40
C LYS E 20 42.33 -5.26 -27.80
N LYS E 21 42.54 -5.46 -29.09
CA LYS E 21 43.63 -6.26 -29.59
C LYS E 21 44.65 -5.47 -30.41
N GLN E 22 45.91 -5.73 -30.18
CA GLN E 22 47.00 -5.06 -30.84
C GLN E 22 47.97 -6.13 -31.10
N GLY E 23 48.93 -5.97 -32.00
CA GLY E 23 48.84 -5.87 -33.41
C GLY E 23 49.25 -7.09 -34.18
N ASP E 24 49.05 -8.28 -33.63
CA ASP E 24 49.07 -9.55 -34.32
C ASP E 24 48.03 -10.47 -33.74
N ALA E 25 47.67 -10.26 -32.50
CA ALA E 25 46.73 -11.10 -31.76
C ALA E 25 45.34 -11.21 -32.38
N THR E 26 44.92 -12.45 -32.65
CA THR E 26 43.55 -12.79 -33.02
C THR E 26 42.94 -13.72 -31.94
N VAL E 27 41.63 -13.86 -31.95
CA VAL E 27 41.02 -15.03 -31.33
C VAL E 27 40.42 -15.99 -32.39
N THR E 28 40.78 -17.27 -32.28
CA THR E 28 40.30 -18.32 -33.18
C THR E 28 38.83 -18.64 -32.89
N SER E 29 38.15 -19.22 -33.87
CA SER E 29 36.76 -19.63 -33.67
C SER E 29 36.72 -20.78 -32.67
N SER E 30 37.90 -21.33 -32.40
CA SER E 30 38.07 -22.38 -31.43
C SER E 30 38.15 -21.78 -30.01
N GLY E 31 38.12 -20.44 -29.91
CA GLY E 31 38.16 -19.71 -28.63
C GLY E 31 39.55 -19.40 -28.07
N THR E 32 40.57 -19.63 -28.86
CA THR E 32 41.93 -19.40 -28.43
C THR E 32 42.36 -17.96 -28.70
N LEU E 33 42.97 -17.34 -27.70
CA LEU E 33 43.60 -16.07 -27.89
C LEU E 33 45.03 -16.32 -28.32
N GLN E 34 45.27 -16.18 -29.63
CA GLN E 34 46.61 -16.30 -30.14
C GLN E 34 47.25 -14.93 -30.11
N LEU E 35 48.13 -14.69 -29.14
CA LEU E 35 48.80 -13.39 -29.00
C LEU E 35 49.75 -13.09 -30.14
N THR E 36 50.37 -14.13 -30.69
CA THR E 36 51.38 -14.00 -31.76
C THR E 36 51.10 -14.97 -32.88
N LYS E 37 51.60 -14.64 -34.08
CA LYS E 37 51.29 -15.35 -35.36
C LYS E 37 51.43 -16.84 -35.38
N VAL E 38 50.47 -17.46 -36.06
CA VAL E 38 50.35 -18.92 -36.17
C VAL E 38 49.67 -19.19 -37.51
N ASP E 39 50.31 -20.00 -38.39
CA ASP E 39 49.71 -20.39 -39.66
C ASP E 39 48.70 -21.53 -39.50
N LYS E 40 47.94 -21.77 -40.57
CA LYS E 40 46.89 -22.80 -40.59
C LYS E 40 47.32 -24.10 -39.91
N ASN E 41 48.60 -24.44 -40.05
CA ASN E 41 49.12 -25.72 -39.55
C ASN E 41 49.41 -25.65 -38.08
N GLY E 42 49.33 -24.45 -37.54
CA GLY E 42 49.67 -24.25 -36.14
C GLY E 42 51.16 -24.05 -35.96
N VAL E 43 51.86 -23.73 -37.05
CA VAL E 43 53.28 -23.38 -37.01
C VAL E 43 53.41 -21.88 -36.70
N PRO E 44 54.06 -21.53 -35.56
CA PRO E 44 54.21 -20.13 -35.17
C PRO E 44 55.27 -19.46 -36.01
N ASP E 45 55.20 -18.13 -36.13
CA ASP E 45 56.07 -17.34 -37.02
C ASP E 45 57.06 -16.42 -36.31
N PRO E 46 58.17 -16.05 -36.99
CA PRO E 46 59.14 -15.15 -36.37
C PRO E 46 58.64 -13.70 -36.35
N LYS E 47 59.39 -12.83 -35.69
CA LYS E 47 59.14 -11.35 -35.67
C LYS E 47 57.70 -10.87 -35.42
N SER E 48 56.94 -11.64 -34.64
CA SER E 48 55.58 -11.31 -34.28
C SER E 48 55.44 -10.71 -32.89
N LEU E 49 54.61 -9.67 -32.83
CA LEU E 49 54.25 -9.03 -31.59
C LEU E 49 52.73 -8.92 -31.56
N GLY E 50 52.12 -9.35 -30.45
CA GLY E 50 50.72 -9.03 -30.21
C GLY E 50 50.43 -8.80 -28.73
N ARG E 51 49.38 -8.01 -28.48
CA ARG E 51 48.89 -7.74 -27.14
C ARG E 51 47.38 -7.87 -27.04
N ALA E 52 46.89 -8.05 -25.83
CA ALA E 52 45.46 -8.08 -25.58
C ALA E 52 45.06 -7.45 -24.23
N LEU E 53 44.28 -6.37 -24.31
CA LEU E 53 43.93 -5.54 -23.15
C LEU E 53 42.41 -5.58 -22.81
N TYR E 54 42.10 -5.54 -21.52
CA TYR E 54 40.70 -5.47 -21.13
C TYR E 54 40.26 -4.09 -21.65
N ALA E 55 38.98 -3.88 -21.90
CA ALA E 55 38.55 -2.64 -22.57
C ALA E 55 38.43 -1.44 -21.65
N SER E 56 38.41 -1.69 -20.35
CA SER E 56 38.19 -0.65 -19.36
C SER E 56 39.41 -0.54 -18.47
N PRO E 57 39.87 0.70 -18.23
CA PRO E 57 40.88 0.92 -17.21
C PRO E 57 40.41 0.38 -15.83
N ILE E 58 41.34 -0.21 -15.07
CA ILE E 58 41.13 -0.54 -13.67
C ILE E 58 41.71 0.64 -12.90
N ASN E 59 40.96 1.15 -11.91
CA ASN E 59 41.46 2.15 -10.98
C ASN E 59 42.47 1.45 -10.04
N ILE E 60 43.77 1.63 -10.27
CA ILE E 60 44.79 0.88 -9.49
C ILE E 60 45.11 1.54 -8.17
N TRP E 61 45.12 2.88 -8.20
CA TRP E 61 45.13 3.68 -6.99
C TRP E 61 44.31 4.94 -7.09
N ASP E 62 44.22 5.63 -5.95
CA ASP E 62 43.39 6.82 -5.78
C ASP E 62 44.14 7.96 -5.09
N SER E 63 44.50 8.99 -5.86
CA SER E 63 45.33 10.13 -5.39
C SER E 63 44.79 10.87 -4.13
N LYS E 64 43.51 11.23 -4.13
CA LYS E 64 43.01 11.94 -2.97
C LYS E 64 43.32 11.23 -1.65
N THR E 65 43.17 9.90 -1.62
CA THR E 65 43.07 9.13 -0.37
C THR E 65 44.34 8.36 -0.09
N GLY E 66 45.19 8.25 -1.10
CA GLY E 66 46.44 7.48 -1.05
C GLY E 66 46.23 5.99 -1.11
N VAL E 67 45.01 5.57 -1.44
CA VAL E 67 44.63 4.18 -1.30
C VAL E 67 44.80 3.38 -2.62
N VAL E 68 45.27 2.13 -2.50
CA VAL E 68 45.69 1.31 -3.65
C VAL E 68 44.87 0.03 -3.70
N ALA E 69 44.57 -0.41 -4.92
CA ALA E 69 43.73 -1.56 -5.12
C ALA E 69 44.49 -2.82 -4.74
N SER E 70 43.77 -3.87 -4.33
CA SER E 70 44.31 -5.22 -4.40
C SER E 70 43.70 -5.91 -5.62
N PHE E 71 44.37 -6.93 -6.14
CA PHE E 71 43.86 -7.58 -7.34
C PHE E 71 44.43 -8.96 -7.51
N ALA E 72 43.69 -9.80 -8.22
CA ALA E 72 44.06 -11.20 -8.38
C ALA E 72 43.75 -11.56 -9.81
N THR E 73 44.71 -12.17 -10.50
CA THR E 73 44.41 -12.58 -11.87
C THR E 73 44.89 -13.98 -12.11
N SER E 74 44.13 -14.65 -12.96
CA SER E 74 44.26 -16.07 -13.17
C SER E 74 44.17 -16.27 -14.67
N PHE E 75 44.92 -17.23 -15.21
CA PHE E 75 44.81 -17.55 -16.65
C PHE E 75 45.44 -18.89 -17.00
N ARG E 76 45.23 -19.31 -18.25
CA ARG E 76 45.65 -20.62 -18.76
C ARG E 76 46.28 -20.29 -20.10
N PHE E 77 47.60 -20.42 -20.21
CA PHE E 77 48.24 -20.29 -21.52
C PHE E 77 48.88 -21.61 -21.96
N THR E 78 49.40 -21.65 -23.17
CA THR E 78 50.19 -22.77 -23.64
C THR E 78 51.24 -22.15 -24.52
N ILE E 79 52.52 -22.46 -24.27
CA ILE E 79 53.48 -22.16 -25.33
C ILE E 79 53.98 -23.44 -26.01
N TYR E 80 53.90 -23.45 -27.34
CA TYR E 80 54.29 -24.60 -28.12
C TYR E 80 55.45 -24.22 -29.05
N ALA E 81 56.51 -25.02 -29.00
CA ALA E 81 57.69 -24.83 -29.84
C ALA E 81 57.99 -26.05 -30.70
N PRO E 82 58.00 -25.88 -32.04
CA PRO E 82 58.43 -26.97 -32.92
C PRO E 82 59.79 -27.55 -32.48
N ASN E 83 60.79 -26.70 -32.30
CA ASN E 83 62.09 -27.13 -31.80
C ASN E 83 62.47 -26.46 -30.45
N ILE E 84 62.37 -27.25 -29.38
CA ILE E 84 62.55 -26.81 -28.00
C ILE E 84 63.94 -26.20 -27.73
N ALA E 85 64.94 -26.60 -28.51
CA ALA E 85 66.28 -26.04 -28.36
C ALA E 85 66.41 -24.64 -29.00
N THR E 86 65.34 -24.19 -29.71
CA THR E 86 65.31 -22.80 -30.23
C THR E 86 63.99 -22.05 -30.02
N ILE E 87 63.88 -21.36 -28.88
CA ILE E 87 62.63 -20.74 -28.45
C ILE E 87 62.76 -19.26 -28.10
N ALA E 88 61.73 -18.49 -28.37
CA ALA E 88 61.72 -17.07 -28.12
C ALA E 88 60.36 -16.52 -28.46
N ASP E 89 59.88 -15.51 -27.75
CA ASP E 89 60.67 -14.78 -26.76
C ASP E 89 59.94 -14.71 -25.45
N GLY E 90 58.62 -14.86 -25.50
CA GLY E 90 57.82 -15.00 -24.29
C GLY E 90 56.52 -14.21 -24.26
N LEU E 91 55.84 -14.31 -23.13
CA LEU E 91 54.61 -13.56 -22.94
C LEU E 91 54.64 -12.84 -21.60
N ALA E 92 53.75 -11.86 -21.43
CA ALA E 92 53.57 -11.20 -20.14
C ALA E 92 52.14 -10.81 -19.84
N PHE E 93 51.86 -10.84 -18.55
CA PHE E 93 50.77 -10.09 -17.96
C PHE E 93 51.28 -8.69 -17.55
N PHE E 94 50.64 -7.64 -18.05
CA PHE E 94 51.12 -6.27 -17.72
C PHE E 94 50.01 -5.31 -17.28
N LEU E 95 50.41 -4.32 -16.47
CA LEU E 95 49.56 -3.17 -16.13
C LEU E 95 50.27 -1.95 -16.68
N ALA E 96 49.66 -1.20 -17.61
CA ALA E 96 50.27 0.00 -18.19
C ALA E 96 49.28 1.16 -18.38
N PRO E 97 49.76 2.32 -18.87
CA PRO E 97 48.80 3.43 -19.04
C PRO E 97 47.79 3.17 -20.12
N VAL E 98 46.70 3.90 -20.08
CA VAL E 98 45.52 3.55 -20.88
C VAL E 98 45.72 3.51 -22.41
N SER E 99 46.30 4.54 -22.99
CA SER E 99 46.44 4.54 -24.45
C SER E 99 47.91 4.49 -24.86
N SER E 100 48.69 3.66 -24.15
CA SER E 100 50.12 3.52 -24.46
C SER E 100 50.25 2.57 -25.63
N PRO E 101 51.17 2.85 -26.57
CA PRO E 101 51.28 1.95 -27.74
C PRO E 101 52.02 0.63 -27.43
N PRO E 102 51.76 -0.44 -28.20
CA PRO E 102 52.67 -1.62 -28.25
C PRO E 102 54.14 -1.17 -28.46
N LYS E 103 55.04 -1.72 -27.64
CA LYS E 103 56.42 -1.29 -27.73
C LYS E 103 57.20 -2.40 -28.43
N ALA E 104 58.52 -2.34 -28.42
CA ALA E 104 59.37 -3.04 -29.36
C ALA E 104 59.13 -4.53 -29.20
N GLY E 105 59.44 -5.30 -30.25
CA GLY E 105 59.16 -6.72 -30.26
C GLY E 105 60.29 -7.54 -29.64
N ALA E 106 60.45 -8.77 -30.13
CA ALA E 106 61.53 -9.67 -29.70
C ALA E 106 61.57 -9.81 -28.19
N GLY E 107 62.76 -9.79 -27.62
CA GLY E 107 62.89 -9.89 -26.17
C GLY E 107 62.30 -8.75 -25.36
N PHE E 108 62.00 -7.61 -25.97
CA PHE E 108 61.28 -6.52 -25.24
C PHE E 108 59.80 -6.90 -25.01
N LEU E 109 59.39 -8.06 -25.51
CA LEU E 109 58.14 -8.67 -25.08
C LEU E 109 56.96 -7.78 -25.31
N GLY E 110 57.10 -6.85 -26.27
CA GLY E 110 56.07 -5.85 -26.57
C GLY E 110 55.80 -4.76 -25.53
N LEU E 111 56.66 -4.64 -24.52
CA LEU E 111 56.35 -3.81 -23.35
C LEU E 111 57.27 -2.62 -23.10
N PHE E 112 58.50 -2.69 -23.67
CA PHE E 112 59.58 -1.72 -23.47
C PHE E 112 60.27 -1.46 -24.80
N ASP E 113 61.10 -0.44 -24.87
CA ASP E 113 61.74 -0.05 -26.14
C ASP E 113 63.24 -0.33 -26.21
N SER E 114 63.89 -0.42 -25.07
CA SER E 114 65.31 -0.68 -25.00
C SER E 114 65.52 -1.35 -23.67
N ALA E 115 66.77 -1.46 -23.24
CA ALA E 115 67.12 -2.20 -22.05
C ALA E 115 66.94 -1.31 -20.85
N VAL E 116 67.11 -0.01 -21.09
CA VAL E 116 67.35 0.95 -20.02
C VAL E 116 66.08 1.08 -19.20
N PHE E 117 66.22 1.36 -17.92
CA PHE E 117 65.04 1.60 -17.10
C PHE E 117 64.40 2.97 -17.43
N ASN E 118 63.10 3.10 -17.15
CA ASN E 118 62.42 4.38 -17.34
C ASN E 118 61.20 4.40 -16.47
N SER E 119 61.13 5.46 -15.67
CA SER E 119 60.01 5.70 -14.76
C SER E 119 58.76 6.05 -15.59
N SER E 120 58.97 6.49 -16.83
CA SER E 120 57.90 6.94 -17.74
C SER E 120 57.25 5.87 -18.63
N TYR E 121 57.63 4.61 -18.49
CA TYR E 121 56.87 3.48 -19.00
C TYR E 121 55.62 3.23 -18.18
N GLN E 122 55.73 3.48 -16.90
CA GLN E 122 54.59 3.25 -16.03
C GLN E 122 53.96 1.89 -16.34
N THR E 123 54.83 0.88 -16.27
CA THR E 123 54.53 -0.49 -16.60
C THR E 123 55.05 -1.41 -15.51
N VAL E 124 54.13 -2.20 -14.93
CA VAL E 124 54.45 -3.38 -14.11
C VAL E 124 54.00 -4.64 -14.88
N ALA E 125 54.88 -5.62 -15.00
CA ALA E 125 54.54 -6.82 -15.77
C ALA E 125 55.01 -8.08 -15.04
N VAL E 126 54.24 -9.15 -15.18
CA VAL E 126 54.78 -10.48 -14.82
C VAL E 126 55.08 -11.17 -16.15
N GLU E 127 56.37 -11.41 -16.36
CA GLU E 127 56.89 -11.89 -17.65
C GLU E 127 57.17 -13.39 -17.55
N PHE E 128 57.01 -14.05 -18.69
CA PHE E 128 57.24 -15.46 -18.85
C PHE E 128 58.22 -15.51 -20.01
N ASP E 129 59.49 -15.54 -19.65
CA ASP E 129 60.58 -15.24 -20.57
C ASP E 129 61.22 -16.56 -21.01
N THR E 130 61.35 -16.76 -22.32
CA THR E 130 61.83 -18.06 -22.82
C THR E 130 63.19 -17.93 -23.47
N TYR E 131 63.75 -16.73 -23.48
CA TYR E 131 64.98 -16.50 -24.24
C TYR E 131 65.95 -15.55 -23.50
N GLU E 132 67.16 -16.02 -23.25
CA GLU E 132 68.06 -15.24 -22.45
C GLU E 132 68.64 -14.06 -23.29
N ASN E 133 68.34 -12.83 -22.85
CA ASN E 133 68.91 -11.65 -23.43
C ASN E 133 69.86 -11.17 -22.38
N THR E 134 71.16 -11.28 -22.70
CA THR E 134 72.24 -10.96 -21.74
C THR E 134 72.30 -9.42 -21.64
N VAL E 135 71.94 -8.76 -22.74
CA VAL E 135 71.75 -7.31 -22.82
C VAL E 135 70.70 -6.87 -21.77
N PHE E 136 69.97 -7.82 -21.17
CA PHE E 136 68.93 -7.53 -20.18
C PHE E 136 69.24 -8.19 -18.83
N LEU E 137 70.39 -8.85 -18.73
CA LEU E 137 70.75 -9.62 -17.55
C LEU E 137 69.68 -10.71 -17.24
N ASP E 138 69.15 -11.36 -18.28
CA ASP E 138 68.27 -12.53 -18.13
C ASP E 138 69.04 -13.68 -17.52
N PRO E 139 68.38 -14.50 -16.65
CA PRO E 139 69.11 -15.67 -16.15
C PRO E 139 69.37 -16.72 -17.27
N PRO E 140 70.37 -17.61 -17.06
CA PRO E 140 70.54 -18.58 -18.15
C PRO E 140 69.25 -19.40 -18.45
N ASP E 141 68.34 -19.49 -17.49
CA ASP E 141 67.16 -20.35 -17.63
C ASP E 141 65.92 -19.64 -18.14
N THR E 142 64.98 -20.46 -18.62
CA THR E 142 63.60 -20.03 -18.75
C THR E 142 63.22 -19.58 -17.34
N HIS E 143 62.42 -18.53 -17.25
CA HIS E 143 62.18 -17.81 -15.99
C HIS E 143 60.90 -17.03 -16.02
N ILE E 144 60.26 -16.95 -14.86
CA ILE E 144 59.22 -15.93 -14.64
C ILE E 144 59.89 -14.70 -14.00
N GLY E 145 59.62 -13.48 -14.50
CA GLY E 145 60.14 -12.29 -13.81
C GLY E 145 59.12 -11.23 -13.42
N ILE E 146 59.46 -10.41 -12.43
CA ILE E 146 58.64 -9.23 -12.10
C ILE E 146 59.29 -8.00 -12.70
N ASP E 147 58.64 -7.38 -13.70
CA ASP E 147 59.12 -6.09 -14.30
C ASP E 147 58.42 -4.83 -13.74
N VAL E 148 59.21 -3.75 -13.63
CA VAL E 148 58.78 -2.47 -13.09
C VAL E 148 59.51 -1.40 -13.92
N ASN E 149 58.85 -0.85 -14.93
CA ASN E 149 59.45 0.21 -15.76
C ASN E 149 60.79 -0.14 -16.42
N SER E 150 61.09 -1.44 -16.60
CA SER E 150 62.30 -1.91 -17.28
C SER E 150 62.12 -3.36 -17.72
N ILE E 151 62.67 -3.76 -18.87
CA ILE E 151 62.68 -5.19 -19.29
C ILE E 151 63.59 -6.05 -18.39
N LYS E 152 64.56 -5.41 -17.73
CA LYS E 152 65.44 -6.09 -16.74
C LYS E 152 64.78 -6.29 -15.33
N SER E 153 64.24 -7.48 -15.10
CA SER E 153 63.41 -7.75 -13.92
C SER E 153 64.03 -7.36 -12.61
N ILE E 154 63.18 -6.97 -11.65
CA ILE E 154 63.62 -6.76 -10.28
C ILE E 154 63.90 -8.09 -9.61
N LYS E 155 63.21 -9.15 -10.06
CA LYS E 155 63.45 -10.50 -9.53
C LYS E 155 63.02 -11.57 -10.52
N THR E 156 63.73 -12.69 -10.52
CA THR E 156 63.32 -13.86 -11.36
C THR E 156 63.29 -15.19 -10.60
N VAL E 157 62.45 -16.14 -11.02
CA VAL E 157 62.67 -17.57 -10.69
C VAL E 157 62.87 -18.41 -11.96
N LYS E 158 63.48 -19.59 -11.79
CA LYS E 158 63.49 -20.57 -12.86
C LYS E 158 62.02 -20.91 -13.19
N TRP E 159 61.76 -21.21 -14.45
CA TRP E 159 60.46 -21.75 -14.83
C TRP E 159 60.76 -22.72 -15.89
N ASP E 160 60.38 -23.98 -15.69
CA ASP E 160 60.69 -25.02 -16.67
C ASP E 160 59.51 -25.21 -17.63
N LEU E 161 59.69 -24.71 -18.86
CA LEU E 161 58.70 -24.88 -19.91
C LEU E 161 58.35 -26.36 -20.13
N ALA E 162 57.05 -26.67 -20.26
CA ALA E 162 56.62 -28.01 -20.65
C ALA E 162 56.00 -27.86 -22.03
N ASN E 163 56.79 -28.20 -23.05
CA ASN E 163 56.44 -27.84 -24.41
C ASN E 163 55.09 -28.43 -24.76
N GLY E 164 54.18 -27.59 -25.24
CA GLY E 164 52.82 -28.03 -25.49
C GLY E 164 51.78 -28.08 -24.37
N GLU E 165 52.18 -28.02 -23.10
CA GLU E 165 51.18 -28.19 -21.96
C GLU E 165 50.47 -26.91 -21.45
N ALA E 166 49.23 -27.09 -21.01
CA ALA E 166 48.47 -26.01 -20.43
C ALA E 166 48.98 -25.62 -19.04
N ALA E 167 49.14 -24.30 -18.85
CA ALA E 167 49.72 -23.73 -17.68
C ALA E 167 48.68 -22.87 -16.95
N LYS E 168 48.36 -23.26 -15.71
CA LYS E 168 47.55 -22.43 -14.84
C LYS E 168 48.50 -21.52 -14.08
N VAL E 169 48.14 -20.22 -14.07
CA VAL E 169 48.91 -19.14 -13.48
C VAL E 169 47.99 -18.31 -12.60
N LEU E 170 48.45 -17.96 -11.41
CA LEU E 170 47.79 -16.99 -10.56
C LEU E 170 48.78 -15.92 -10.13
N ILE E 171 48.38 -14.67 -10.30
CA ILE E 171 49.18 -13.53 -9.93
C ILE E 171 48.31 -12.70 -9.01
N THR E 172 48.86 -12.31 -7.87
CA THR E 172 48.09 -11.50 -6.92
C THR E 172 48.89 -10.30 -6.49
N TYR E 173 48.16 -9.27 -6.06
CA TYR E 173 48.75 -8.07 -5.51
C TYR E 173 47.99 -7.69 -4.29
N ASP E 174 48.74 -7.56 -3.21
CA ASP E 174 48.17 -7.19 -1.95
C ASP E 174 48.59 -5.76 -1.64
N SER E 175 47.73 -4.78 -1.88
CA SER E 175 48.15 -3.37 -1.68
C SER E 175 48.68 -3.10 -0.27
N SER E 176 48.16 -3.85 0.69
CA SER E 176 48.52 -3.70 2.09
C SER E 176 49.94 -4.20 2.48
N ALA E 177 50.46 -5.23 1.82
CA ALA E 177 51.86 -5.60 1.96
C ALA E 177 52.68 -5.08 0.79
N LYS E 178 52.02 -4.48 -0.21
CA LYS E 178 52.67 -4.05 -1.46
C LYS E 178 53.30 -5.25 -2.22
N LEU E 179 52.58 -6.36 -2.24
CA LEU E 179 53.20 -7.64 -2.52
C LEU E 179 52.66 -8.33 -3.77
N LEU E 180 53.52 -8.41 -4.79
CA LEU E 180 53.20 -9.07 -6.04
C LEU E 180 53.75 -10.49 -6.05
N VAL E 181 52.86 -11.45 -6.27
CA VAL E 181 53.21 -12.87 -6.31
C VAL E 181 52.71 -13.35 -7.66
N ALA E 182 53.42 -14.31 -8.24
CA ALA E 182 53.03 -14.96 -9.49
C ALA E 182 53.35 -16.45 -9.33
N ALA E 183 52.39 -17.31 -9.64
CA ALA E 183 52.59 -18.77 -9.51
C ALA E 183 52.29 -19.44 -10.82
N LEU E 184 53.07 -20.45 -11.13
CA LEU E 184 52.73 -21.22 -12.27
C LEU E 184 52.75 -22.69 -11.92
N VAL E 185 51.77 -23.40 -12.45
CA VAL E 185 51.61 -24.80 -12.22
C VAL E 185 51.22 -25.43 -13.56
N TYR E 186 51.88 -26.55 -13.91
CA TYR E 186 51.49 -27.45 -15.00
C TYR E 186 50.79 -28.68 -14.41
N PRO E 187 49.46 -28.83 -14.65
CA PRO E 187 48.73 -29.95 -14.07
C PRO E 187 49.16 -31.30 -14.64
N SER E 188 49.39 -31.33 -15.95
CA SER E 188 49.93 -32.51 -16.63
C SER E 188 51.21 -33.05 -15.97
N SER E 189 52.16 -32.17 -15.68
CA SER E 189 53.44 -32.59 -15.11
C SER E 189 53.50 -32.57 -13.59
N LYS E 190 52.48 -31.96 -12.98
CA LYS E 190 52.44 -31.59 -11.54
C LYS E 190 53.70 -30.88 -11.05
N THR E 191 54.33 -30.09 -11.92
CA THR E 191 55.41 -29.21 -11.51
C THR E 191 54.85 -27.79 -11.19
N SER E 192 55.56 -27.05 -10.33
CA SER E 192 55.05 -25.72 -9.92
C SER E 192 56.15 -24.70 -9.65
N PHE E 193 55.81 -23.42 -9.82
CA PHE E 193 56.79 -22.32 -9.75
C PHE E 193 56.18 -21.09 -9.10
N ILE E 194 57.01 -20.34 -8.37
CA ILE E 194 56.53 -19.20 -7.59
C ILE E 194 57.62 -18.14 -7.37
N LEU E 195 57.21 -16.89 -7.55
CA LEU E 195 58.09 -15.70 -7.43
C LEU E 195 57.30 -14.67 -6.69
N SER E 196 57.93 -14.04 -5.72
CA SER E 196 57.30 -12.92 -5.07
C SER E 196 58.26 -11.75 -4.78
N ASP E 197 57.75 -10.53 -4.88
CA ASP E 197 58.50 -9.32 -4.48
C ASP E 197 57.55 -8.20 -4.06
N VAL E 198 58.09 -7.07 -3.57
CA VAL E 198 57.29 -5.85 -3.27
C VAL E 198 57.30 -4.90 -4.46
N VAL E 199 56.17 -4.24 -4.68
CA VAL E 199 56.07 -3.21 -5.71
C VAL E 199 55.09 -2.13 -5.28
N ASP E 200 55.57 -0.89 -5.27
CA ASP E 200 54.77 0.27 -4.92
C ASP E 200 54.07 0.72 -6.18
N LEU E 201 52.88 0.20 -6.37
CA LEU E 201 52.11 0.53 -7.57
C LEU E 201 51.86 2.04 -7.65
N LYS E 202 51.31 2.58 -6.57
CA LYS E 202 51.05 4.00 -6.36
C LYS E 202 52.17 4.96 -6.85
N SER E 203 53.44 4.60 -6.72
CA SER E 203 54.51 5.50 -7.17
C SER E 203 55.09 5.17 -8.57
N VAL E 204 54.61 4.09 -9.16
CA VAL E 204 55.07 3.56 -10.44
C VAL E 204 53.96 3.55 -11.51
N LEU E 205 52.69 3.68 -11.11
CA LEU E 205 51.59 3.65 -12.08
C LEU E 205 50.65 4.86 -12.12
N PRO E 206 50.00 5.13 -13.26
CA PRO E 206 48.98 6.17 -13.08
C PRO E 206 47.71 5.60 -12.41
N GLU E 207 46.82 6.48 -12.00
CA GLU E 207 45.69 6.08 -11.14
C GLU E 207 44.86 4.99 -11.76
N TRP E 208 44.71 5.10 -13.08
CA TRP E 208 43.92 4.21 -13.93
C TRP E 208 44.84 3.52 -14.90
N VAL E 209 44.62 2.25 -15.19
CA VAL E 209 45.53 1.54 -16.10
C VAL E 209 44.77 0.57 -16.95
N SER E 210 45.39 0.11 -18.03
CA SER E 210 44.93 -1.05 -18.76
C SER E 210 45.54 -2.27 -18.12
N ILE E 211 44.92 -3.39 -18.38
CA ILE E 211 45.43 -4.62 -17.85
C ILE E 211 45.42 -5.61 -19.02
N GLY E 212 46.44 -6.46 -19.11
CA GLY E 212 46.43 -7.46 -20.18
C GLY E 212 47.66 -8.27 -20.47
N PHE E 213 47.76 -8.66 -21.74
CA PHE E 213 48.81 -9.52 -22.24
C PHE E 213 49.58 -8.90 -23.43
N SER E 214 50.90 -9.01 -23.36
CA SER E 214 51.78 -8.79 -24.51
C SER E 214 52.63 -10.03 -24.72
N ALA E 215 52.96 -10.35 -25.98
CA ALA E 215 53.91 -11.41 -26.31
C ALA E 215 54.66 -11.12 -27.61
N ALA E 216 55.79 -11.80 -27.77
CA ALA E 216 56.61 -11.68 -28.97
C ALA E 216 57.32 -12.99 -29.26
N THR E 217 57.52 -13.28 -30.53
CA THR E 217 58.29 -14.44 -30.97
C THR E 217 59.65 -13.92 -31.41
N GLY E 218 60.58 -14.84 -31.69
CA GLY E 218 62.01 -14.47 -31.85
C GLY E 218 62.32 -13.54 -33.02
N ALA E 219 63.48 -12.91 -32.95
CA ALA E 219 63.89 -11.93 -33.96
C ALA E 219 64.55 -12.58 -35.15
N SER E 220 64.71 -13.90 -35.10
CA SER E 220 65.50 -14.67 -36.07
C SER E 220 64.80 -15.95 -36.53
N SER E 221 65.05 -16.32 -37.80
CA SER E 221 64.38 -17.47 -38.42
C SER E 221 64.60 -18.68 -37.54
N GLY E 222 63.52 -19.30 -37.09
CA GLY E 222 63.66 -20.48 -36.25
C GLY E 222 63.37 -20.32 -34.77
N TYR E 223 63.52 -19.13 -34.21
CA TYR E 223 63.22 -18.92 -32.79
C TYR E 223 61.78 -18.61 -32.67
N ILE E 224 61.01 -19.70 -32.69
CA ILE E 224 59.63 -19.66 -33.00
C ILE E 224 58.85 -20.38 -31.92
N GLU E 225 57.85 -19.73 -31.35
CA GLU E 225 56.93 -20.42 -30.45
C GLU E 225 55.59 -19.72 -30.43
N THR E 226 54.64 -20.40 -29.80
CA THR E 226 53.27 -19.94 -29.72
C THR E 226 53.05 -19.20 -28.41
N HIS E 227 52.12 -18.24 -28.38
CA HIS E 227 51.64 -17.70 -27.09
C HIS E 227 50.15 -17.64 -26.94
N ASP E 228 49.56 -18.78 -26.59
CA ASP E 228 48.12 -18.94 -26.62
C ASP E 228 47.53 -18.90 -25.25
N VAL E 229 46.45 -18.16 -25.06
CA VAL E 229 45.79 -18.09 -23.77
C VAL E 229 44.37 -18.57 -24.00
N PHE E 230 43.86 -19.37 -23.05
CA PHE E 230 42.56 -20.04 -23.20
C PHE E 230 41.45 -19.43 -22.41
N SER E 231 41.82 -18.85 -21.26
CA SER E 231 40.83 -18.20 -20.41
C SER E 231 41.55 -17.31 -19.47
N TRP E 232 40.80 -16.42 -18.86
CA TRP E 232 41.40 -15.34 -18.11
C TRP E 232 40.42 -14.75 -17.17
N SER E 233 40.88 -14.56 -15.94
CA SER E 233 40.07 -13.97 -14.89
C SER E 233 40.76 -12.77 -14.25
N PHE E 234 39.99 -12.01 -13.50
CA PHE E 234 40.50 -10.82 -12.86
C PHE E 234 39.47 -10.35 -11.85
N ALA E 235 39.96 -9.67 -10.84
CA ALA E 235 39.14 -8.98 -9.88
C ALA E 235 40.01 -7.98 -9.15
N SER E 236 39.45 -6.80 -8.90
CA SER E 236 40.12 -5.80 -8.09
C SER E 236 39.15 -5.07 -7.19
N LYS E 237 39.55 -4.90 -5.91
CA LYS E 237 38.91 -3.96 -4.99
C LYS E 237 39.81 -2.79 -4.64
N LEU E 238 39.19 -1.63 -4.53
CA LEU E 238 39.85 -0.44 -4.04
C LEU E 238 38.98 0.14 -2.94
N SER E 239 39.51 0.09 -1.72
CA SER E 239 38.79 0.63 -0.58
C SER E 239 39.26 2.07 -0.27
N PHE E 240 38.35 3.03 -0.17
CA PHE E 240 38.71 4.42 0.14
C PHE E 240 38.87 4.73 1.63
N LEU E 247 39.27 -9.31 -4.18
CA LEU E 247 38.30 -10.04 -3.37
C LEU E 247 39.01 -10.66 -2.15
N ASP E 248 38.42 -11.70 -1.56
CA ASP E 248 39.20 -12.61 -0.76
C ASP E 248 39.56 -13.81 -1.70
N LEU E 249 40.82 -14.00 -2.02
CA LEU E 249 41.25 -15.01 -3.00
C LEU E 249 40.51 -16.33 -2.98
N ALA E 250 40.56 -17.03 -1.85
CA ALA E 250 39.95 -18.35 -1.78
C ALA E 250 38.74 -18.40 -2.68
N SER E 251 37.71 -17.64 -2.35
CA SER E 251 36.42 -17.68 -3.08
C SER E 251 36.48 -17.16 -4.53
N PHE E 252 37.64 -16.65 -4.90
CA PHE E 252 37.84 -16.12 -6.22
C PHE E 252 38.14 -17.25 -7.18
N LEU E 253 39.41 -17.57 -7.28
CA LEU E 253 39.99 -18.79 -7.79
C LEU E 253 39.09 -19.99 -8.01
N VAL E 254 38.20 -20.27 -7.08
CA VAL E 254 37.29 -21.40 -7.14
C VAL E 254 36.13 -20.93 -7.94
N ALA E 255 35.17 -20.36 -7.25
CA ALA E 255 33.97 -19.79 -7.83
C ALA E 255 34.37 -18.78 -8.86
N ASN E 256 35.57 -18.85 -9.37
CA ASN E 256 35.86 -18.05 -10.54
C ASN E 256 35.92 -18.94 -11.78
N THR F 1 24.59 -28.80 -11.59
CA THR F 1 23.81 -28.52 -10.34
C THR F 1 24.85 -28.21 -9.20
N THR F 2 24.86 -26.98 -8.67
CA THR F 2 26.04 -26.47 -7.94
C THR F 2 25.81 -26.11 -6.45
N ASN F 3 26.45 -26.91 -5.58
CA ASN F 3 26.56 -26.71 -4.15
C ASN F 3 27.90 -26.04 -3.76
N THR F 4 27.76 -24.88 -3.12
CA THR F 4 28.92 -24.15 -2.60
C THR F 4 28.78 -24.04 -1.08
N ASP F 5 29.91 -23.91 -0.39
CA ASP F 5 29.93 -23.65 1.04
C ASP F 5 31.25 -23.00 1.36
N SER F 6 31.18 -21.79 1.91
CA SER F 6 32.38 -21.01 2.07
C SER F 6 32.26 -20.09 3.27
N PHE F 7 33.40 -19.70 3.81
CA PHE F 7 33.44 -18.84 5.00
C PHE F 7 34.76 -18.06 5.10
N THR F 8 34.73 -16.89 5.74
CA THR F 8 35.97 -16.18 6.00
C THR F 8 35.91 -15.75 7.44
N PHE F 9 36.93 -16.17 8.18
CA PHE F 9 37.24 -15.66 9.49
C PHE F 9 38.43 -14.71 9.35
N SER F 10 38.18 -13.41 9.50
CA SER F 10 39.28 -12.43 9.51
C SER F 10 39.83 -12.14 10.93
N LYS F 11 39.02 -12.46 11.93
CA LYS F 11 39.49 -12.64 13.31
C LYS F 11 38.69 -13.73 13.97
N PHE F 12 39.31 -14.40 14.94
CA PHE F 12 38.64 -15.43 15.69
C PHE F 12 38.04 -14.85 16.99
N LYS F 13 37.17 -15.62 17.66
CA LYS F 13 36.56 -15.17 18.92
C LYS F 13 36.46 -16.34 19.87
N PRO F 14 36.75 -16.10 21.16
CA PRO F 14 36.69 -17.12 22.22
C PRO F 14 35.41 -17.99 22.13
N ASN F 15 35.53 -19.27 22.41
CA ASN F 15 34.54 -20.30 22.11
C ASN F 15 33.56 -19.89 21.02
N GLN F 16 33.95 -20.17 19.81
CA GLN F 16 33.29 -19.70 18.60
C GLN F 16 32.50 -20.91 18.13
N PRO F 17 31.18 -20.82 18.01
CA PRO F 17 30.49 -22.08 17.68
C PRO F 17 30.58 -22.53 16.21
N ASN F 18 31.19 -21.70 15.39
CA ASN F 18 31.66 -21.99 14.03
C ASN F 18 32.70 -23.10 13.90
N LEU F 19 33.57 -23.19 14.88
CA LEU F 19 34.69 -24.13 14.91
C LEU F 19 34.45 -25.20 15.94
N LYS F 20 34.81 -26.45 15.62
CA LYS F 20 35.02 -27.44 16.67
C LYS F 20 36.50 -27.44 17.01
N LYS F 21 36.76 -27.08 18.26
CA LYS F 21 38.10 -27.11 18.86
C LYS F 21 38.39 -28.38 19.60
N GLN F 22 39.54 -28.97 19.31
CA GLN F 22 39.96 -30.23 19.91
C GLN F 22 41.39 -30.14 20.40
N GLY F 23 41.74 -31.07 21.30
CA GLY F 23 43.05 -31.07 21.90
C GLY F 23 43.16 -29.76 22.64
N ASP F 24 44.31 -29.12 22.51
CA ASP F 24 44.62 -27.91 23.24
C ASP F 24 44.10 -26.60 22.56
N ALA F 25 43.69 -26.68 21.29
CA ALA F 25 43.24 -25.49 20.54
C ALA F 25 42.36 -24.51 21.32
N THR F 26 42.71 -23.22 21.25
CA THR F 26 42.01 -22.11 21.99
C THR F 26 42.08 -20.79 21.17
N VAL F 27 41.05 -19.96 21.21
CA VAL F 27 41.14 -18.63 20.61
C VAL F 27 41.28 -17.62 21.73
N THR F 28 42.31 -16.77 21.66
CA THR F 28 42.48 -15.74 22.70
C THR F 28 41.55 -14.52 22.48
N SER F 29 41.56 -13.63 23.46
CA SER F 29 40.88 -12.33 23.44
C SER F 29 41.27 -11.45 22.24
N SER F 30 42.53 -11.53 21.82
CA SER F 30 42.93 -10.78 20.63
C SER F 30 42.42 -11.41 19.34
N GLY F 31 42.12 -12.71 19.31
CA GLY F 31 41.57 -13.28 18.10
C GLY F 31 42.53 -14.22 17.39
N THR F 32 43.48 -14.70 18.16
CA THR F 32 44.48 -15.60 17.69
C THR F 32 44.00 -17.01 17.98
N LEU F 33 43.96 -17.80 16.90
CA LEU F 33 43.69 -19.24 17.04
C LEU F 33 45.00 -19.92 17.45
N GLN F 34 45.09 -20.29 18.72
CA GLN F 34 46.29 -20.98 19.24
C GLN F 34 46.04 -22.48 19.16
N LEU F 35 46.49 -23.07 18.04
CA LEU F 35 46.23 -24.47 17.74
C LEU F 35 46.82 -25.34 18.84
N THR F 36 48.09 -25.06 19.20
CA THR F 36 48.81 -25.70 20.30
C THR F 36 48.98 -24.67 21.44
N LYS F 37 49.20 -25.18 22.66
CA LYS F 37 49.25 -24.37 23.87
C LYS F 37 50.37 -23.32 23.90
N VAL F 38 50.02 -22.14 24.41
CA VAL F 38 50.99 -21.08 24.65
C VAL F 38 50.73 -20.45 26.01
N ASP F 39 51.77 -20.34 26.85
CA ASP F 39 51.68 -19.66 28.14
C ASP F 39 51.11 -18.25 28.00
N LYS F 40 50.50 -17.73 29.04
CA LYS F 40 50.13 -16.32 29.01
C LYS F 40 51.35 -15.37 28.81
N ASN F 41 52.56 -15.78 29.18
CA ASN F 41 53.73 -14.99 28.79
C ASN F 41 54.09 -15.18 27.34
N GLY F 42 53.45 -16.11 26.67
CA GLY F 42 53.76 -16.33 25.29
C GLY F 42 54.80 -17.38 24.94
N VAL F 43 55.21 -18.23 25.88
CA VAL F 43 56.09 -19.33 25.55
C VAL F 43 55.26 -20.57 25.17
N PRO F 44 55.53 -21.16 24.00
CA PRO F 44 54.74 -22.32 23.57
C PRO F 44 55.07 -23.54 24.40
N ASP F 45 54.04 -24.27 24.84
CA ASP F 45 54.25 -25.36 25.75
C ASP F 45 54.60 -26.64 24.93
N PRO F 46 55.46 -27.56 25.46
CA PRO F 46 55.69 -28.81 24.72
C PRO F 46 54.51 -29.82 24.88
N LYS F 47 54.53 -30.93 24.14
CA LYS F 47 53.51 -32.01 24.26
C LYS F 47 52.08 -31.60 23.97
N SER F 48 51.93 -30.56 23.15
CA SER F 48 50.61 -30.01 22.89
C SER F 48 50.09 -30.46 21.57
N LEU F 49 48.79 -30.38 21.43
CA LEU F 49 48.09 -31.07 20.39
C LEU F 49 46.79 -30.32 20.24
N GLY F 50 46.52 -29.86 19.03
CA GLY F 50 45.38 -29.01 18.85
C GLY F 50 44.86 -29.05 17.46
N ARG F 51 43.59 -28.78 17.35
CA ARG F 51 42.86 -29.03 16.15
C ARG F 51 41.67 -28.09 16.12
N ALA F 52 41.47 -27.53 14.95
CA ALA F 52 40.43 -26.59 14.65
C ALA F 52 39.69 -26.90 13.38
N LEU F 53 38.46 -27.34 13.53
CA LEU F 53 37.67 -27.79 12.44
C LEU F 53 36.50 -26.90 12.25
N TYR F 54 36.16 -26.68 11.01
CA TYR F 54 35.00 -25.91 10.70
C TYR F 54 33.86 -26.77 10.99
N ALA F 55 32.96 -26.25 11.79
CA ALA F 55 31.90 -27.00 12.44
C ALA F 55 30.94 -27.67 11.55
N SER F 56 30.96 -27.30 10.29
CA SER F 56 30.17 -27.97 9.25
C SER F 56 30.88 -28.97 8.32
N PRO F 57 30.32 -30.17 8.16
CA PRO F 57 30.87 -31.12 7.16
C PRO F 57 30.87 -30.56 5.73
N ILE F 58 31.84 -30.97 4.93
CA ILE F 58 31.91 -30.54 3.54
C ILE F 58 31.70 -31.74 2.61
N ASN F 59 30.75 -31.62 1.69
CA ASN F 59 30.55 -32.65 0.69
C ASN F 59 31.62 -32.46 -0.41
N ILE F 60 32.71 -33.26 -0.36
CA ILE F 60 33.77 -33.15 -1.38
C ILE F 60 33.58 -34.04 -2.60
N TRP F 61 32.77 -35.08 -2.48
CA TRP F 61 32.35 -35.83 -3.68
C TRP F 61 31.04 -36.55 -3.52
N ASP F 62 30.39 -36.83 -4.64
CA ASP F 62 29.10 -37.44 -4.69
C ASP F 62 29.21 -38.81 -5.43
N SER F 63 28.77 -39.89 -4.77
CA SER F 63 28.69 -41.26 -5.33
C SER F 63 27.81 -41.40 -6.51
N LYS F 64 26.56 -40.97 -6.31
CA LYS F 64 25.55 -41.00 -7.37
C LYS F 64 26.13 -40.62 -8.71
N THR F 65 26.83 -39.49 -8.81
CA THR F 65 27.28 -38.97 -10.10
C THR F 65 28.80 -39.00 -10.33
N GLY F 66 29.57 -39.38 -9.30
CA GLY F 66 31.04 -39.49 -9.44
C GLY F 66 31.71 -38.15 -9.54
N VAL F 67 30.94 -37.12 -9.26
CA VAL F 67 31.45 -35.76 -9.23
C VAL F 67 32.25 -35.50 -7.95
N VAL F 68 33.30 -34.70 -8.10
CA VAL F 68 34.15 -34.38 -6.97
C VAL F 68 34.32 -32.85 -6.86
N ALA F 69 34.25 -32.29 -5.65
CA ALA F 69 34.34 -30.82 -5.46
C ALA F 69 35.74 -30.21 -5.64
N SER F 70 35.76 -28.94 -6.03
CA SER F 70 36.96 -28.13 -5.99
C SER F 70 36.87 -27.20 -4.82
N PHE F 71 38.04 -26.90 -4.28
CA PHE F 71 38.17 -25.96 -3.21
C PHE F 71 39.47 -25.14 -3.28
N ALA F 72 39.42 -23.99 -2.60
CA ALA F 72 40.50 -23.07 -2.33
C ALA F 72 40.40 -22.72 -0.84
N THR F 73 41.55 -22.60 -0.19
CA THR F 73 41.60 -22.12 1.17
C THR F 73 42.84 -21.24 1.36
N SER F 74 42.69 -20.19 2.16
CA SER F 74 43.80 -19.27 2.45
C SER F 74 43.81 -19.01 3.94
N PHE F 75 44.97 -18.66 4.48
CA PHE F 75 45.13 -18.38 5.92
C PHE F 75 46.49 -17.76 6.19
N ARG F 76 46.61 -17.00 7.29
CA ARG F 76 47.92 -16.65 7.84
C ARG F 76 48.10 -17.31 9.17
N PHE F 77 49.36 -17.48 9.53
CA PHE F 77 49.75 -18.13 10.78
C PHE F 77 51.18 -17.75 11.04
N THR F 78 51.56 -17.89 12.29
CA THR F 78 52.88 -17.56 12.71
C THR F 78 53.32 -18.72 13.52
N ILE F 79 54.55 -19.11 13.27
CA ILE F 79 55.22 -20.08 14.05
C ILE F 79 56.38 -19.39 14.73
N TYR F 80 56.21 -19.11 16.02
CA TYR F 80 57.27 -18.45 16.77
C TYR F 80 57.99 -19.48 17.59
N ALA F 81 59.32 -19.51 17.42
CA ALA F 81 60.17 -20.42 18.24
C ALA F 81 61.15 -19.70 19.15
N PRO F 82 61.02 -19.90 20.47
CA PRO F 82 62.06 -19.39 21.39
C PRO F 82 63.52 -19.72 21.02
N ASN F 83 63.72 -20.85 20.41
CA ASN F 83 65.03 -21.28 20.05
C ASN F 83 64.85 -22.03 18.74
N ILE F 84 65.17 -21.36 17.63
CA ILE F 84 65.01 -21.87 16.25
C ILE F 84 65.74 -23.22 16.09
N ALA F 85 66.74 -23.51 16.91
CA ALA F 85 67.45 -24.77 16.80
C ALA F 85 66.69 -25.94 17.49
N THR F 86 65.62 -25.69 18.23
CA THR F 86 64.83 -26.82 18.77
C THR F 86 63.33 -26.56 18.57
N ILE F 87 62.77 -27.14 17.51
CA ILE F 87 61.42 -26.79 17.04
C ILE F 87 60.69 -28.01 16.49
N ALA F 88 59.40 -28.05 16.78
CA ALA F 88 58.58 -29.22 16.58
C ALA F 88 57.16 -28.94 16.98
N ASP F 89 56.20 -29.62 16.36
CA ASP F 89 56.52 -30.55 15.27
C ASP F 89 55.93 -30.04 13.93
N GLY F 90 54.92 -29.19 14.01
CA GLY F 90 54.42 -28.50 12.84
C GLY F 90 52.93 -28.35 12.86
N LEU F 91 52.38 -27.97 11.72
CA LEU F 91 50.93 -27.91 11.54
C LEU F 91 50.55 -28.37 10.15
N ALA F 92 49.24 -28.47 9.92
CA ALA F 92 48.69 -28.95 8.67
C ALA F 92 47.27 -28.46 8.56
N PHE F 93 46.86 -28.30 7.30
CA PHE F 93 45.47 -28.20 6.88
C PHE F 93 45.12 -29.56 6.32
N PHE F 94 43.92 -30.01 6.67
CA PHE F 94 43.59 -31.36 6.40
C PHE F 94 42.11 -31.55 6.16
N LEU F 95 41.80 -32.60 5.41
CA LEU F 95 40.44 -33.13 5.31
C LEU F 95 40.44 -34.59 5.83
N ALA F 96 39.41 -34.99 6.56
CA ALA F 96 39.26 -36.38 7.06
C ALA F 96 37.78 -36.67 7.44
N PRO F 97 37.43 -37.92 7.84
CA PRO F 97 36.01 -38.15 8.17
C PRO F 97 35.45 -37.24 9.26
N VAL F 98 34.22 -36.79 9.05
CA VAL F 98 33.41 -36.17 10.09
C VAL F 98 32.73 -37.32 10.80
N SER F 99 33.23 -37.73 11.95
CA SER F 99 34.20 -36.96 12.66
C SER F 99 35.51 -37.68 13.07
N SER F 100 36.61 -37.16 12.50
CA SER F 100 37.98 -37.55 12.81
C SER F 100 38.23 -36.99 14.20
N PRO F 101 38.43 -37.87 15.18
CA PRO F 101 39.02 -37.34 16.40
C PRO F 101 40.55 -37.20 16.17
N PRO F 102 41.25 -36.37 16.98
CA PRO F 102 42.67 -36.17 16.68
C PRO F 102 43.48 -37.44 16.91
N LYS F 103 44.56 -37.64 16.17
CA LYS F 103 45.32 -38.86 16.30
C LYS F 103 46.67 -38.49 16.92
N ALA F 104 47.65 -39.37 16.88
CA ALA F 104 48.85 -39.22 17.71
C ALA F 104 49.49 -37.84 17.53
N GLY F 105 50.28 -37.49 18.53
CA GLY F 105 50.86 -36.18 18.68
C GLY F 105 52.22 -35.98 18.02
N ALA F 106 52.91 -34.91 18.38
CA ALA F 106 54.29 -34.73 17.99
C ALA F 106 54.37 -34.84 16.48
N GLY F 107 55.40 -35.54 16.00
CA GLY F 107 55.61 -35.76 14.54
C GLY F 107 54.49 -36.34 13.67
N PHE F 108 53.43 -36.90 14.29
CA PHE F 108 52.21 -37.35 13.59
C PHE F 108 51.24 -36.23 13.26
N LEU F 109 51.58 -35.03 13.74
CA LEU F 109 50.81 -33.81 13.51
C LEU F 109 49.35 -33.89 13.96
N GLY F 110 49.07 -34.85 14.83
CA GLY F 110 47.71 -35.04 15.35
C GLY F 110 46.76 -35.78 14.42
N LEU F 111 47.35 -36.40 13.39
CA LEU F 111 46.66 -36.78 12.14
C LEU F 111 46.79 -38.30 11.77
N PHE F 112 47.88 -38.92 12.20
CA PHE F 112 48.19 -40.31 11.93
C PHE F 112 48.64 -40.95 13.24
N ASP F 113 48.78 -42.27 13.24
CA ASP F 113 49.03 -43.01 14.46
C ASP F 113 50.36 -43.74 14.39
N SER F 114 50.99 -43.79 13.21
CA SER F 114 52.30 -44.41 13.01
C SER F 114 52.81 -44.22 11.59
N ALA F 115 54.05 -44.66 11.35
CA ALA F 115 54.85 -44.38 10.14
C ALA F 115 54.29 -45.01 8.86
N VAL F 116 53.38 -45.98 9.00
CA VAL F 116 52.94 -46.73 7.82
C VAL F 116 51.73 -46.12 7.14
N PHE F 117 51.56 -46.54 5.90
CA PHE F 117 50.36 -46.27 5.18
C PHE F 117 49.23 -47.18 5.68
N ASN F 118 48.03 -46.60 5.79
CA ASN F 118 46.79 -47.33 5.98
C ASN F 118 45.64 -46.46 5.42
N SER F 119 44.92 -46.98 4.43
CA SER F 119 43.94 -46.19 3.69
C SER F 119 42.64 -45.94 4.45
N SER F 120 42.46 -46.62 5.57
CA SER F 120 41.41 -46.32 6.54
C SER F 120 41.53 -44.91 7.12
N TYR F 121 42.75 -44.39 7.25
CA TYR F 121 42.97 -43.03 7.74
C TYR F 121 42.00 -42.09 7.07
N GLN F 122 41.85 -42.27 5.76
CA GLN F 122 40.98 -41.42 4.96
C GLN F 122 41.29 -39.94 5.26
N THR F 123 42.57 -39.58 5.18
CA THR F 123 42.94 -38.23 5.51
C THR F 123 43.97 -37.66 4.53
N VAL F 124 43.71 -36.44 4.11
CA VAL F 124 44.56 -35.80 3.17
C VAL F 124 44.95 -34.51 3.85
N ALA F 125 46.23 -34.20 3.76
CA ALA F 125 46.77 -33.11 4.53
C ALA F 125 47.88 -32.42 3.72
N VAL F 126 47.91 -31.08 3.79
CA VAL F 126 49.10 -30.33 3.50
C VAL F 126 49.73 -30.09 4.86
N GLU F 127 50.91 -30.70 5.11
CA GLU F 127 51.71 -30.51 6.33
C GLU F 127 52.78 -29.41 6.14
N PHE F 128 53.01 -28.67 7.24
CA PHE F 128 54.10 -27.71 7.43
C PHE F 128 54.90 -28.24 8.61
N ASP F 129 55.96 -28.94 8.26
CA ASP F 129 56.76 -29.82 9.11
C ASP F 129 58.01 -29.07 9.43
N THR F 130 58.32 -29.01 10.72
CA THR F 130 59.45 -28.21 11.22
C THR F 130 60.52 -29.12 11.86
N TYR F 131 60.24 -30.42 11.88
CA TYR F 131 61.05 -31.42 12.60
C TYR F 131 61.21 -32.64 11.74
N GLU F 132 62.46 -33.04 11.55
CA GLU F 132 62.75 -34.15 10.67
C GLU F 132 62.55 -35.46 11.42
N ASN F 133 61.46 -36.18 11.15
CA ASN F 133 61.33 -37.54 11.69
C ASN F 133 61.85 -38.52 10.62
N THR F 134 63.11 -39.00 10.74
CA THR F 134 63.68 -39.97 9.75
C THR F 134 62.82 -41.23 9.61
N VAL F 135 62.22 -41.64 10.71
CA VAL F 135 61.19 -42.67 10.76
C VAL F 135 60.05 -42.41 9.74
N PHE F 136 59.89 -41.17 9.28
CA PHE F 136 58.84 -40.89 8.30
C PHE F 136 59.40 -40.50 6.96
N LEU F 137 60.73 -40.65 6.81
CA LEU F 137 61.46 -40.27 5.58
C LEU F 137 61.22 -38.80 5.33
N ASP F 138 61.32 -38.00 6.39
CA ASP F 138 61.20 -36.56 6.32
C ASP F 138 62.43 -36.05 5.64
N PRO F 139 62.27 -35.14 4.67
CA PRO F 139 63.50 -34.54 4.11
C PRO F 139 64.35 -33.90 5.22
N PRO F 140 65.63 -33.56 4.95
CA PRO F 140 66.39 -33.03 6.08
C PRO F 140 65.95 -31.61 6.56
N ASP F 141 65.40 -30.79 5.65
CA ASP F 141 64.95 -29.47 6.02
C ASP F 141 63.50 -29.48 6.44
N THR F 142 63.11 -28.39 7.09
CA THR F 142 61.72 -27.99 7.23
C THR F 142 61.08 -27.99 5.84
N HIS F 143 59.82 -28.40 5.75
CA HIS F 143 59.27 -28.69 4.47
C HIS F 143 57.79 -28.58 4.48
N ILE F 144 57.22 -28.24 3.31
CA ILE F 144 55.81 -28.34 3.07
C ILE F 144 55.62 -29.69 2.38
N GLY F 145 54.70 -30.50 2.90
CA GLY F 145 54.38 -31.74 2.22
C GLY F 145 52.90 -31.99 2.00
N ILE F 146 52.60 -32.88 1.03
CA ILE F 146 51.27 -33.45 0.81
C ILE F 146 51.20 -34.85 1.38
N ASP F 147 50.26 -35.06 2.29
CA ASP F 147 50.11 -36.37 2.95
C ASP F 147 48.77 -37.05 2.61
N VAL F 148 48.85 -38.27 2.11
CA VAL F 148 47.66 -39.07 1.77
C VAL F 148 47.64 -40.39 2.52
N ASN F 149 46.78 -40.50 3.52
CA ASN F 149 46.64 -41.74 4.30
C ASN F 149 47.97 -42.24 4.82
N SER F 150 48.96 -41.34 4.92
CA SER F 150 50.27 -41.63 5.51
C SER F 150 50.98 -40.37 5.92
N ILE F 151 51.70 -40.42 7.05
CA ILE F 151 52.56 -39.31 7.52
C ILE F 151 53.84 -39.19 6.68
N LYS F 152 54.13 -40.22 5.88
CA LYS F 152 55.21 -40.17 4.91
C LYS F 152 54.59 -39.53 3.66
N SER F 153 55.07 -38.32 3.34
CA SER F 153 54.44 -37.47 2.35
C SER F 153 54.63 -38.09 1.01
N ILE F 154 53.58 -38.03 0.16
CA ILE F 154 53.81 -38.46 -1.22
C ILE F 154 54.76 -37.49 -1.89
N LYS F 155 54.80 -36.24 -1.45
CA LYS F 155 55.66 -35.24 -2.07
C LYS F 155 55.96 -34.11 -1.06
N THR F 156 57.16 -33.53 -1.18
CA THR F 156 57.59 -32.40 -0.36
C THR F 156 58.36 -31.33 -1.20
N VAL F 157 58.37 -30.10 -0.70
CA VAL F 157 59.29 -29.06 -1.12
C VAL F 157 59.84 -28.39 0.14
N LYS F 158 61.08 -27.89 0.02
CA LYS F 158 61.72 -27.04 1.02
C LYS F 158 60.83 -25.86 1.42
N TRP F 159 60.80 -25.57 2.72
CA TRP F 159 60.14 -24.40 3.30
C TRP F 159 61.00 -23.75 4.37
N ASP F 160 61.41 -22.52 4.13
CA ASP F 160 62.35 -21.92 5.04
C ASP F 160 61.58 -21.11 6.06
N LEU F 161 61.52 -21.58 7.29
CA LEU F 161 60.70 -20.97 8.30
C LEU F 161 61.26 -19.60 8.66
N ALA F 162 60.41 -18.58 8.72
CA ALA F 162 60.82 -17.25 9.23
C ALA F 162 60.23 -17.05 10.62
N ASN F 163 61.10 -17.14 11.65
CA ASN F 163 60.67 -17.22 13.05
C ASN F 163 59.90 -16.00 13.44
N GLY F 164 58.69 -16.23 13.96
CA GLY F 164 57.82 -15.10 14.32
C GLY F 164 57.24 -14.30 13.15
N GLU F 165 57.33 -14.81 11.93
CA GLU F 165 56.72 -14.01 10.84
C GLU F 165 55.47 -14.62 10.34
N ALA F 166 54.50 -13.77 10.07
CA ALA F 166 53.22 -14.19 9.48
C ALA F 166 53.47 -14.73 8.09
N ALA F 167 53.07 -15.98 7.88
CA ALA F 167 53.04 -16.61 6.56
C ALA F 167 51.63 -16.65 6.07
N LYS F 168 51.52 -16.40 4.78
CA LYS F 168 50.27 -16.27 4.06
C LYS F 168 50.22 -17.51 3.17
N VAL F 169 49.20 -18.35 3.38
CA VAL F 169 49.08 -19.62 2.68
C VAL F 169 47.82 -19.67 1.82
N LEU F 170 47.98 -20.18 0.59
CA LEU F 170 46.87 -20.59 -0.27
C LEU F 170 47.00 -22.06 -0.72
N ILE F 171 45.96 -22.86 -0.41
CA ILE F 171 45.82 -24.25 -0.86
C ILE F 171 44.60 -24.45 -1.77
N THR F 172 44.84 -25.04 -2.95
CA THR F 172 43.79 -25.28 -3.95
C THR F 172 43.74 -26.72 -4.43
N TYR F 173 42.54 -27.10 -4.84
CA TYR F 173 42.30 -28.40 -5.41
C TYR F 173 41.37 -28.25 -6.61
N ASP F 174 41.91 -28.59 -7.78
CA ASP F 174 41.17 -28.65 -9.03
C ASP F 174 40.67 -30.06 -9.22
N SER F 175 39.37 -30.27 -9.08
CA SER F 175 38.84 -31.62 -9.18
C SER F 175 38.99 -32.16 -10.60
N SER F 176 38.89 -31.31 -11.61
CA SER F 176 38.98 -31.81 -12.98
C SER F 176 40.43 -32.13 -13.48
N ALA F 177 41.45 -31.72 -12.76
CA ALA F 177 42.77 -32.23 -13.06
C ALA F 177 43.31 -32.96 -11.86
N LYS F 178 42.43 -33.21 -10.88
CA LYS F 178 42.74 -33.92 -9.62
C LYS F 178 44.01 -33.45 -8.87
N LEU F 179 44.24 -32.13 -8.84
CA LEU F 179 45.52 -31.51 -8.43
C LEU F 179 45.46 -30.62 -7.16
N LEU F 180 46.32 -30.94 -6.20
CA LEU F 180 46.46 -30.20 -4.96
C LEU F 180 47.75 -29.42 -5.00
N VAL F 181 47.61 -28.10 -4.80
CA VAL F 181 48.69 -27.11 -4.82
C VAL F 181 48.69 -26.27 -3.54
N ALA F 182 49.80 -26.34 -2.80
CA ALA F 182 49.95 -25.48 -1.63
C ALA F 182 51.00 -24.45 -1.92
N ALA F 183 50.70 -23.19 -1.52
CA ALA F 183 51.64 -22.07 -1.67
C ALA F 183 51.75 -21.31 -0.35
N LEU F 184 52.99 -20.95 0.02
CA LEU F 184 53.29 -20.19 1.22
C LEU F 184 54.20 -19.00 0.87
N VAL F 185 53.82 -17.82 1.35
CA VAL F 185 54.52 -16.55 1.08
C VAL F 185 54.70 -15.75 2.38
N TYR F 186 55.88 -15.18 2.51
CA TYR F 186 56.23 -14.33 3.62
C TYR F 186 56.32 -12.93 3.05
N PRO F 187 55.25 -12.13 3.26
CA PRO F 187 55.35 -10.75 2.81
C PRO F 187 56.64 -10.13 3.34
N SER F 188 56.90 -10.25 4.64
CA SER F 188 58.09 -9.66 5.28
C SER F 188 59.43 -9.99 4.63
N SER F 189 59.66 -11.20 4.15
CA SER F 189 60.97 -11.47 3.53
C SER F 189 60.93 -11.70 2.04
N LYS F 190 59.73 -11.77 1.47
CA LYS F 190 59.55 -11.86 0.00
C LYS F 190 59.92 -13.26 -0.52
N THR F 191 59.75 -14.27 0.32
CA THR F 191 60.13 -15.62 -0.04
C THR F 191 58.87 -16.47 -0.32
N SER F 192 59.04 -17.41 -1.25
CA SER F 192 57.98 -18.20 -1.84
C SER F 192 58.25 -19.71 -1.94
N PHE F 193 57.24 -20.47 -1.54
CA PHE F 193 57.30 -21.93 -1.63
C PHE F 193 56.01 -22.51 -2.19
N ILE F 194 56.16 -23.49 -3.09
CA ILE F 194 55.04 -24.14 -3.76
C ILE F 194 55.33 -25.62 -4.03
N LEU F 195 54.25 -26.38 -4.07
CA LEU F 195 54.25 -27.80 -4.16
C LEU F 195 52.91 -28.14 -4.83
N SER F 196 52.96 -29.02 -5.83
CA SER F 196 51.75 -29.45 -6.54
C SER F 196 51.77 -30.96 -6.71
N ASP F 197 50.62 -31.62 -6.63
CA ASP F 197 50.53 -33.07 -6.96
C ASP F 197 49.12 -33.52 -7.20
N VAL F 198 48.96 -34.64 -7.92
CA VAL F 198 47.67 -35.30 -8.16
C VAL F 198 47.20 -36.12 -6.94
N VAL F 199 45.97 -35.90 -6.49
CA VAL F 199 45.44 -36.75 -5.44
C VAL F 199 44.02 -37.02 -5.83
N ASP F 200 43.60 -38.29 -5.75
CA ASP F 200 42.28 -38.76 -6.20
C ASP F 200 41.37 -38.80 -4.99
N LEU F 201 40.76 -37.67 -4.73
CA LEU F 201 40.02 -37.46 -3.52
C LEU F 201 38.83 -38.46 -3.39
N LYS F 202 38.26 -38.84 -4.53
CA LYS F 202 37.15 -39.74 -4.60
C LYS F 202 37.55 -41.13 -4.07
N SER F 203 38.84 -41.45 -4.12
CA SER F 203 39.24 -42.79 -3.76
C SER F 203 39.99 -42.88 -2.46
N VAL F 204 40.16 -41.75 -1.78
CA VAL F 204 40.76 -41.77 -0.44
C VAL F 204 39.86 -41.23 0.69
N LEU F 205 38.84 -40.44 0.32
CA LEU F 205 38.01 -39.75 1.29
C LEU F 205 36.57 -40.17 1.18
N PRO F 206 35.82 -40.12 2.31
CA PRO F 206 34.38 -40.33 2.17
C PRO F 206 33.78 -39.12 1.49
N GLU F 207 32.50 -39.21 1.14
CA GLU F 207 31.77 -38.11 0.50
C GLU F 207 31.70 -36.84 1.37
N TRP F 208 31.67 -36.99 2.70
CA TRP F 208 31.58 -35.84 3.62
C TRP F 208 32.67 -35.84 4.62
N VAL F 209 33.32 -34.70 4.78
CA VAL F 209 34.55 -34.64 5.56
C VAL F 209 34.54 -33.42 6.46
N SER F 210 35.31 -33.45 7.54
CA SER F 210 35.64 -32.22 8.23
C SER F 210 36.94 -31.69 7.60
N ILE F 211 37.01 -30.38 7.35
CA ILE F 211 38.26 -29.72 6.97
C ILE F 211 38.76 -28.87 8.14
N GLY F 212 40.04 -28.49 8.11
CA GLY F 212 40.61 -27.78 9.26
C GLY F 212 42.12 -27.83 9.44
N PHE F 213 42.54 -27.40 10.61
CA PHE F 213 43.95 -27.29 10.97
C PHE F 213 44.28 -28.28 12.03
N SER F 214 45.50 -28.81 11.99
CA SER F 214 45.98 -29.65 13.08
C SER F 214 47.40 -29.22 13.29
N ALA F 215 47.87 -29.32 14.53
CA ALA F 215 49.24 -28.94 14.88
C ALA F 215 49.69 -29.68 16.13
N ALA F 216 51.01 -29.76 16.29
CA ALA F 216 51.63 -30.36 17.47
C ALA F 216 53.02 -29.79 17.78
N THR F 217 53.32 -29.79 19.07
CA THR F 217 54.62 -29.34 19.55
C THR F 217 55.41 -30.59 19.93
N GLY F 218 56.70 -30.44 20.24
CA GLY F 218 57.57 -31.58 20.59
C GLY F 218 57.21 -32.55 21.70
N ALA F 219 57.80 -33.74 21.63
CA ALA F 219 57.81 -34.77 22.69
C ALA F 219 58.81 -34.49 23.79
N SER F 220 59.76 -33.60 23.51
CA SER F 220 60.81 -33.27 24.47
C SER F 220 60.56 -31.87 25.00
N SER F 221 61.28 -31.48 26.05
CA SER F 221 61.21 -30.10 26.49
C SER F 221 62.05 -29.17 25.62
N GLY F 222 61.51 -27.98 25.39
CA GLY F 222 62.20 -27.02 24.56
C GLY F 222 62.13 -27.25 23.07
N TYR F 223 61.52 -28.36 22.68
CA TYR F 223 61.20 -28.51 21.25
C TYR F 223 59.84 -27.87 21.02
N ILE F 224 59.80 -26.54 21.09
CA ILE F 224 58.53 -25.83 21.22
C ILE F 224 58.38 -24.71 20.15
N GLU F 225 57.14 -24.47 19.71
CA GLU F 225 56.84 -23.33 18.85
C GLU F 225 55.37 -23.17 18.91
N THR F 226 54.93 -21.97 18.62
CA THR F 226 53.54 -21.67 18.50
C THR F 226 53.07 -22.04 17.09
N HIS F 227 51.77 -22.36 17.01
CA HIS F 227 51.10 -22.58 15.76
C HIS F 227 49.85 -21.73 15.75
N ASP F 228 50.04 -20.45 15.49
CA ASP F 228 48.99 -19.52 15.69
C ASP F 228 48.40 -19.16 14.35
N VAL F 229 47.08 -19.35 14.17
CA VAL F 229 46.36 -18.94 12.94
C VAL F 229 45.63 -17.62 13.18
N PHE F 230 45.84 -16.64 12.29
CA PHE F 230 45.17 -15.30 12.41
C PHE F 230 43.90 -15.08 11.63
N SER F 231 43.72 -15.83 10.57
CA SER F 231 42.54 -15.67 9.79
C SER F 231 42.51 -16.82 8.81
N TRP F 232 41.30 -17.07 8.34
CA TRP F 232 40.99 -18.26 7.66
C TRP F 232 39.81 -18.05 6.79
N SER F 233 40.03 -18.39 5.52
CA SER F 233 39.04 -18.31 4.48
C SER F 233 38.98 -19.68 3.78
N PHE F 234 37.77 -20.09 3.41
CA PHE F 234 37.56 -21.34 2.74
C PHE F 234 36.49 -21.12 1.69
N ALA F 235 36.55 -21.93 0.63
CA ALA F 235 35.51 -21.97 -0.36
C ALA F 235 35.62 -23.31 -1.09
N SER F 236 34.53 -24.05 -1.08
CA SER F 236 34.41 -25.20 -1.94
C SER F 236 33.16 -25.07 -2.84
N LYS F 237 33.21 -25.67 -4.03
CA LYS F 237 32.02 -25.78 -4.88
C LYS F 237 31.94 -27.18 -5.55
N LEU F 238 30.78 -27.83 -5.47
CA LEU F 238 30.57 -29.15 -6.05
C LEU F 238 29.44 -29.15 -7.12
N SER F 239 29.80 -29.27 -8.40
CA SER F 239 28.78 -29.33 -9.45
C SER F 239 28.46 -30.75 -9.92
N PHE F 240 27.20 -31.17 -9.79
CA PHE F 240 26.70 -32.45 -10.32
C PHE F 240 26.55 -32.47 -11.86
N ALA F 241 26.49 -31.30 -12.48
CA ALA F 241 26.68 -31.17 -13.94
C ALA F 241 28.18 -31.29 -14.32
N ALA F 242 28.51 -32.34 -15.08
CA ALA F 242 29.90 -32.67 -15.52
C ALA F 242 30.99 -32.49 -14.42
N THR G 1 37.81 -5.21 9.15
CA THR G 1 37.86 -6.58 9.70
C THR G 1 36.46 -7.17 9.58
N THR G 2 36.30 -8.13 8.67
CA THR G 2 34.96 -8.64 8.36
C THR G 2 34.90 -10.16 8.15
N ASN G 3 33.96 -10.76 8.87
CA ASN G 3 33.64 -12.17 8.82
C ASN G 3 32.46 -12.44 7.87
N THR G 4 32.48 -13.60 7.24
CA THR G 4 31.64 -13.94 6.16
C THR G 4 31.23 -15.38 6.44
N ASP G 5 29.97 -15.73 6.22
CA ASP G 5 29.65 -17.15 6.14
C ASP G 5 28.61 -17.35 5.06
N SER G 6 28.98 -18.17 4.07
CA SER G 6 28.19 -18.41 2.87
C SER G 6 27.96 -19.88 2.54
N PHE G 7 26.81 -20.17 1.94
CA PHE G 7 26.55 -21.46 1.36
C PHE G 7 25.42 -21.33 0.35
N THR G 8 25.45 -22.19 -0.67
CA THR G 8 24.25 -22.52 -1.42
C THR G 8 24.03 -24.06 -1.54
N PHE G 9 22.86 -24.51 -1.07
CA PHE G 9 22.29 -25.82 -1.38
C PHE G 9 21.44 -25.66 -2.67
N SER G 10 21.90 -26.27 -3.77
CA SER G 10 21.14 -26.23 -5.01
C SER G 10 20.29 -27.47 -5.13
N LYS G 11 20.65 -28.51 -4.39
CA LYS G 11 19.78 -29.66 -4.19
C LYS G 11 20.00 -30.20 -2.81
N PHE G 12 18.98 -30.78 -2.19
CA PHE G 12 19.20 -31.39 -0.90
C PHE G 12 19.44 -32.88 -1.11
N LYS G 13 20.29 -33.48 -0.30
CA LYS G 13 20.50 -34.92 -0.37
C LYS G 13 19.99 -35.59 0.90
N PRO G 14 19.52 -36.83 0.81
CA PRO G 14 19.01 -37.27 2.09
C PRO G 14 20.08 -37.27 3.20
N ASN G 15 19.70 -36.82 4.40
CA ASN G 15 20.53 -36.90 5.64
C ASN G 15 21.84 -36.12 5.74
N GLN G 16 22.13 -35.25 4.79
CA GLN G 16 23.24 -34.31 4.85
C GLN G 16 23.61 -33.90 6.24
N PRO G 17 24.85 -34.03 6.64
CA PRO G 17 25.20 -33.55 7.98
C PRO G 17 25.46 -32.02 8.10
N ASN G 18 25.36 -31.27 7.00
CA ASN G 18 25.36 -29.81 7.12
C ASN G 18 23.98 -29.19 7.46
N LEU G 19 23.02 -30.03 7.85
CA LEU G 19 21.67 -29.52 8.10
C LEU G 19 21.10 -30.20 9.34
N LYS G 20 20.59 -29.40 10.26
CA LYS G 20 19.96 -29.95 11.43
C LYS G 20 18.45 -30.05 11.19
N LYS G 21 17.99 -31.28 11.14
CA LYS G 21 16.60 -31.57 10.90
C LYS G 21 15.88 -31.78 12.22
N GLN G 22 14.70 -31.20 12.37
CA GLN G 22 13.97 -31.28 13.63
C GLN G 22 12.51 -31.52 13.29
N GLY G 23 11.79 -32.18 14.23
CA GLY G 23 10.37 -32.48 14.03
C GLY G 23 10.12 -33.55 12.98
N ASP G 24 9.23 -33.29 12.02
CA ASP G 24 8.95 -34.22 10.93
C ASP G 24 9.80 -34.09 9.65
N ALA G 25 10.67 -33.08 9.59
CA ALA G 25 11.40 -32.75 8.35
C ALA G 25 12.36 -33.82 7.84
N THR G 26 12.37 -33.96 6.52
CA THR G 26 12.83 -35.12 5.74
C THR G 26 13.49 -34.46 4.53
N VAL G 27 14.60 -34.98 4.06
CA VAL G 27 14.95 -34.80 2.66
C VAL G 27 14.63 -36.14 1.98
N THR G 28 14.01 -36.05 0.81
CA THR G 28 13.57 -37.20 0.03
C THR G 28 14.68 -37.60 -0.90
N SER G 29 14.56 -38.79 -1.49
CA SER G 29 15.58 -39.26 -2.39
C SER G 29 15.58 -38.35 -3.61
N SER G 30 14.46 -37.69 -3.83
CA SER G 30 14.29 -36.83 -4.95
C SER G 30 14.97 -35.46 -4.74
N GLY G 31 15.39 -35.16 -3.52
CA GLY G 31 16.22 -33.97 -3.27
C GLY G 31 15.49 -32.83 -2.57
N THR G 32 14.20 -33.06 -2.29
CA THR G 32 13.29 -32.10 -1.69
C THR G 32 13.35 -32.06 -0.18
N LEU G 33 13.52 -30.85 0.34
CA LEU G 33 13.39 -30.61 1.76
C LEU G 33 11.89 -30.50 2.09
N GLN G 34 11.37 -31.58 2.67
CA GLN G 34 9.97 -31.70 3.06
C GLN G 34 9.76 -31.39 4.54
N LEU G 35 9.67 -30.10 4.85
CA LEU G 35 9.59 -29.61 6.24
C LEU G 35 8.48 -30.27 7.05
N THR G 36 7.38 -30.52 6.37
CA THR G 36 6.24 -31.04 7.06
C THR G 36 5.81 -32.38 6.41
N LYS G 37 5.09 -33.24 7.13
CA LYS G 37 4.84 -34.61 6.66
C LYS G 37 4.05 -34.67 5.38
N VAL G 38 4.49 -35.55 4.49
CA VAL G 38 3.79 -35.87 3.25
C VAL G 38 3.71 -37.40 3.13
N ASP G 39 2.50 -37.96 3.06
CA ASP G 39 2.27 -39.41 2.81
C ASP G 39 2.93 -39.83 1.53
N LYS G 40 3.30 -41.10 1.43
CA LYS G 40 3.92 -41.64 0.20
C LYS G 40 3.08 -41.36 -1.05
N ASN G 41 1.78 -41.58 -0.93
CA ASN G 41 0.85 -41.36 -2.04
C ASN G 41 0.78 -39.88 -2.46
N GLY G 42 1.54 -39.04 -1.77
CA GLY G 42 1.69 -37.64 -2.13
C GLY G 42 0.90 -36.65 -1.28
N VAL G 43 0.03 -37.16 -0.39
CA VAL G 43 -0.86 -36.34 0.44
C VAL G 43 -0.13 -35.74 1.67
N PRO G 44 -0.22 -34.40 1.88
CA PRO G 44 0.39 -33.84 3.11
C PRO G 44 -0.47 -34.12 4.34
N ASP G 45 0.19 -34.42 5.47
CA ASP G 45 -0.52 -34.89 6.66
C ASP G 45 -0.83 -33.66 7.55
N PRO G 46 -1.92 -33.72 8.36
CA PRO G 46 -2.13 -32.65 9.33
C PRO G 46 -1.26 -32.83 10.57
N LYS G 47 -1.35 -31.87 11.49
CA LYS G 47 -0.64 -31.85 12.77
C LYS G 47 0.85 -32.20 12.70
N SER G 48 1.50 -31.72 11.65
CA SER G 48 2.94 -31.89 11.43
C SER G 48 3.72 -30.65 11.78
N LEU G 49 4.94 -30.88 12.27
CA LEU G 49 5.88 -29.85 12.63
C LEU G 49 7.23 -30.23 12.16
N GLY G 50 7.92 -29.28 11.53
CA GLY G 50 9.26 -29.56 11.08
C GLY G 50 10.05 -28.30 10.89
N ARG G 51 11.36 -28.42 11.07
CA ARG G 51 12.28 -27.32 11.01
C ARG G 51 13.60 -27.87 10.46
N ALA G 52 14.35 -27.01 9.77
CA ALA G 52 15.63 -27.37 9.14
C ALA G 52 16.61 -26.23 9.36
N LEU G 53 17.68 -26.47 10.11
CA LEU G 53 18.61 -25.39 10.38
C LEU G 53 19.96 -25.72 9.78
N TYR G 54 20.66 -24.70 9.31
CA TYR G 54 22.04 -24.86 8.91
C TYR G 54 22.82 -25.34 10.12
N ALA G 55 23.83 -26.17 9.89
CA ALA G 55 24.45 -26.95 10.95
C ALA G 55 25.28 -26.13 11.92
N SER G 56 25.60 -24.90 11.56
CA SER G 56 26.44 -24.11 12.43
C SER G 56 25.77 -22.77 12.67
N PRO G 57 26.01 -22.16 13.84
CA PRO G 57 25.37 -20.87 14.17
C PRO G 57 25.92 -19.66 13.35
N ILE G 58 25.05 -18.70 13.08
CA ILE G 58 25.45 -17.42 12.44
C ILE G 58 25.70 -16.33 13.49
N ASN G 59 26.82 -15.65 13.34
CA ASN G 59 27.17 -14.50 14.17
C ASN G 59 26.52 -13.26 13.61
N ILE G 60 25.44 -12.80 14.25
CA ILE G 60 24.57 -11.82 13.64
C ILE G 60 24.87 -10.40 14.08
N TRP G 61 25.46 -10.25 15.28
CA TRP G 61 26.01 -8.99 15.82
C TRP G 61 27.06 -9.27 16.86
N ASP G 62 27.88 -8.27 17.16
CA ASP G 62 29.02 -8.43 18.04
C ASP G 62 28.92 -7.49 19.26
N SER G 63 28.79 -8.09 20.44
CA SER G 63 28.66 -7.32 21.67
C SER G 63 29.79 -6.30 21.84
N LYS G 64 31.03 -6.75 21.70
CA LYS G 64 32.19 -5.90 21.91
C LYS G 64 32.27 -4.63 21.03
N THR G 65 31.88 -4.73 19.76
CA THR G 65 32.05 -3.61 18.82
C THR G 65 30.71 -2.95 18.48
N GLY G 66 29.62 -3.57 18.92
CA GLY G 66 28.28 -3.13 18.58
C GLY G 66 27.87 -3.26 17.12
N VAL G 67 28.64 -4.01 16.31
CA VAL G 67 28.38 -4.10 14.88
C VAL G 67 27.42 -5.24 14.56
N VAL G 68 26.56 -5.04 13.58
CA VAL G 68 25.58 -6.07 13.28
C VAL G 68 25.79 -6.61 11.87
N ALA G 69 25.57 -7.91 11.70
CA ALA G 69 25.72 -8.57 10.41
C ALA G 69 24.68 -8.04 9.45
N SER G 70 25.05 -8.01 8.17
CA SER G 70 24.14 -7.83 7.05
C SER G 70 24.03 -9.18 6.37
N PHE G 71 22.82 -9.60 6.02
CA PHE G 71 22.75 -10.89 5.36
C PHE G 71 21.71 -10.93 4.28
N ALA G 72 21.82 -11.94 3.44
CA ALA G 72 20.92 -12.13 2.32
C ALA G 72 20.64 -13.63 2.14
N THR G 73 19.40 -14.00 1.85
CA THR G 73 19.08 -15.41 1.66
C THR G 73 18.04 -15.57 0.54
N SER G 74 18.19 -16.63 -0.25
CA SER G 74 17.23 -16.94 -1.28
C SER G 74 16.90 -18.40 -1.21
N PHE G 75 15.64 -18.69 -1.46
CA PHE G 75 15.22 -20.05 -1.47
C PHE G 75 14.03 -20.15 -2.39
N ARG G 76 13.90 -21.35 -2.96
CA ARG G 76 12.85 -21.71 -3.90
C ARG G 76 12.02 -22.73 -3.09
N PHE G 77 10.70 -22.58 -3.11
CA PHE G 77 9.79 -23.47 -2.38
C PHE G 77 8.37 -23.63 -3.00
N THR G 78 7.79 -24.79 -2.75
CA THR G 78 6.44 -25.02 -3.22
C THR G 78 5.59 -25.30 -2.02
N ILE G 79 4.43 -24.65 -1.98
CA ILE G 79 3.31 -25.17 -1.22
C ILE G 79 2.22 -25.72 -2.15
N TYR G 80 1.87 -26.96 -1.86
CA TYR G 80 0.87 -27.67 -2.63
C TYR G 80 -0.22 -28.06 -1.68
N ALA G 81 -1.47 -27.81 -2.08
CA ALA G 81 -2.62 -28.04 -1.25
C ALA G 81 -3.72 -28.81 -2.00
N PRO G 82 -4.15 -29.94 -1.42
CA PRO G 82 -5.29 -30.68 -1.97
C PRO G 82 -6.48 -29.76 -2.22
N ASN G 83 -6.84 -28.97 -1.22
CA ASN G 83 -7.82 -27.94 -1.45
C ASN G 83 -7.20 -26.65 -1.00
N ILE G 84 -7.17 -25.65 -1.88
CA ILE G 84 -6.55 -24.35 -1.52
C ILE G 84 -7.49 -23.49 -0.63
N ALA G 85 -8.79 -23.83 -0.61
CA ALA G 85 -9.79 -23.17 0.23
C ALA G 85 -9.62 -23.59 1.73
N THR G 86 -8.98 -24.75 1.91
CA THR G 86 -8.77 -25.40 3.21
C THR G 86 -7.23 -25.64 3.43
N ILE G 87 -6.50 -24.59 3.83
CA ILE G 87 -5.05 -24.64 3.94
C ILE G 87 -4.57 -24.09 5.28
N ALA G 88 -3.46 -24.60 5.76
CA ALA G 88 -2.84 -24.19 7.04
C ALA G 88 -1.53 -24.95 7.18
N ASP G 89 -0.59 -24.49 8.00
CA ASP G 89 -0.59 -23.21 8.71
C ASP G 89 0.41 -22.17 8.14
N GLY G 90 1.51 -22.64 7.56
CA GLY G 90 2.44 -21.76 6.90
C GLY G 90 3.86 -22.21 7.10
N LEU G 91 4.79 -21.47 6.49
CA LEU G 91 6.20 -21.69 6.72
C LEU G 91 6.84 -20.36 7.10
N ALA G 92 8.11 -20.40 7.48
CA ALA G 92 8.80 -19.25 7.97
C ALA G 92 10.29 -19.49 7.73
N PHE G 93 11.02 -18.44 7.37
CA PHE G 93 12.48 -18.41 7.44
C PHE G 93 12.74 -17.68 8.72
N PHE G 94 13.66 -18.19 9.55
CA PHE G 94 13.81 -17.72 10.94
C PHE G 94 15.24 -17.74 11.54
N LEU G 95 15.43 -16.86 12.52
CA LEU G 95 16.67 -16.69 13.26
C LEU G 95 16.26 -16.75 14.67
N ALA G 96 17.04 -17.49 15.48
CA ALA G 96 16.74 -17.79 16.90
C ALA G 96 17.99 -18.32 17.60
N PRO G 97 18.01 -18.31 18.95
CA PRO G 97 19.13 -18.89 19.74
C PRO G 97 19.41 -20.32 19.35
N VAL G 98 20.64 -20.80 19.60
CA VAL G 98 21.04 -22.18 19.30
C VAL G 98 20.41 -23.24 20.25
N SER G 99 20.07 -22.86 21.48
CA SER G 99 19.39 -23.80 22.39
C SER G 99 18.08 -24.37 21.77
N SER G 100 17.35 -23.52 21.03
CA SER G 100 15.93 -23.70 20.67
C SER G 100 15.44 -25.06 20.17
N PRO G 101 14.58 -25.72 20.97
CA PRO G 101 13.70 -26.79 20.50
C PRO G 101 12.55 -26.18 19.69
N PRO G 102 12.08 -26.88 18.66
CA PRO G 102 10.85 -26.49 17.99
C PRO G 102 9.78 -26.15 19.03
N LYS G 103 8.91 -25.19 18.72
CA LYS G 103 7.85 -24.83 19.64
C LYS G 103 6.51 -25.38 19.14
N ALA G 104 5.42 -25.06 19.80
CA ALA G 104 4.07 -25.27 19.30
C ALA G 104 3.92 -25.25 17.79
N GLY G 105 3.00 -26.10 17.33
CA GLY G 105 2.70 -26.31 15.92
C GLY G 105 1.57 -25.45 15.47
N ALA G 106 0.83 -25.90 14.46
CA ALA G 106 -0.36 -25.18 13.94
C ALA G 106 -0.03 -23.73 13.57
N GLY G 107 -0.80 -22.75 14.04
CA GLY G 107 -0.53 -21.34 13.71
C GLY G 107 0.74 -20.72 14.28
N PHE G 108 1.26 -21.28 15.40
CA PHE G 108 2.52 -20.73 15.94
C PHE G 108 3.75 -21.04 15.06
N LEU G 109 3.59 -21.98 14.11
CA LEU G 109 4.59 -22.35 13.10
C LEU G 109 5.84 -23.05 13.62
N GLY G 110 5.78 -23.61 14.82
CA GLY G 110 6.97 -24.19 15.44
C GLY G 110 7.99 -23.12 15.86
N LEU G 111 7.56 -21.85 15.77
CA LEU G 111 8.38 -20.72 16.24
C LEU G 111 7.93 -20.09 17.58
N PHE G 112 6.67 -20.22 17.97
CA PHE G 112 6.19 -19.69 19.26
C PHE G 112 5.22 -20.67 19.92
N ASP G 113 4.73 -20.29 21.11
CA ASP G 113 3.99 -21.20 22.02
C ASP G 113 2.66 -20.60 22.37
N SER G 114 2.41 -19.36 21.94
CA SER G 114 1.12 -18.67 22.14
C SER G 114 1.06 -17.32 21.40
N ALA G 115 -0.02 -16.54 21.64
CA ALA G 115 -0.28 -15.22 21.03
C ALA G 115 0.55 -14.13 21.66
N VAL G 116 0.97 -14.39 22.89
CA VAL G 116 1.69 -13.48 23.74
C VAL G 116 3.07 -13.11 23.14
N PHE G 117 3.41 -11.82 23.23
CA PHE G 117 4.74 -11.36 22.88
C PHE G 117 5.72 -11.77 24.01
N ASN G 118 6.97 -12.08 23.68
CA ASN G 118 7.98 -12.36 24.73
C ASN G 118 9.42 -12.14 24.26
N SER G 119 10.17 -11.32 24.99
CA SER G 119 11.62 -11.16 24.77
C SER G 119 12.37 -12.47 24.67
N SER G 120 11.87 -13.52 25.31
CA SER G 120 12.67 -14.71 25.54
C SER G 120 12.84 -15.47 24.26
N TYR G 121 11.91 -15.24 23.34
CA TYR G 121 11.95 -15.90 22.05
C TYR G 121 13.24 -15.55 21.34
N GLN G 122 13.71 -14.33 21.49
CA GLN G 122 14.87 -13.91 20.70
C GLN G 122 14.78 -14.40 19.26
N THR G 123 13.63 -14.13 18.63
CA THR G 123 13.27 -14.72 17.36
C THR G 123 12.85 -13.66 16.36
N VAL G 124 13.55 -13.59 15.24
CA VAL G 124 13.09 -12.78 14.13
C VAL G 124 12.75 -13.76 13.04
N ALA G 125 11.63 -13.52 12.36
CA ALA G 125 11.21 -14.37 11.27
C ALA G 125 10.41 -13.57 10.25
N VAL G 126 10.52 -14.02 9.00
CA VAL G 126 9.68 -13.61 7.88
C VAL G 126 8.77 -14.79 7.68
N GLU G 127 7.46 -14.61 7.88
CA GLU G 127 6.46 -15.71 7.81
C GLU G 127 5.67 -15.64 6.51
N PHE G 128 5.23 -16.83 6.10
CA PHE G 128 4.42 -17.07 4.93
C PHE G 128 3.26 -17.87 5.51
N ASP G 129 2.28 -17.12 5.98
CA ASP G 129 1.16 -17.59 6.77
C ASP G 129 -0.07 -17.84 5.92
N THR G 130 -0.61 -19.05 6.03
CA THR G 130 -1.71 -19.45 5.15
C THR G 130 -3.09 -19.51 5.84
N TYR G 131 -3.12 -19.46 7.18
CA TYR G 131 -4.37 -19.62 7.93
C TYR G 131 -4.62 -18.43 8.85
N GLU G 132 -5.82 -17.85 8.79
CA GLU G 132 -6.12 -16.68 9.64
C GLU G 132 -6.41 -17.07 11.11
N ASN G 133 -5.47 -16.72 12.00
CA ASN G 133 -5.66 -16.82 13.44
C ASN G 133 -6.07 -15.42 13.91
N THR G 134 -7.24 -15.30 14.52
CA THR G 134 -7.72 -13.98 14.96
C THR G 134 -7.07 -13.61 16.27
N VAL G 135 -6.95 -14.62 17.12
CA VAL G 135 -6.14 -14.74 18.31
C VAL G 135 -4.76 -14.12 18.01
N PHE G 136 -4.31 -14.14 16.74
CA PHE G 136 -2.97 -13.62 16.37
C PHE G 136 -3.01 -12.34 15.54
N LEU G 137 -4.24 -11.87 15.30
CA LEU G 137 -4.48 -10.70 14.46
C LEU G 137 -3.92 -10.86 13.06
N ASP G 138 -3.95 -12.07 12.48
CA ASP G 138 -3.62 -12.22 11.07
C ASP G 138 -4.70 -11.47 10.29
N PRO G 139 -4.33 -10.83 9.17
CA PRO G 139 -5.36 -10.37 8.24
C PRO G 139 -6.16 -11.58 7.74
N PRO G 140 -7.34 -11.31 7.14
CA PRO G 140 -8.24 -12.28 6.52
C PRO G 140 -7.80 -13.14 5.37
N ASP G 141 -6.57 -12.93 4.95
CA ASP G 141 -5.94 -13.16 3.66
C ASP G 141 -4.57 -13.74 3.95
N THR G 142 -4.13 -14.61 3.07
CA THR G 142 -2.80 -15.11 3.14
C THR G 142 -1.84 -13.96 3.02
N HIS G 143 -0.80 -14.05 3.79
CA HIS G 143 0.05 -12.93 4.00
C HIS G 143 1.45 -13.35 4.32
N ILE G 144 2.36 -12.43 4.05
CA ILE G 144 3.73 -12.53 4.46
C ILE G 144 3.81 -11.55 5.61
N GLY G 145 4.55 -11.91 6.67
CA GLY G 145 4.86 -10.96 7.74
C GLY G 145 6.22 -11.02 8.40
N ILE G 146 6.58 -9.93 9.07
CA ILE G 146 7.81 -9.87 9.84
C ILE G 146 7.37 -10.11 11.27
N ASP G 147 7.99 -11.08 11.94
CA ASP G 147 7.64 -11.44 13.32
C ASP G 147 8.86 -11.29 14.20
N VAL G 148 8.73 -10.49 15.24
CA VAL G 148 9.85 -10.36 16.15
C VAL G 148 9.33 -10.67 17.54
N ASN G 149 9.71 -11.84 18.05
CA ASN G 149 9.30 -12.21 19.38
C ASN G 149 7.80 -12.38 19.60
N SER G 150 7.06 -12.45 18.50
CA SER G 150 5.62 -12.65 18.55
C SER G 150 5.14 -13.25 17.25
N ILE G 151 4.17 -14.15 17.37
CA ILE G 151 3.39 -14.59 16.22
C ILE G 151 2.52 -13.49 15.62
N LYS G 152 2.41 -12.37 16.31
CA LYS G 152 1.67 -11.20 15.84
C LYS G 152 2.60 -10.31 15.05
N SER G 153 2.59 -10.45 13.74
CA SER G 153 3.49 -9.68 12.90
C SER G 153 3.53 -8.20 13.24
N ILE G 154 4.72 -7.59 13.29
CA ILE G 154 4.83 -6.11 13.34
C ILE G 154 4.41 -5.43 12.03
N LYS G 155 4.57 -6.12 10.92
CA LYS G 155 4.00 -5.69 9.63
C LYS G 155 3.63 -6.97 8.90
N THR G 156 2.69 -6.85 7.96
CA THR G 156 2.33 -7.89 7.00
C THR G 156 1.99 -7.27 5.62
N VAL G 157 2.09 -8.06 4.54
CA VAL G 157 1.58 -7.62 3.25
C VAL G 157 0.82 -8.81 2.68
N LYS G 158 -0.06 -8.55 1.72
CA LYS G 158 -0.79 -9.60 1.02
C LYS G 158 0.18 -10.48 0.23
N TRP G 159 -0.13 -11.78 0.20
CA TRP G 159 0.57 -12.76 -0.64
C TRP G 159 -0.43 -13.70 -1.22
N ASP G 160 -0.58 -13.65 -2.53
CA ASP G 160 -1.49 -14.54 -3.24
C ASP G 160 -0.81 -15.82 -3.62
N LEU G 161 -1.29 -16.92 -3.05
CA LEU G 161 -0.64 -18.19 -3.25
C LEU G 161 -0.98 -18.79 -4.63
N ALA G 162 0.05 -19.26 -5.33
CA ALA G 162 -0.13 -20.12 -6.52
C ALA G 162 0.11 -21.59 -6.10
N ASN G 163 -1.00 -22.33 -5.90
CA ASN G 163 -1.03 -23.71 -5.43
C ASN G 163 -0.10 -24.53 -6.25
N GLY G 164 0.80 -25.27 -5.62
CA GLY G 164 1.69 -26.16 -6.37
C GLY G 164 2.78 -25.55 -7.24
N GLU G 165 2.88 -24.21 -7.31
CA GLU G 165 3.94 -23.53 -8.10
C GLU G 165 5.17 -23.16 -7.27
N ALA G 166 6.33 -23.13 -7.93
CA ALA G 166 7.56 -22.73 -7.23
C ALA G 166 7.59 -21.23 -7.04
N ALA G 167 7.64 -20.79 -5.80
CA ALA G 167 7.88 -19.39 -5.47
C ALA G 167 9.39 -19.17 -5.31
N LYS G 168 9.87 -18.02 -5.78
CA LYS G 168 11.25 -17.57 -5.49
C LYS G 168 11.26 -16.42 -4.45
N VAL G 169 12.10 -16.59 -3.44
CA VAL G 169 12.10 -15.72 -2.30
C VAL G 169 13.50 -15.14 -2.03
N LEU G 170 13.54 -13.83 -1.78
CA LEU G 170 14.74 -13.13 -1.38
C LEU G 170 14.42 -12.39 -0.11
N ILE G 171 15.30 -12.54 0.86
CA ILE G 171 15.19 -11.93 2.16
C ILE G 171 16.54 -11.34 2.45
N THR G 172 16.58 -10.06 2.83
CA THR G 172 17.86 -9.41 3.16
C THR G 172 17.74 -8.48 4.35
N TYR G 173 18.88 -8.33 5.06
CA TYR G 173 18.99 -7.39 6.15
C TYR G 173 20.20 -6.51 5.95
N ASP G 174 19.95 -5.20 5.85
CA ASP G 174 20.95 -4.16 5.75
C ASP G 174 21.13 -3.58 7.15
N SER G 175 22.19 -4.02 7.83
CA SER G 175 22.42 -3.60 9.21
C SER G 175 22.56 -2.09 9.41
N SER G 176 22.80 -1.34 8.33
CA SER G 176 23.06 0.09 8.46
C SER G 176 21.78 0.83 8.38
N ALA G 177 20.73 0.18 7.95
CA ALA G 177 19.45 0.86 7.98
C ALA G 177 18.45 0.07 8.83
N LYS G 178 18.88 -1.07 9.38
CA LYS G 178 18.03 -1.93 10.24
C LYS G 178 16.84 -2.48 9.46
N LEU G 179 17.05 -2.70 8.16
CA LEU G 179 15.94 -2.95 7.22
C LEU G 179 15.84 -4.38 6.74
N LEU G 180 14.76 -5.04 7.13
CA LEU G 180 14.47 -6.39 6.69
C LEU G 180 13.49 -6.27 5.54
N VAL G 181 13.82 -6.92 4.43
CA VAL G 181 13.00 -6.85 3.23
C VAL G 181 12.81 -8.31 2.77
N ALA G 182 11.60 -8.63 2.33
CA ALA G 182 11.20 -9.95 1.86
C ALA G 182 10.45 -9.73 0.56
N ALA G 183 10.88 -10.48 -0.47
CA ALA G 183 10.26 -10.43 -1.78
C ALA G 183 10.05 -11.87 -2.19
N LEU G 184 8.90 -12.12 -2.82
CA LEU G 184 8.54 -13.43 -3.33
C LEU G 184 8.00 -13.24 -4.74
N VAL G 185 8.48 -14.06 -5.65
CA VAL G 185 8.10 -13.92 -7.03
C VAL G 185 7.68 -15.32 -7.51
N TYR G 186 6.56 -15.39 -8.23
CA TYR G 186 6.16 -16.58 -9.00
C TYR G 186 6.55 -16.40 -10.47
N PRO G 187 7.67 -17.03 -10.89
CA PRO G 187 8.12 -16.93 -12.29
C PRO G 187 7.05 -17.38 -13.26
N SER G 188 6.26 -18.37 -12.87
CA SER G 188 5.31 -19.02 -13.73
C SER G 188 4.07 -18.17 -13.96
N SER G 189 3.82 -17.19 -13.09
CA SER G 189 2.62 -16.40 -13.19
C SER G 189 2.91 -14.89 -13.05
N LYS G 190 4.16 -14.56 -12.77
CA LYS G 190 4.67 -13.19 -12.88
C LYS G 190 4.01 -12.26 -11.83
N THR G 191 3.82 -12.79 -10.64
CA THR G 191 3.28 -12.05 -9.55
C THR G 191 4.40 -11.98 -8.53
N SER G 192 4.56 -10.83 -7.89
CA SER G 192 5.60 -10.63 -6.91
C SER G 192 5.05 -9.85 -5.74
N PHE G 193 5.63 -10.08 -4.56
CA PHE G 193 5.17 -9.45 -3.32
C PHE G 193 6.37 -8.95 -2.51
N ILE G 194 6.15 -7.92 -1.71
CA ILE G 194 7.26 -7.29 -1.03
C ILE G 194 6.82 -6.61 0.27
N LEU G 195 7.66 -6.78 1.27
CA LEU G 195 7.44 -6.30 2.60
C LEU G 195 8.78 -5.86 3.10
N SER G 196 8.80 -4.72 3.75
CA SER G 196 10.03 -4.17 4.29
C SER G 196 9.74 -3.49 5.63
N ASP G 197 10.52 -3.80 6.67
CA ASP G 197 10.45 -3.03 7.92
C ASP G 197 11.80 -2.90 8.61
N VAL G 198 11.79 -2.20 9.75
CA VAL G 198 12.97 -1.98 10.56
C VAL G 198 12.88 -2.89 11.80
N VAL G 199 13.92 -3.69 12.03
CA VAL G 199 14.06 -4.44 13.25
C VAL G 199 15.45 -4.22 13.77
N ASP G 200 15.57 -3.83 15.03
CA ASP G 200 16.88 -3.68 15.62
C ASP G 200 17.34 -5.04 16.19
N LEU G 201 18.17 -5.72 15.41
CA LEU G 201 18.58 -7.11 15.68
C LEU G 201 19.40 -7.31 16.96
N LYS G 202 20.34 -6.39 17.22
CA LYS G 202 21.13 -6.37 18.47
C LYS G 202 20.24 -6.35 19.73
N SER G 203 19.09 -5.68 19.63
CA SER G 203 18.19 -5.54 20.77
C SER G 203 17.29 -6.76 20.97
N VAL G 204 17.41 -7.72 20.08
CA VAL G 204 16.42 -8.77 19.96
C VAL G 204 16.89 -10.20 19.67
N LEU G 205 18.07 -10.33 19.08
CA LEU G 205 18.76 -11.59 18.93
C LEU G 205 19.92 -11.73 19.91
N PRO G 206 20.32 -12.97 20.26
CA PRO G 206 21.68 -13.07 20.86
C PRO G 206 22.74 -12.91 19.76
N GLU G 207 24.04 -12.89 20.11
CA GLU G 207 25.07 -12.68 19.08
C GLU G 207 25.24 -13.84 18.07
N TRP G 208 24.98 -15.07 18.52
CA TRP G 208 24.98 -16.21 17.64
C TRP G 208 23.60 -16.77 17.55
N VAL G 209 23.26 -17.24 16.36
CA VAL G 209 21.90 -17.56 16.01
C VAL G 209 21.85 -18.70 15.01
N SER G 210 20.89 -19.59 15.22
CA SER G 210 20.44 -20.54 14.19
C SER G 210 19.67 -19.82 13.11
N ILE G 211 19.89 -20.25 11.87
CA ILE G 211 19.07 -19.83 10.75
C ILE G 211 18.43 -21.07 10.12
N GLY G 212 17.18 -20.95 9.67
CA GLY G 212 16.52 -22.09 9.07
C GLY G 212 15.13 -21.81 8.62
N PHE G 213 14.44 -22.91 8.31
CA PHE G 213 13.05 -22.88 7.91
C PHE G 213 12.27 -23.58 9.00
N SER G 214 11.03 -23.14 9.17
CA SER G 214 10.10 -23.83 10.05
C SER G 214 8.72 -23.89 9.40
N ALA G 215 7.95 -24.92 9.73
CA ALA G 215 6.61 -25.04 9.18
C ALA G 215 5.74 -25.95 10.02
N ALA G 216 4.43 -25.74 9.87
CA ALA G 216 3.40 -26.56 10.49
C ALA G 216 2.24 -26.66 9.50
N THR G 217 1.65 -27.84 9.48
CA THR G 217 0.36 -28.01 8.84
C THR G 217 -0.75 -27.77 9.87
N GLY G 218 -1.99 -27.97 9.48
CA GLY G 218 -3.13 -27.61 10.29
C GLY G 218 -3.48 -28.56 11.42
N ALA G 219 -4.19 -28.04 12.39
CA ALA G 219 -4.66 -28.85 13.48
C ALA G 219 -5.92 -29.61 13.10
N SER G 220 -6.60 -29.21 12.05
CA SER G 220 -7.77 -30.00 11.58
C SER G 220 -7.39 -30.86 10.40
N SER G 221 -8.01 -32.02 10.28
CA SER G 221 -7.91 -32.71 8.98
C SER G 221 -8.65 -31.89 7.91
N GLY G 222 -8.14 -31.92 6.71
CA GLY G 222 -8.61 -31.02 5.69
C GLY G 222 -7.53 -29.99 5.57
N TYR G 223 -7.24 -29.32 6.68
CA TYR G 223 -6.32 -28.22 6.66
C TYR G 223 -4.85 -28.65 6.46
N ILE G 224 -4.55 -29.09 5.24
CA ILE G 224 -3.25 -29.70 4.93
C ILE G 224 -2.60 -29.09 3.70
N GLU G 225 -1.26 -29.12 3.69
CA GLU G 225 -0.49 -28.61 2.55
C GLU G 225 0.98 -29.03 2.70
N THR G 226 1.76 -28.95 1.63
CA THR G 226 3.19 -29.23 1.77
C THR G 226 3.89 -27.93 2.09
N HIS G 227 5.12 -28.06 2.58
CA HIS G 227 6.02 -26.96 2.68
C HIS G 227 7.35 -27.51 2.21
N ASP G 228 7.56 -27.46 0.89
CA ASP G 228 8.76 -28.02 0.26
C ASP G 228 9.83 -26.99 -0.10
N VAL G 229 11.07 -27.24 0.30
CA VAL G 229 12.19 -26.41 -0.19
C VAL G 229 13.04 -27.15 -1.22
N PHE G 230 13.32 -26.51 -2.35
CA PHE G 230 14.07 -27.17 -3.44
C PHE G 230 15.51 -26.75 -3.48
N SER G 231 15.76 -25.53 -3.04
CA SER G 231 17.10 -25.02 -2.96
C SER G 231 17.14 -23.87 -1.96
N TRP G 232 18.35 -23.49 -1.56
CA TRP G 232 18.53 -22.51 -0.53
C TRP G 232 19.94 -21.93 -0.58
N SER G 233 20.06 -20.62 -0.63
CA SER G 233 21.37 -20.03 -0.53
C SER G 233 21.36 -18.94 0.52
N PHE G 234 22.53 -18.71 1.13
CA PHE G 234 22.67 -17.74 2.21
C PHE G 234 24.08 -17.18 2.29
N ALA G 235 24.13 -15.93 2.74
CA ALA G 235 25.36 -15.14 2.79
C ALA G 235 25.16 -14.05 3.85
N SER G 236 26.09 -13.99 4.81
CA SER G 236 26.13 -12.91 5.79
C SER G 236 27.52 -12.36 5.88
N LYS G 237 27.61 -11.10 6.24
CA LYS G 237 28.86 -10.42 6.34
C LYS G 237 28.81 -9.69 7.69
N LEU G 238 29.89 -9.74 8.48
CA LEU G 238 29.95 -9.00 9.75
C LEU G 238 31.25 -8.19 9.85
N SER G 239 31.15 -6.90 9.56
CA SER G 239 32.30 -6.01 9.59
C SER G 239 32.49 -5.37 10.99
N PHE G 240 33.72 -5.42 11.52
CA PHE G 240 34.09 -4.74 12.76
C PHE G 240 34.86 -3.45 12.50
N LEU G 247 27.68 -6.84 1.61
CA LEU G 247 28.09 -8.13 1.05
C LEU G 247 28.19 -8.11 -0.46
N ASP G 248 27.34 -7.30 -1.06
CA ASP G 248 27.15 -7.21 -2.51
C ASP G 248 25.98 -8.05 -3.04
N LEU G 249 24.84 -7.42 -3.16
CA LEU G 249 23.62 -8.16 -3.51
C LEU G 249 23.63 -8.58 -4.98
N ALA G 250 23.67 -7.61 -5.90
CA ALA G 250 23.96 -7.86 -7.32
C ALA G 250 24.69 -9.20 -7.51
N SER G 251 25.96 -9.26 -7.12
CA SER G 251 26.76 -10.51 -7.28
C SER G 251 26.25 -11.74 -6.54
N PHE G 252 25.48 -11.58 -5.48
CA PHE G 252 25.02 -12.74 -4.71
C PHE G 252 23.91 -13.54 -5.45
N LEU G 253 22.80 -12.88 -5.76
CA LEU G 253 21.71 -13.46 -6.58
C LEU G 253 22.10 -14.25 -7.84
N VAL G 254 23.00 -13.72 -8.65
CA VAL G 254 23.53 -14.45 -9.84
C VAL G 254 24.36 -15.71 -9.48
N ALA G 255 25.19 -15.60 -8.43
CA ALA G 255 26.05 -16.71 -7.96
C ALA G 255 25.37 -17.61 -6.90
N ASN G 256 24.76 -16.99 -5.90
CA ASN G 256 24.07 -17.71 -4.82
C ASN G 256 22.55 -17.79 -5.03
N THR H 1 30.10 -23.33 -20.38
CA THR H 1 31.38 -22.63 -20.30
C THR H 1 31.10 -21.17 -19.93
N THR H 2 31.55 -20.72 -18.76
CA THR H 2 31.01 -19.50 -18.16
C THR H 2 31.78 -18.19 -18.04
N ASN H 3 31.26 -17.19 -18.70
CA ASN H 3 31.73 -15.84 -18.63
C ASN H 3 31.03 -14.99 -17.56
N THR H 4 31.77 -14.19 -16.84
CA THR H 4 31.17 -13.26 -15.87
C THR H 4 31.86 -11.93 -16.10
N ASP H 5 31.09 -10.84 -15.92
CA ASP H 5 31.66 -9.49 -15.82
C ASP H 5 30.99 -8.87 -14.60
N SER H 6 31.76 -8.23 -13.75
CA SER H 6 31.21 -7.66 -12.51
C SER H 6 31.80 -6.31 -12.14
N PHE H 7 31.04 -5.55 -11.34
CA PHE H 7 31.57 -4.33 -10.78
C PHE H 7 30.64 -3.68 -9.78
N THR H 8 31.27 -2.89 -8.90
CA THR H 8 30.61 -2.09 -7.90
C THR H 8 31.24 -0.69 -7.86
N PHE H 9 30.38 0.33 -8.00
CA PHE H 9 30.74 1.72 -7.76
C PHE H 9 30.12 2.16 -6.42
N SER H 10 30.95 2.55 -5.46
CA SER H 10 30.50 2.99 -4.11
C SER H 10 30.37 4.50 -4.01
N LYS H 11 31.24 5.21 -4.73
CA LYS H 11 31.11 6.64 -4.96
C LYS H 11 31.54 6.88 -6.39
N PHE H 12 31.09 7.98 -6.98
CA PHE H 12 31.59 8.28 -8.31
C PHE H 12 32.72 9.24 -8.17
N LYS H 13 33.52 9.37 -9.23
CA LYS H 13 34.63 10.32 -9.25
C LYS H 13 34.58 11.17 -10.51
N PRO H 14 35.01 12.45 -10.43
CA PRO H 14 35.08 13.28 -11.63
C PRO H 14 35.83 12.61 -12.76
N ASN H 15 36.96 11.99 -12.44
CA ASN H 15 37.66 11.14 -13.42
C ASN H 15 37.21 9.66 -13.38
N GLN H 16 36.40 9.26 -14.36
CA GLN H 16 36.11 7.85 -14.46
C GLN H 16 36.09 7.36 -15.88
N PRO H 17 37.26 6.90 -16.35
CA PRO H 17 37.32 6.47 -17.73
C PRO H 17 36.66 5.10 -17.92
N ASN H 18 36.08 4.55 -16.84
CA ASN H 18 35.33 3.30 -16.88
C ASN H 18 33.82 3.52 -16.88
N LEU H 19 33.42 4.77 -17.06
CA LEU H 19 32.04 5.18 -17.18
C LEU H 19 31.99 6.08 -18.43
N LYS H 20 30.87 6.05 -19.15
CA LYS H 20 30.69 6.94 -20.29
C LYS H 20 29.52 7.86 -19.98
N LYS H 21 29.81 9.18 -19.95
CA LYS H 21 28.82 10.22 -19.64
C LYS H 21 28.28 10.86 -20.89
N GLN H 22 26.97 11.03 -20.95
CA GLN H 22 26.32 11.63 -22.13
C GLN H 22 25.27 12.67 -21.74
N GLY H 23 25.09 13.68 -22.57
CA GLY H 23 24.18 14.76 -22.26
C GLY H 23 24.69 15.54 -21.07
N ASP H 24 23.80 15.81 -20.11
CA ASP H 24 24.12 16.72 -19.01
C ASP H 24 24.70 15.98 -17.79
N ALA H 25 25.09 14.71 -17.96
CA ALA H 25 25.54 13.90 -16.83
C ALA H 25 26.86 14.41 -16.23
N THR H 26 26.95 14.33 -14.91
CA THR H 26 28.02 14.95 -14.12
C THR H 26 28.27 14.08 -12.89
N VAL H 27 29.52 14.00 -12.46
CA VAL H 27 29.85 13.61 -11.08
C VAL H 27 30.17 14.88 -10.29
N THR H 28 29.42 15.12 -9.21
CA THR H 28 29.81 16.13 -8.22
C THR H 28 31.16 15.77 -7.63
N SER H 29 31.65 16.61 -6.72
CA SER H 29 32.97 16.40 -6.17
C SER H 29 32.85 15.48 -5.00
N SER H 30 31.69 15.49 -4.35
CA SER H 30 31.44 14.58 -3.26
C SER H 30 31.00 13.21 -3.78
N GLY H 31 31.12 13.00 -5.10
CA GLY H 31 30.88 11.69 -5.71
C GLY H 31 29.45 11.27 -6.03
N THR H 32 28.55 12.24 -6.10
CA THR H 32 27.18 12.02 -6.56
C THR H 32 27.17 12.07 -8.08
N LEU H 33 26.68 11.01 -8.73
CA LEU H 33 26.45 11.08 -10.16
C LEU H 33 25.15 11.82 -10.44
N GLN H 34 25.27 13.05 -10.95
CA GLN H 34 24.09 13.81 -11.29
C GLN H 34 23.81 13.57 -12.75
N LEU H 35 22.74 12.81 -12.98
CA LEU H 35 22.35 12.51 -14.36
C LEU H 35 21.74 13.73 -15.07
N THR H 36 20.93 14.50 -14.34
CA THR H 36 20.28 15.67 -14.93
C THR H 36 20.79 16.92 -14.23
N LYS H 37 20.73 18.08 -14.90
CA LYS H 37 21.41 19.30 -14.44
C LYS H 37 20.83 19.95 -13.16
N VAL H 38 21.76 20.36 -12.30
CA VAL H 38 21.52 20.80 -10.92
C VAL H 38 22.51 21.93 -10.68
N ASP H 39 21.98 23.10 -10.35
CA ASP H 39 22.84 24.25 -10.08
C ASP H 39 23.67 24.13 -8.80
N LYS H 40 24.57 25.10 -8.68
CA LYS H 40 25.55 25.29 -7.62
C LYS H 40 24.98 25.05 -6.23
N ASN H 41 23.79 25.60 -6.00
CA ASN H 41 23.13 25.49 -4.70
C ASN H 41 21.97 24.51 -4.70
N GLY H 42 21.98 23.55 -5.64
CA GLY H 42 21.07 22.44 -5.59
C GLY H 42 19.75 22.43 -6.35
N VAL H 43 19.27 23.53 -6.90
CA VAL H 43 17.94 23.44 -7.52
C VAL H 43 18.04 22.93 -8.97
N PRO H 44 17.23 21.90 -9.33
CA PRO H 44 17.36 21.24 -10.64
C PRO H 44 16.76 22.02 -11.81
N ASP H 45 17.31 21.76 -12.99
CA ASP H 45 17.00 22.49 -14.19
C ASP H 45 16.04 21.74 -15.13
N PRO H 46 15.03 22.44 -15.67
CA PRO H 46 14.17 21.86 -16.69
C PRO H 46 14.95 21.60 -17.96
N LYS H 47 14.38 20.75 -18.84
CA LYS H 47 14.97 20.44 -20.15
C LYS H 47 16.40 19.81 -20.07
N SER H 48 16.61 18.96 -19.08
CA SER H 48 17.90 18.27 -18.94
C SER H 48 17.89 16.83 -19.39
N LEU H 49 18.95 16.46 -20.08
CA LEU H 49 19.05 15.11 -20.53
C LEU H 49 20.38 14.52 -20.14
N GLY H 50 20.34 13.44 -19.36
CA GLY H 50 21.59 12.82 -18.88
C GLY H 50 21.63 11.31 -18.95
N ARG H 51 22.76 10.77 -19.37
CA ARG H 51 22.98 9.33 -19.45
C ARG H 51 24.33 8.87 -18.92
N ALA H 52 24.37 7.71 -18.28
CA ALA H 52 25.63 7.14 -17.73
C ALA H 52 25.77 5.62 -17.96
N LEU H 53 26.76 5.30 -18.79
CA LEU H 53 26.99 3.93 -19.28
C LEU H 53 28.33 3.37 -18.84
N TYR H 54 28.33 2.08 -18.47
CA TYR H 54 29.56 1.35 -18.27
C TYR H 54 30.33 1.33 -19.62
N ALA H 55 31.66 1.45 -19.58
CA ALA H 55 32.42 1.80 -20.80
C ALA H 55 32.76 0.63 -21.73
N SER H 56 32.29 -0.56 -21.38
CA SER H 56 32.55 -1.77 -22.14
C SER H 56 31.21 -2.49 -22.25
N PRO H 57 30.94 -3.14 -23.40
CA PRO H 57 29.63 -3.78 -23.49
C PRO H 57 29.56 -5.06 -22.66
N ILE H 58 28.35 -5.48 -22.33
CA ILE H 58 28.15 -6.73 -21.60
C ILE H 58 27.71 -7.76 -22.64
N ASN H 59 28.17 -9.01 -22.49
CA ASN H 59 27.81 -10.09 -23.42
C ASN H 59 26.57 -10.79 -22.92
N ILE H 60 25.43 -10.42 -23.51
CA ILE H 60 24.15 -10.64 -22.87
C ILE H 60 23.51 -11.95 -23.38
N TRP H 61 23.88 -12.38 -24.59
CA TRP H 61 23.48 -13.72 -25.11
C TRP H 61 24.41 -14.17 -26.22
N ASP H 62 24.43 -15.48 -26.45
CA ASP H 62 25.36 -16.05 -27.40
C ASP H 62 24.63 -16.74 -28.55
N SER H 63 24.81 -16.23 -29.78
CA SER H 63 24.14 -16.77 -30.97
C SER H 63 24.53 -18.21 -31.34
N LYS H 64 25.82 -18.55 -31.24
CA LYS H 64 26.23 -19.92 -31.60
C LYS H 64 25.66 -21.00 -30.69
N THR H 65 25.66 -20.77 -29.38
CA THR H 65 25.06 -21.74 -28.45
C THR H 65 23.58 -21.41 -28.13
N GLY H 66 23.18 -20.17 -28.43
CA GLY H 66 21.86 -19.62 -28.14
C GLY H 66 21.60 -19.40 -26.67
N VAL H 67 22.67 -19.31 -25.89
CA VAL H 67 22.53 -19.21 -24.45
C VAL H 67 22.38 -17.76 -24.04
N VAL H 68 21.65 -17.50 -22.95
CA VAL H 68 21.35 -16.14 -22.51
C VAL H 68 21.92 -15.85 -21.11
N ALA H 69 22.31 -14.61 -20.86
CA ALA H 69 22.94 -14.26 -19.59
C ALA H 69 21.90 -14.05 -18.52
N SER H 70 22.30 -14.30 -17.27
CA SER H 70 21.58 -13.78 -16.13
C SER H 70 22.33 -12.53 -15.71
N PHE H 71 21.61 -11.62 -15.06
CA PHE H 71 22.22 -10.49 -14.41
C PHE H 71 21.38 -10.01 -13.24
N ALA H 72 22.11 -9.60 -12.19
CA ALA H 72 21.58 -8.70 -11.18
C ALA H 72 22.24 -7.29 -11.27
N THR H 73 21.49 -6.26 -10.85
CA THR H 73 22.06 -4.95 -10.63
C THR H 73 21.38 -4.28 -9.45
N SER H 74 22.07 -3.38 -8.77
CA SER H 74 21.48 -2.62 -7.66
C SER H 74 22.11 -1.25 -7.61
N PHE H 75 21.38 -0.28 -7.09
CA PHE H 75 21.88 1.08 -6.98
C PHE H 75 21.02 1.89 -6.03
N ARG H 76 21.62 2.91 -5.41
CA ARG H 76 20.96 3.82 -4.45
C ARG H 76 20.75 5.13 -5.24
N PHE H 77 19.54 5.69 -5.21
CA PHE H 77 19.31 6.98 -5.86
C PHE H 77 18.38 7.94 -5.12
N THR H 78 18.65 9.22 -5.28
CA THR H 78 17.75 10.25 -4.78
C THR H 78 17.15 11.06 -5.94
N ILE H 79 15.83 11.20 -5.94
CA ILE H 79 15.21 12.32 -6.67
C ILE H 79 14.55 13.36 -5.73
N TYR H 80 14.99 14.61 -5.85
CA TYR H 80 14.42 15.69 -5.04
C TYR H 80 13.64 16.65 -5.94
N ALA H 81 12.44 17.01 -5.51
CA ALA H 81 11.61 17.97 -6.24
C ALA H 81 11.31 19.19 -5.38
N PRO H 82 11.74 20.39 -5.83
CA PRO H 82 11.47 21.68 -5.18
C PRO H 82 9.98 21.88 -4.99
N ASN H 83 9.21 21.68 -6.05
CA ASN H 83 7.77 21.66 -5.95
C ASN H 83 7.29 20.24 -6.25
N ILE H 84 6.57 19.65 -5.31
CA ILE H 84 6.30 18.22 -5.30
C ILE H 84 5.16 17.90 -6.25
N ALA H 85 4.24 18.84 -6.36
CA ALA H 85 3.10 18.74 -7.25
C ALA H 85 3.51 18.96 -8.72
N THR H 86 4.78 19.29 -8.96
CA THR H 86 5.23 19.72 -10.28
C THR H 86 6.51 18.99 -10.64
N ILE H 87 6.39 17.73 -11.05
CA ILE H 87 7.59 16.86 -11.20
C ILE H 87 7.66 16.15 -12.56
N ALA H 88 8.88 16.04 -13.11
CA ALA H 88 9.12 15.42 -14.44
C ALA H 88 10.63 15.28 -14.68
N ASP H 89 11.06 14.34 -15.53
CA ASP H 89 10.26 13.23 -16.06
C ASP H 89 10.61 11.85 -15.42
N GLY H 90 11.89 11.67 -15.10
CA GLY H 90 12.28 10.52 -14.32
C GLY H 90 13.55 9.84 -14.80
N LEU H 91 13.70 8.60 -14.40
CA LEU H 91 14.95 7.92 -14.71
C LEU H 91 14.75 6.44 -15.01
N ALA H 92 15.73 5.85 -15.69
CA ALA H 92 15.71 4.44 -16.00
C ALA H 92 17.08 3.77 -15.96
N PHE H 93 17.06 2.45 -15.76
CA PHE H 93 18.21 1.60 -16.02
C PHE H 93 17.98 0.82 -17.30
N PHE H 94 18.91 0.87 -18.24
CA PHE H 94 18.72 0.24 -19.54
C PHE H 94 19.89 -0.60 -20.13
N LEU H 95 19.50 -1.55 -20.99
CA LEU H 95 20.41 -2.30 -21.83
C LEU H 95 20.09 -1.83 -23.25
N ALA H 96 21.08 -1.38 -24.01
CA ALA H 96 20.87 -0.94 -25.40
C ALA H 96 22.13 -1.24 -26.26
N PRO H 97 22.01 -1.14 -27.60
CA PRO H 97 23.19 -1.44 -28.43
C PRO H 97 24.36 -0.49 -28.17
N VAL H 98 25.58 -1.04 -28.16
CA VAL H 98 26.82 -0.23 -28.07
C VAL H 98 26.76 0.90 -29.08
N SER H 99 27.26 2.08 -28.70
CA SER H 99 27.34 3.29 -29.55
C SER H 99 26.00 3.80 -30.14
N SER H 100 24.88 3.42 -29.52
CA SER H 100 23.59 3.93 -30.02
C SER H 100 23.41 5.34 -29.48
N PRO H 101 23.11 6.31 -30.37
CA PRO H 101 22.86 7.74 -30.02
C PRO H 101 22.03 7.96 -28.71
N PRO H 102 22.43 8.96 -27.86
CA PRO H 102 21.47 9.50 -26.85
C PRO H 102 20.19 9.96 -27.57
N LYS H 103 19.04 9.59 -27.01
CA LYS H 103 17.76 9.69 -27.71
C LYS H 103 17.00 10.93 -27.15
N ALA H 104 15.74 11.11 -27.53
CA ALA H 104 15.01 12.32 -27.19
C ALA H 104 14.83 12.49 -25.67
N GLY H 105 14.47 13.71 -25.25
CA GLY H 105 14.38 14.04 -23.82
C GLY H 105 12.98 13.98 -23.22
N ALA H 106 12.82 14.64 -22.07
CA ALA H 106 11.56 14.63 -21.32
C ALA H 106 10.96 13.25 -20.90
N GLY H 107 9.72 12.98 -21.32
CA GLY H 107 9.04 11.68 -21.17
C GLY H 107 9.65 10.48 -21.91
N PHE H 108 10.52 10.75 -22.89
CA PHE H 108 11.37 9.74 -23.55
C PHE H 108 12.51 9.24 -22.64
N LEU H 109 12.88 10.01 -21.63
CA LEU H 109 13.88 9.56 -20.65
C LEU H 109 15.25 9.27 -21.32
N GLY H 110 15.54 9.98 -22.42
CA GLY H 110 16.78 9.77 -23.14
C GLY H 110 16.97 8.34 -23.65
N LEU H 111 15.85 7.66 -23.86
CA LEU H 111 15.82 6.23 -24.24
C LEU H 111 15.14 5.96 -25.58
N PHE H 112 14.16 6.79 -25.96
CA PHE H 112 13.41 6.60 -27.18
C PHE H 112 13.17 7.95 -27.88
N ASP H 113 12.90 7.93 -29.19
CA ASP H 113 12.69 9.15 -29.94
C ASP H 113 11.22 9.53 -30.18
N SER H 114 10.32 8.58 -30.09
CA SER H 114 8.90 8.89 -30.19
C SER H 114 8.07 7.96 -29.31
N ALA H 115 6.74 8.08 -29.48
CA ALA H 115 5.77 7.38 -28.68
C ALA H 115 5.71 5.94 -29.12
N VAL H 116 6.05 5.69 -30.37
CA VAL H 116 5.73 4.41 -30.97
C VAL H 116 6.81 3.35 -30.70
N PHE H 117 6.37 2.08 -30.73
CA PHE H 117 7.21 0.90 -30.71
C PHE H 117 8.25 0.89 -31.84
N ASN H 118 9.39 0.29 -31.61
CA ASN H 118 10.29 0.05 -32.70
C ASN H 118 11.14 -1.06 -32.12
N SER H 119 11.34 -2.14 -32.88
CA SER H 119 12.34 -3.15 -32.54
C SER H 119 13.77 -2.67 -32.80
N SER H 120 13.89 -1.67 -33.67
CA SER H 120 15.19 -1.05 -33.99
C SER H 120 15.84 -0.43 -32.76
N TYR H 121 15.05 -0.12 -31.73
CA TYR H 121 15.63 0.36 -30.49
C TYR H 121 16.61 -0.65 -29.81
N GLN H 122 16.27 -1.94 -29.84
CA GLN H 122 17.00 -2.99 -29.10
C GLN H 122 17.26 -2.56 -27.66
N THR H 123 16.18 -2.15 -27.00
CA THR H 123 16.27 -1.48 -25.75
C THR H 123 15.33 -2.15 -24.76
N VAL H 124 15.92 -2.70 -23.69
CA VAL H 124 15.09 -2.98 -22.53
C VAL H 124 15.60 -2.09 -21.39
N ALA H 125 14.69 -1.76 -20.46
CA ALA H 125 14.87 -0.70 -19.47
C ALA H 125 13.83 -0.83 -18.38
N VAL H 126 14.25 -0.57 -17.15
CA VAL H 126 13.30 -0.35 -16.09
C VAL H 126 13.21 1.14 -15.84
N GLU H 127 12.01 1.68 -15.99
CA GLU H 127 11.75 3.11 -15.80
C GLU H 127 11.19 3.44 -14.44
N PHE H 128 11.54 4.64 -13.99
CA PHE H 128 11.09 5.22 -12.74
C PHE H 128 10.53 6.54 -13.19
N ASP H 129 9.21 6.54 -13.37
CA ASP H 129 8.54 7.52 -14.19
C ASP H 129 7.65 8.44 -13.35
N THR H 130 7.94 9.73 -13.44
CA THR H 130 7.41 10.68 -12.50
C THR H 130 6.37 11.62 -13.13
N TYR H 131 6.04 11.39 -14.39
CA TYR H 131 5.08 12.24 -15.09
C TYR H 131 4.20 11.43 -16.03
N GLU H 132 2.89 11.66 -15.91
CA GLU H 132 1.92 11.05 -16.80
C GLU H 132 2.04 11.67 -18.20
N ASN H 133 2.70 10.98 -19.12
CA ASN H 133 2.59 11.33 -20.54
C ASN H 133 1.44 10.54 -21.12
N THR H 134 0.36 11.21 -21.53
CA THR H 134 -0.75 10.54 -22.20
C THR H 134 -0.35 10.16 -23.64
N VAL H 135 0.53 10.99 -24.19
CA VAL H 135 1.24 10.76 -25.45
C VAL H 135 1.93 9.37 -25.43
N PHE H 136 2.31 8.92 -24.25
CA PHE H 136 2.91 7.59 -24.07
C PHE H 136 2.03 6.60 -23.31
N LEU H 137 0.76 6.95 -23.09
CA LEU H 137 -0.17 6.16 -22.26
C LEU H 137 0.35 5.62 -20.92
N ASP H 138 0.83 6.52 -20.06
CA ASP H 138 1.30 6.25 -18.67
C ASP H 138 0.11 6.03 -17.75
N PRO H 139 0.26 5.16 -16.74
CA PRO H 139 -0.80 5.12 -15.74
C PRO H 139 -0.78 6.45 -14.98
N PRO H 140 -1.88 6.80 -14.30
CA PRO H 140 -2.03 8.16 -13.76
C PRO H 140 -1.08 8.45 -12.59
N ASP H 141 -0.54 7.40 -11.98
CA ASP H 141 0.41 7.60 -10.90
C ASP H 141 1.84 7.48 -11.34
N THR H 142 2.71 8.02 -10.49
CA THR H 142 4.13 7.78 -10.66
C THR H 142 4.28 6.27 -10.57
N HIS H 143 5.27 5.75 -11.28
CA HIS H 143 5.35 4.33 -11.50
C HIS H 143 6.74 3.79 -11.79
N ILE H 144 6.85 2.49 -11.60
CA ILE H 144 8.01 1.76 -12.06
C ILE H 144 7.51 1.03 -13.29
N GLY H 145 8.25 0.99 -14.39
CA GLY H 145 7.81 0.18 -15.54
C GLY H 145 8.87 -0.63 -16.24
N ILE H 146 8.49 -1.70 -16.95
CA ILE H 146 9.40 -2.45 -17.81
C ILE H 146 9.16 -2.02 -19.28
N ASP H 147 10.17 -1.43 -19.92
CA ASP H 147 10.09 -1.01 -21.34
C ASP H 147 10.87 -1.93 -22.29
N VAL H 148 10.17 -2.48 -23.30
CA VAL H 148 10.79 -3.30 -24.34
C VAL H 148 10.66 -2.62 -25.71
N ASN H 149 11.72 -1.97 -26.18
CA ASN H 149 11.67 -1.23 -27.43
C ASN H 149 10.38 -0.42 -27.53
N SER H 150 9.84 0.13 -26.46
CA SER H 150 8.94 1.28 -26.58
C SER H 150 8.94 2.09 -25.35
N ILE H 151 8.52 3.35 -25.44
CA ILE H 151 8.35 4.15 -24.25
C ILE H 151 7.04 3.79 -23.50
N LYS H 152 6.20 2.97 -24.14
CA LYS H 152 4.94 2.54 -23.58
C LYS H 152 5.13 1.14 -23.00
N SER H 153 5.15 1.07 -21.66
CA SER H 153 5.63 -0.06 -20.89
C SER H 153 4.75 -1.29 -21.04
N ILE H 154 5.41 -2.43 -21.12
CA ILE H 154 4.69 -3.70 -21.17
C ILE H 154 3.92 -3.95 -19.87
N LYS H 155 4.45 -3.49 -18.76
CA LYS H 155 3.81 -3.67 -17.45
C LYS H 155 4.35 -2.62 -16.48
N THR H 156 3.49 -2.12 -15.59
CA THR H 156 3.88 -1.11 -14.59
C THR H 156 3.37 -1.48 -13.17
N VAL H 157 3.73 -0.63 -12.20
CA VAL H 157 3.26 -0.69 -10.82
C VAL H 157 3.43 0.70 -10.17
N LYS H 158 2.51 1.04 -9.27
CA LYS H 158 2.53 2.29 -8.51
C LYS H 158 3.87 2.43 -7.80
N TRP H 159 4.50 3.59 -7.92
CA TRP H 159 5.69 3.91 -7.14
C TRP H 159 5.48 5.24 -6.51
N ASP H 160 5.31 5.24 -5.19
CA ASP H 160 5.15 6.48 -4.41
C ASP H 160 6.49 7.12 -4.06
N LEU H 161 6.78 8.24 -4.71
CA LEU H 161 8.04 8.93 -4.51
C LEU H 161 8.11 9.43 -3.06
N ALA H 162 9.29 9.31 -2.43
CA ALA H 162 9.54 9.88 -1.10
C ALA H 162 10.48 11.06 -1.29
N ASN H 163 9.90 12.26 -1.39
CA ASN H 163 10.64 13.41 -1.87
C ASN H 163 11.95 13.56 -1.11
N GLY H 164 13.05 13.72 -1.86
CA GLY H 164 14.40 13.88 -1.30
C GLY H 164 15.01 12.69 -0.57
N GLU H 165 14.36 11.53 -0.61
CA GLU H 165 14.86 10.34 0.10
C GLU H 165 15.60 9.39 -0.80
N ALA H 166 16.65 8.74 -0.27
CA ALA H 166 17.44 7.75 -1.01
C ALA H 166 16.68 6.44 -1.16
N ALA H 167 16.63 5.93 -2.39
CA ALA H 167 15.95 4.68 -2.69
C ALA H 167 16.95 3.63 -3.04
N LYS H 168 16.73 2.42 -2.53
CA LYS H 168 17.48 1.23 -2.93
C LYS H 168 16.62 0.46 -3.92
N VAL H 169 17.28 0.08 -5.02
CA VAL H 169 16.71 -0.64 -6.15
C VAL H 169 17.53 -1.88 -6.33
N LEU H 170 16.87 -2.97 -6.67
CA LEU H 170 17.55 -4.16 -7.12
C LEU H 170 16.78 -4.65 -8.34
N ILE H 171 17.50 -4.85 -9.43
CA ILE H 171 16.96 -5.40 -10.67
C ILE H 171 17.69 -6.70 -11.01
N THR H 172 16.94 -7.77 -11.12
CA THR H 172 17.48 -9.06 -11.54
C THR H 172 16.74 -9.52 -12.78
N TYR H 173 17.44 -10.34 -13.56
CA TYR H 173 16.92 -11.04 -14.72
C TYR H 173 17.47 -12.43 -14.64
N ASP H 174 16.58 -13.41 -14.41
CA ASP H 174 16.94 -14.83 -14.46
C ASP H 174 16.69 -15.37 -15.87
N SER H 175 17.79 -15.73 -16.54
CA SER H 175 17.72 -16.20 -17.90
C SER H 175 16.81 -17.40 -18.09
N SER H 176 16.88 -18.36 -17.19
CA SER H 176 16.14 -19.60 -17.34
C SER H 176 14.65 -19.44 -17.14
N ALA H 177 14.22 -18.38 -16.48
CA ALA H 177 12.80 -18.11 -16.45
C ALA H 177 12.42 -16.92 -17.38
N LYS H 178 13.42 -16.35 -18.05
CA LYS H 178 13.26 -15.15 -18.90
C LYS H 178 12.54 -14.04 -18.14
N LEU H 179 12.81 -13.96 -16.84
CA LEU H 179 11.99 -13.17 -15.92
C LEU H 179 12.76 -12.03 -15.29
N LEU H 180 12.28 -10.83 -15.56
CA LEU H 180 12.94 -9.59 -15.15
C LEU H 180 12.14 -9.02 -14.03
N VAL H 181 12.83 -8.76 -12.92
CA VAL H 181 12.16 -8.28 -11.70
C VAL H 181 12.84 -7.00 -11.23
N ALA H 182 12.02 -6.05 -10.75
CA ALA H 182 12.46 -4.79 -10.21
C ALA H 182 11.73 -4.48 -8.91
N ALA H 183 12.54 -4.08 -7.93
CA ALA H 183 12.13 -3.81 -6.59
C ALA H 183 12.81 -2.53 -6.10
N LEU H 184 11.99 -1.68 -5.48
CA LEU H 184 12.41 -0.39 -4.92
C LEU H 184 11.95 -0.34 -3.47
N VAL H 185 12.89 -0.02 -2.60
CA VAL H 185 12.65 0.14 -1.21
C VAL H 185 13.14 1.55 -0.75
N TYR H 186 12.39 2.21 0.11
CA TYR H 186 12.86 3.42 0.80
C TYR H 186 13.18 3.03 2.24
N PRO H 187 14.50 2.87 2.58
CA PRO H 187 14.90 2.49 3.95
C PRO H 187 14.28 3.45 4.97
N SER H 188 14.28 4.76 4.68
CA SER H 188 13.65 5.77 5.54
C SER H 188 12.10 5.64 5.69
N SER H 189 11.33 5.66 4.60
CA SER H 189 9.86 5.51 4.69
C SER H 189 9.38 4.12 5.18
N LYS H 190 10.21 3.09 5.02
CA LYS H 190 9.89 1.64 5.30
C LYS H 190 8.90 1.07 4.26
N THR H 191 9.06 1.56 3.05
CA THR H 191 8.08 1.48 2.02
C THR H 191 8.73 0.64 0.88
N SER H 192 7.94 -0.09 0.10
CA SER H 192 8.47 -0.98 -0.94
C SER H 192 7.56 -1.28 -2.14
N PHE H 193 8.18 -1.63 -3.25
CA PHE H 193 7.47 -1.75 -4.52
C PHE H 193 8.14 -2.87 -5.31
N ILE H 194 7.38 -3.51 -6.19
CA ILE H 194 7.90 -4.66 -6.92
C ILE H 194 7.12 -4.88 -8.20
N LEU H 195 7.88 -5.10 -9.27
CA LEU H 195 7.35 -5.31 -10.59
C LEU H 195 8.11 -6.45 -11.24
N SER H 196 7.40 -7.38 -11.85
CA SER H 196 8.00 -8.52 -12.51
C SER H 196 7.25 -8.83 -13.79
N ASP H 197 8.03 -9.17 -14.84
CA ASP H 197 7.48 -9.60 -16.12
C ASP H 197 8.46 -10.52 -16.88
N VAL H 198 7.99 -11.24 -17.89
CA VAL H 198 8.86 -12.06 -18.73
C VAL H 198 9.35 -11.29 -19.98
N VAL H 199 10.66 -11.16 -20.17
CA VAL H 199 11.18 -10.59 -21.40
C VAL H 199 12.11 -11.61 -22.05
N ASP H 200 11.98 -11.82 -23.36
CA ASP H 200 13.01 -12.56 -24.09
C ASP H 200 14.12 -11.66 -24.71
N LEU H 201 15.17 -11.49 -23.91
CA LEU H 201 16.32 -10.71 -24.21
C LEU H 201 17.00 -11.10 -25.54
N LYS H 202 16.99 -12.40 -25.84
CA LYS H 202 17.58 -12.94 -27.05
C LYS H 202 16.77 -12.55 -28.31
N SER H 203 15.46 -12.36 -28.14
CA SER H 203 14.59 -11.82 -29.17
C SER H 203 14.90 -10.34 -29.53
N VAL H 204 15.36 -9.56 -28.55
CA VAL H 204 15.25 -8.09 -28.58
C VAL H 204 16.58 -7.27 -28.59
N LEU H 205 17.59 -7.72 -27.86
CA LEU H 205 18.90 -7.08 -27.82
C LEU H 205 19.87 -7.73 -28.79
N PRO H 206 20.89 -6.99 -29.29
CA PRO H 206 22.01 -7.69 -29.98
C PRO H 206 22.82 -8.48 -28.95
N GLU H 207 23.90 -9.13 -29.35
CA GLU H 207 24.58 -10.06 -28.43
C GLU H 207 25.41 -9.33 -27.37
N TRP H 208 25.69 -8.06 -27.69
CA TRP H 208 26.48 -7.13 -26.86
C TRP H 208 25.73 -5.83 -26.66
N VAL H 209 25.35 -5.55 -25.42
CA VAL H 209 24.74 -4.27 -25.07
C VAL H 209 25.62 -3.37 -24.22
N SER H 210 25.28 -2.07 -24.29
CA SER H 210 25.66 -1.10 -23.26
C SER H 210 24.64 -1.24 -22.16
N ILE H 211 25.10 -1.09 -20.93
CA ILE H 211 24.19 -1.02 -19.79
C ILE H 211 24.39 0.28 -19.04
N GLY H 212 23.33 0.82 -18.46
CA GLY H 212 23.50 1.97 -17.57
C GLY H 212 22.24 2.72 -17.20
N PHE H 213 22.39 4.01 -16.94
CA PHE H 213 21.30 4.84 -16.45
C PHE H 213 20.90 5.97 -17.40
N SER H 214 19.60 6.21 -17.51
CA SER H 214 19.19 7.44 -18.18
C SER H 214 18.17 8.20 -17.35
N ALA H 215 18.09 9.51 -17.58
CA ALA H 215 17.16 10.40 -16.83
C ALA H 215 16.94 11.74 -17.51
N ALA H 216 15.77 12.33 -17.30
CA ALA H 216 15.46 13.60 -17.92
C ALA H 216 14.69 14.48 -16.94
N THR H 217 14.66 15.78 -17.16
CA THR H 217 13.78 16.63 -16.36
C THR H 217 12.70 17.19 -17.28
N GLY H 218 11.77 17.98 -16.74
CA GLY H 218 10.57 18.42 -17.47
C GLY H 218 10.82 19.15 -18.78
N ALA H 219 9.83 19.18 -19.66
CA ALA H 219 9.95 19.98 -20.89
C ALA H 219 9.62 21.44 -20.66
N SER H 220 8.90 21.70 -19.56
CA SER H 220 8.46 23.06 -19.24
C SER H 220 9.05 23.60 -17.92
N SER H 221 9.09 24.95 -17.83
CA SER H 221 9.48 25.70 -16.62
C SER H 221 8.80 25.09 -15.38
N GLY H 222 9.57 24.56 -14.43
CA GLY H 222 9.01 24.20 -13.10
C GLY H 222 8.75 22.73 -12.76
N TYR H 223 8.53 21.92 -13.80
CA TYR H 223 8.44 20.46 -13.70
C TYR H 223 9.81 19.82 -13.58
N ILE H 224 10.47 20.11 -12.47
CA ILE H 224 11.88 19.81 -12.27
C ILE H 224 12.10 18.89 -11.07
N GLU H 225 13.20 18.15 -11.11
CA GLU H 225 13.57 17.20 -10.02
C GLU H 225 15.02 16.77 -10.25
N THR H 226 15.70 16.31 -9.20
CA THR H 226 17.04 15.78 -9.42
C THR H 226 16.92 14.32 -9.83
N HIS H 227 18.03 13.75 -10.33
CA HIS H 227 18.17 12.32 -10.57
C HIS H 227 19.60 12.00 -10.32
N ASP H 228 19.90 11.68 -9.07
CA ASP H 228 21.25 11.51 -8.55
C ASP H 228 21.45 10.06 -8.15
N VAL H 229 22.61 9.52 -8.50
CA VAL H 229 22.95 8.13 -8.18
C VAL H 229 24.13 8.12 -7.21
N PHE H 230 24.04 7.36 -6.13
CA PHE H 230 25.10 7.38 -5.09
C PHE H 230 26.12 6.29 -5.18
N SER H 231 25.62 5.11 -5.51
CA SER H 231 26.42 3.90 -5.72
C SER H 231 25.68 3.10 -6.75
N TRP H 232 26.33 2.05 -7.26
CA TRP H 232 25.79 1.19 -8.33
C TRP H 232 26.59 -0.05 -8.54
N SER H 233 25.93 -1.19 -8.36
CA SER H 233 26.60 -2.48 -8.56
C SER H 233 25.94 -3.33 -9.64
N PHE H 234 26.76 -4.12 -10.34
CA PHE H 234 26.26 -4.98 -11.41
C PHE H 234 27.11 -6.26 -11.61
N ALA H 235 26.41 -7.38 -11.83
CA ALA H 235 27.00 -8.70 -12.09
C ALA H 235 26.19 -9.41 -13.16
N SER H 236 26.86 -9.99 -14.15
CA SER H 236 26.25 -10.82 -15.18
C SER H 236 27.02 -12.14 -15.33
N LYS H 237 26.29 -13.20 -15.67
CA LYS H 237 26.94 -14.46 -15.97
C LYS H 237 26.26 -15.13 -17.14
N LEU H 238 27.06 -15.73 -18.01
CA LEU H 238 26.53 -16.29 -19.22
C LEU H 238 27.20 -17.63 -19.49
N SER H 239 26.55 -18.73 -19.10
CA SER H 239 27.07 -20.09 -19.34
C SER H 239 26.68 -20.64 -20.71
N PHE H 240 27.65 -20.95 -21.53
CA PHE H 240 27.42 -21.43 -22.87
C PHE H 240 26.85 -22.83 -23.01
N ALA H 241 26.84 -23.62 -21.97
CA ALA H 241 26.24 -24.91 -22.13
C ALA H 241 25.48 -25.37 -20.90
N ALA H 242 24.74 -24.46 -20.29
CA ALA H 242 24.02 -24.72 -19.05
C ALA H 242 22.99 -23.65 -18.83
C1 NAG I . -6.24 9.49 -26.78
C2 NAG I . -5.10 8.60 -27.28
C3 NAG I . -4.08 9.40 -28.08
C4 NAG I . -4.79 10.15 -29.19
C5 NAG I . -5.81 11.02 -28.46
C6 NAG I . -6.52 12.00 -29.35
C7 NAG I . -4.40 6.58 -26.09
C8 NAG I . -3.57 6.04 -24.96
N2 NAG I . -4.37 7.92 -26.22
O3 NAG I . -3.02 8.57 -28.54
O4 NAG I . -3.91 10.97 -29.89
O5 NAG I . -6.81 10.17 -27.87
O6 NAG I . -7.37 11.19 -30.08
O7 NAG I . -5.07 5.81 -26.77
C1 NAG I . -3.82 10.69 -31.31
C2 NAG I . -3.14 11.88 -32.01
C3 NAG I . -2.88 11.65 -33.48
C4 NAG I . -2.20 10.30 -33.72
C5 NAG I . -2.79 9.13 -32.92
C6 NAG I . -1.65 8.16 -32.69
C7 NAG I . -3.67 14.12 -31.17
C8 NAG I . -4.69 15.22 -31.07
N2 NAG I . -4.00 13.04 -31.87
O3 NAG I . -1.95 12.63 -33.86
O4 NAG I . -2.10 10.01 -35.12
O5 NAG I . -3.15 9.48 -31.59
O6 NAG I . -2.02 6.86 -33.06
O7 NAG I . -2.60 14.23 -30.59
C1 BMA I . -1.44 11.13 -35.78
C2 BMA I . -0.08 10.71 -36.32
C3 BMA I . 0.66 11.88 -37.02
C4 BMA I . -0.24 12.84 -37.83
C5 BMA I . -1.57 13.18 -37.15
C6 BMA I . -2.35 14.09 -38.14
O2 BMA I . -0.22 9.54 -37.15
O3 BMA I . 1.66 11.33 -37.89
O4 BMA I . 0.46 14.06 -38.17
O5 BMA I . -2.24 11.95 -36.70
O6 BMA I . -3.69 14.48 -37.76
C1 FUC I . -1.86 8.68 -27.65
C2 FUC I . -0.71 7.75 -28.05
C3 FUC I . -0.30 8.09 -29.46
C4 FUC I . 0.15 9.54 -29.53
C5 FUC I . -0.92 10.43 -28.92
C6 FUC I . -0.48 11.89 -28.96
O2 FUC I . -1.04 6.38 -28.00
O3 FUC I . 0.71 7.22 -29.94
O4 FUC I . 1.35 9.71 -28.82
O5 FUC I . -1.34 9.99 -27.60
C1 NAG J . -48.60 -22.32 14.82
C2 NAG J . -48.59 -23.79 15.17
C3 NAG J . -49.77 -24.05 16.10
C4 NAG J . -49.73 -23.16 17.35
C5 NAG J . -49.53 -21.69 17.00
C6 NAG J . -48.84 -21.02 18.21
C7 NAG J . -47.87 -25.43 13.45
C8 NAG J . -48.21 -26.15 12.18
N2 NAG J . -48.76 -24.56 13.95
O3 NAG J . -49.80 -25.38 16.57
O4 NAG J . -50.98 -23.35 17.99
O5 NAG J . -48.67 -21.45 15.90
O6 NAG J . -49.48 -19.78 18.41
O7 NAG J . -46.81 -25.69 14.01
C1 NAG J . -50.79 -23.54 19.40
C2 NAG J . -52.16 -23.54 20.03
C3 NAG J . -52.06 -23.64 21.53
C4 NAG J . -51.25 -24.85 21.84
C5 NAG J . -49.88 -24.71 21.18
C6 NAG J . -48.90 -25.83 21.51
C7 NAG J . -53.68 -22.01 19.02
C8 NAG J . -54.02 -20.56 18.95
N2 NAG J . -52.66 -22.23 19.82
O3 NAG J . -53.31 -23.76 22.17
O4 NAG J . -51.22 -24.75 23.23
O5 NAG J . -50.06 -24.67 19.78
O6 NAG J . -49.42 -27.03 20.99
O7 NAG J . -54.29 -22.89 18.39
C1 BMA J . -52.17 -25.68 23.77
C2 BMA J . -51.27 -26.44 24.70
C3 BMA J . -52.10 -27.40 25.63
C4 BMA J . -53.24 -26.70 26.38
C5 BMA J . -54.08 -25.99 25.28
C6 BMA J . -55.25 -25.15 25.82
O2 BMA J . -50.59 -25.49 25.50
O3 BMA J . -51.67 -28.29 26.49
O4 BMA J . -53.44 -27.45 27.47
O5 BMA J . -53.28 -25.07 24.47
O6 BMA J . -55.81 -24.26 24.81
C1 MAN J . -52.02 -29.45 26.64
C2 MAN J . -51.98 -29.58 27.99
C3 MAN J . -50.76 -29.62 28.64
C4 MAN J . -49.63 -30.46 27.87
C5 MAN J . -49.97 -30.24 26.54
C6 MAN J . -49.01 -30.85 25.58
O2 MAN J . -52.68 -30.97 28.42
O3 MAN J . -50.90 -30.47 29.63
O4 MAN J . -48.31 -30.22 28.34
O5 MAN J . -51.06 -30.29 26.08
O6 MAN J . -49.81 -31.87 24.99
C1 FUC J . -50.70 -26.21 15.82
C2 FUC J . -50.19 -27.63 15.93
C3 FUC J . -50.38 -28.16 17.35
C4 FUC J . -51.76 -27.89 17.96
C5 FUC J . -52.30 -26.50 17.63
C6 FUC J . -53.81 -26.45 17.91
O2 FUC J . -48.82 -27.60 15.58
O3 FUC J . -50.12 -29.54 17.39
O4 FUC J . -52.72 -28.85 17.53
O5 FUC J . -52.03 -26.15 16.27
C1 NAG K . -29.84 18.19 45.04
C2 NAG K . -30.26 18.43 46.49
C3 NAG K . -29.63 17.38 47.39
C4 NAG K . -29.94 15.99 46.82
C5 NAG K . -29.39 15.91 45.39
C6 NAG K . -29.65 14.52 44.82
C7 NAG K . -30.53 20.68 47.56
C8 NAG K . -29.78 21.87 48.07
N2 NAG K . -29.77 19.71 47.01
O3 NAG K . -30.07 17.55 48.72
O4 NAG K . -29.39 14.96 47.63
O5 NAG K . -30.03 16.88 44.56
O6 NAG K . -31.05 14.29 44.93
O7 NAG K . -31.74 20.66 47.65
C1 NAG K . -30.36 13.98 48.06
C2 NAG K . -29.48 12.78 48.35
C3 NAG K . -30.25 11.69 49.09
C4 NAG K . -31.13 12.24 50.19
C5 NAG K . -31.97 13.43 49.73
C6 NAG K . -32.69 14.00 50.93
C7 NAG K . -27.78 11.99 46.72
C8 NAG K . -27.59 11.46 45.33
N2 NAG K . -29.05 12.26 47.07
O3 NAG K . -29.32 10.81 49.67
O4 NAG K . -32.01 11.18 50.44
O5 NAG K . -31.16 14.42 49.14
O6 NAG K . -33.55 15.01 50.48
O7 NAG K . -26.80 12.13 47.46
C1 BMA K . -32.14 10.76 51.80
C2 BMA K . -33.54 10.15 51.89
C3 BMA K . -33.79 9.70 53.33
C4 BMA K . -32.71 8.70 53.76
C5 BMA K . -31.31 9.33 53.56
C6 BMA K . -30.12 8.42 53.94
O2 BMA K . -33.68 9.09 50.91
O3 BMA K . -35.14 9.25 53.54
O4 BMA K . -32.96 8.33 55.12
O5 BMA K . -31.15 9.82 52.19
O6 BMA K . -30.29 7.05 53.57
C1 FUC K . -28.98 17.81 49.64
C2 FUC K . -29.77 18.15 50.89
C3 FUC K . -30.27 17.26 51.75
C4 FUC K . -29.29 16.19 52.17
C5 FUC K . -28.47 15.80 50.91
C6 FUC K . -27.16 15.06 51.46
O2 FUC K . -30.47 19.42 50.66
O3 FUC K . -30.92 17.83 52.82
O4 FUC K . -28.35 16.90 53.06
O5 FUC K . -28.02 16.78 49.95
C1 NAG L . 62.72 7.79 -20.84
C2 NAG L . 63.82 8.06 -21.88
C3 NAG L . 63.75 9.47 -22.41
C4 NAG L . 62.38 9.68 -23.04
C5 NAG L . 61.27 9.32 -21.97
C6 NAG L . 59.88 9.10 -22.68
C7 NAG L . 65.89 6.87 -21.61
C8 NAG L . 67.20 6.71 -20.86
N2 NAG L . 65.11 7.85 -21.23
O3 NAG L . 64.78 9.70 -23.36
O4 NAG L . 62.32 11.07 -23.35
O5 NAG L . 61.47 8.03 -21.38
O6 NAG L . 59.49 10.40 -23.06
O7 NAG L . 65.58 6.11 -22.53
C1 NAG L . 62.13 11.45 -24.75
C2 NAG L . 61.77 12.94 -24.82
C3 NAG L . 61.36 13.35 -26.23
C4 NAG L . 62.45 12.90 -27.18
C5 NAG L . 62.72 11.41 -26.95
C6 NAG L . 63.70 10.84 -27.96
C7 NAG L . 60.61 13.78 -22.81
C8 NAG L . 61.63 14.86 -22.60
N2 NAG L . 60.72 12.99 -23.86
O3 NAG L . 61.28 14.75 -26.38
O4 NAG L . 62.05 13.13 -28.52
O5 NAG L . 63.21 11.23 -25.64
O6 NAG L . 64.95 11.41 -27.69
O7 NAG L . 59.64 13.66 -22.04
C1 BMA L . 62.51 14.40 -29.02
C2 BMA L . 62.75 14.24 -30.53
C3 BMA L . 63.33 15.58 -31.03
C4 BMA L . 62.37 16.74 -30.74
C5 BMA L . 61.92 16.76 -29.26
C6 BMA L . 60.77 17.77 -29.01
O2 BMA L . 61.51 13.86 -31.17
O3 BMA L . 63.80 15.50 -32.39
O4 BMA L . 63.00 18.00 -31.04
O5 BMA L . 61.58 15.44 -28.76
O6 BMA L . 60.95 18.53 -27.79
C1 FUC L . 65.95 10.45 -22.93
C2 FUC L . 67.18 10.02 -23.74
C3 FUC L . 67.11 10.65 -25.14
C4 FUC L . 67.01 12.15 -25.02
C5 FUC L . 65.76 12.49 -24.25
C6 FUC L . 65.56 13.99 -24.10
O2 FUC L . 67.19 8.60 -23.80
O3 FUC L . 68.26 10.37 -25.88
O4 FUC L . 68.14 12.63 -24.34
O5 FUC L . 65.84 11.87 -22.98
C1 NAG M . 8.26 -14.90 28.89
C2 NAG M . 7.12 -14.83 29.90
C3 NAG M . 7.56 -15.45 31.25
C4 NAG M . 8.23 -16.81 31.05
C5 NAG M . 9.34 -16.69 30.00
C6 NAG M . 10.03 -18.02 29.71
C7 NAG M . 6.10 -12.62 29.32
C8 NAG M . 6.03 -11.19 29.78
N2 NAG M . 6.83 -13.43 30.09
O3 NAG M . 6.53 -15.58 32.20
O4 NAG M . 8.80 -17.20 32.28
O5 NAG M . 8.78 -16.20 28.79
O6 NAG M . 9.13 -18.93 29.09
O7 NAG M . 5.52 -12.97 28.29
C1 NAG M . 8.08 -18.28 32.91
C2 NAG M . 9.07 -19.04 33.80
C3 NAG M . 8.35 -20.03 34.73
C4 NAG M . 7.21 -19.39 35.41
C5 NAG M . 6.26 -18.68 34.51
C6 NAG M . 5.14 -17.92 35.22
C7 NAG M . 11.34 -19.38 32.85
C8 NAG M . 12.17 -20.32 32.01
N2 NAG M . 10.07 -19.76 33.02
O3 NAG M . 9.26 -20.63 35.61
O4 NAG M . 6.70 -20.11 36.50
O5 NAG M . 6.92 -17.79 33.60
O6 NAG M . 4.35 -17.26 34.25
O7 NAG M . 11.83 -18.35 33.31
C1 NAG N . 11.84 2.40 -36.42
C2 NAG N . 11.19 3.42 -37.35
C3 NAG N . 11.99 3.77 -38.53
C4 NAG N . 13.35 4.17 -38.28
C5 NAG N . 14.09 3.21 -37.34
C6 NAG N . 15.20 3.96 -36.62
C7 NAG N . 8.69 3.58 -37.46
C8 NAG N . 7.48 2.83 -37.94
N2 NAG N . 9.84 2.95 -37.68
O3 NAG N . 11.27 4.56 -39.43
O4 NAG N . 14.12 4.42 -39.45
O5 NAG N . 13.26 2.79 -36.23
O6 NAG N . 16.09 4.45 -37.57
O7 NAG N . 8.54 4.70 -36.94
C1 FUC N . 11.55 4.40 -40.84
C2 FUC N . 10.25 4.69 -41.56
C3 FUC N . 10.06 6.30 -41.51
C4 FUC N . 11.26 7.07 -41.86
C5 FUC N . 12.44 6.70 -41.30
C6 FUC N . 13.72 7.40 -41.12
O2 FUC N . 9.24 4.10 -40.79
O3 FUC N . 9.04 6.45 -42.69
O4 FUC N . 11.65 7.04 -43.22
O5 FUC N . 12.62 5.23 -41.30
CA CA O . -22.37 -2.92 -26.98
MN MN P . -20.71 -3.58 -23.26
N ABU Q . -21.87 21.12 -6.79
CD ABU Q . -20.59 20.44 -6.61
CB ABU Q . -20.23 19.94 -5.22
CG ABU Q . -20.19 18.41 -5.10
C ABU Q . -19.67 17.90 -3.75
O ABU Q . -20.25 16.91 -3.18
OXT ABU Q . -18.68 18.50 -3.25
C1 GOL R . -32.82 -1.92 -3.54
O1 GOL R . -31.61 -2.59 -3.15
C2 GOL R . -32.48 -0.93 -4.65
O2 GOL R . -31.53 -1.55 -5.51
C3 GOL R . -33.70 -0.60 -5.47
O3 GOL R . -33.25 -0.72 -6.84
C1 GOL S . -24.92 -3.05 -0.98
O1 GOL S . -24.38 -3.16 0.35
C2 GOL S . -24.77 -1.60 -1.37
O2 GOL S . -23.37 -1.41 -1.38
C3 GOL S . -25.35 -1.44 -2.76
O3 GOL S . -25.36 -0.03 -3.04
CA CA T . -29.81 -23.40 7.30
MN MN U . -31.80 -21.05 4.58
N ABU V . -40.59 4.21 15.47
CD ABU V . -41.76 4.59 14.67
CB ABU V . -41.73 4.09 13.23
CG ABU V . -41.89 5.21 12.19
C ABU V . -42.00 4.74 10.73
O ABU V . -41.94 3.51 10.45
OXT ABU V . -42.11 5.60 9.81
C1 XYP W . -48.90 -26.24 25.72
C2 XYP W . -48.42 -24.91 26.17
C3 XYP W . -47.00 -24.43 26.45
C4 XYP W . -46.31 -25.41 27.45
C5 XYP W . -46.84 -26.89 27.27
O2 XYP W . -49.13 -23.84 25.50
O3 XYP W . -47.15 -23.17 27.05
O4 XYP W . -45.04 -25.53 26.78
O5 XYP W . -48.18 -27.07 26.80
CA CA X . -43.66 30.75 35.70
MN MN Y . -39.89 31.24 33.78
C1 GOL Z . -40.21 28.77 13.38
O1 GOL Z . -40.30 27.89 14.53
C2 GOL Z . -38.78 28.64 12.88
O2 GOL Z . -38.69 27.32 12.35
C3 GOL Z . -38.50 29.62 11.76
O3 GOL Z . -37.10 29.54 11.52
N ABU AA . -30.80 6.51 20.15
CD ABU AA . -30.18 7.78 20.54
CB ABU AA . -28.81 7.99 19.87
CG ABU AA . -28.27 9.39 20.10
C ABU AA . -27.49 9.88 18.90
O ABU AA . -28.03 9.73 17.78
OXT ABU AA . -26.36 10.40 19.07
CA CA BA . -30.62 51.20 3.46
MN MN CA . -33.97 48.54 4.37
C1 GOL DA . -30.50 31.10 13.95
O1 GOL DA . -29.60 31.40 12.86
C2 GOL DA . -30.92 29.67 13.78
O2 GOL DA . -29.85 29.03 13.07
C3 GOL DA . -31.18 29.02 15.12
O3 GOL DA . -32.30 28.11 15.08
N ABU EA . -33.71 19.08 -9.07
CD ABU EA . -35.11 18.74 -8.93
CB ABU EA . -35.98 19.95 -9.30
CG ABU EA . -36.65 19.69 -10.65
C ABU EA . -37.93 20.48 -10.81
O ABU EA . -38.76 20.63 -9.87
OXT ABU EA . -38.11 20.95 -11.95
C1 NAG FA . -41.67 48.63 -14.28
C2 NAG FA . -42.05 49.97 -14.72
C3 NAG FA . -42.38 50.18 -16.10
C4 NAG FA . -41.27 49.63 -17.00
C5 NAG FA . -40.82 48.23 -16.54
C6 NAG FA . -39.52 47.79 -17.22
C7 NAG FA . -43.88 50.67 -13.24
C8 NAG FA . -44.29 51.59 -12.12
N2 NAG FA . -42.62 50.83 -13.63
O3 NAG FA . -42.74 51.51 -16.45
O4 NAG FA . -41.71 49.55 -18.33
O5 NAG FA . -40.65 48.11 -15.12
O6 NAG FA . -38.66 47.17 -16.30
O7 NAG FA . -44.68 49.87 -13.76
CA CA GA . 64.43 -12.61 -22.54
MN MN HA . 63.71 -11.89 -18.46
C1 GOL IA . 50.08 -16.94 -4.10
O1 GOL IA . 49.11 -16.59 -5.12
C2 GOL IA . 49.71 -16.17 -2.85
O2 GOL IA . 50.58 -15.07 -2.62
C3 GOL IA . 49.80 -17.01 -1.61
O3 GOL IA . 48.90 -16.29 -0.77
N ABU JA . 37.65 -0.43 -13.68
CD ABU JA . 37.54 0.05 -12.28
CB ABU JA . 38.63 -0.41 -11.28
CG ABU JA . 38.12 -0.41 -9.82
C ABU JA . 39.15 -0.88 -8.77
O ABU JA . 39.15 -2.09 -8.40
OXT ABU JA . 39.97 -0.09 -8.25
C1 GOL KA . 48.37 -21.35 -9.54
O1 GOL KA . 47.63 -21.30 -10.78
C2 GOL KA . 47.79 -22.45 -8.68
O2 GOL KA . 46.63 -22.87 -9.40
C3 GOL KA . 47.38 -21.90 -7.33
O3 GOL KA . 48.42 -21.99 -6.34
N ABU LA . 32.49 -10.50 -21.76
CD ABU LA . 32.24 -11.86 -22.23
CB ABU LA . 33.14 -12.14 -23.41
CG ABU LA . 32.69 -13.38 -24.16
C ABU LA . 33.85 -14.33 -24.44
O ABU LA . 35.03 -13.87 -24.50
OXT ABU LA . 33.62 -15.54 -24.61
CA CA MA . 58.14 -34.32 10.85
MN MN NA . 57.06 -34.40 7.13
N ABU OA . 28.53 -28.09 3.77
CD ABU OA . 29.46 -28.77 2.89
CB ABU OA . 29.03 -29.10 1.44
CG ABU OA . 30.17 -28.62 0.54
C ABU OA . 29.82 -28.63 -0.93
O ABU OA . 30.73 -28.67 -1.78
OXT ABU OA . 28.62 -28.60 -1.23
CA CA PA . -1.93 -17.53 10.86
MN MN QA . 0.49 -14.18 10.39
C1 GOL RA . 12.75 -12.26 -5.21
O1 GOL RA . 12.36 -13.54 -5.70
C2 GOL RA . 13.78 -11.66 -6.16
O2 GOL RA . 13.72 -12.43 -7.37
C3 GOL RA . 13.48 -10.19 -6.43
O3 GOL RA . 14.47 -9.66 -7.32
N ABU SA . 29.29 -18.47 10.70
CD ABU SA . 28.98 -17.27 11.48
CB ABU SA . 29.49 -15.94 10.90
CG ABU SA . 28.54 -15.36 9.85
C ABU SA . 28.40 -13.86 9.98
O ABU SA . 29.41 -13.12 9.93
OXT ABU SA . 27.24 -13.41 10.13
CA CA TA . 6.18 9.55 -18.31
MN MN UA . 5.63 5.24 -17.95
C1 GOL VA . 14.85 -5.55 -2.34
O1 GOL VA . 14.80 -6.97 -2.12
C2 GOL VA . 16.10 -5.01 -1.65
O2 GOL VA . 17.19 -4.89 -2.56
C3 GOL VA . 15.83 -3.66 -1.04
O3 GOL VA . 16.88 -3.41 -0.07
#